data_7YUL
# 
_entry.id   7YUL 
# 
_audit_conform.dict_name       mmcif_pdbx.dic 
_audit_conform.dict_version    5.380 
_audit_conform.dict_location   http://mmcif.pdb.org/dictionaries/ascii/mmcif_pdbx.dic 
# 
loop_
_database_2.database_id 
_database_2.database_code 
_database_2.pdbx_database_accession 
_database_2.pdbx_DOI 
PDB   7YUL         pdb_00007yul 10.2210/pdb7yul/pdb 
WWPDB D_1300031028 ?            ?                   
# 
_pdbx_database_status.status_code                     REL 
_pdbx_database_status.status_code_sf                  REL 
_pdbx_database_status.status_code_mr                  ? 
_pdbx_database_status.entry_id                        7YUL 
_pdbx_database_status.recvd_initial_deposition_date   2022-08-17 
_pdbx_database_status.SG_entry                        N 
_pdbx_database_status.deposit_site                    PDBJ 
_pdbx_database_status.process_site                    PDBJ 
_pdbx_database_status.status_code_cs                  ? 
_pdbx_database_status.status_code_nmr_data            ? 
_pdbx_database_status.methods_development_category    ? 
_pdbx_database_status.pdb_format_compatible           Y 
# 
loop_
_audit_author.name 
_audit_author.pdbx_ordinal 
_audit_author.identifier_ORCID 
'Liu, K.'    1 0000-0002-7082-262X 
'Xiao, Y.Q.' 2 0000-0002-5350-0717 
'Zhang, J.'  3 0000-0003-3470-3225 
'Min, J.R.'  4 0000-0001-5210-3130 
# 
_citation.abstract                  ? 
_citation.abstract_id_CAS           ? 
_citation.book_id_ISBN              ? 
_citation.book_publisher            ? 
_citation.book_publisher_city       ? 
_citation.book_title                ? 
_citation.coordinate_linkage        ? 
_citation.country                   US 
_citation.database_id_Medline       ? 
_citation.details                   ? 
_citation.id                        primary 
_citation.journal_abbrev            J.Biol.Chem. 
_citation.journal_id_ASTM           JBCHA3 
_citation.journal_id_CSD            0071 
_citation.journal_id_ISSN           1083-351X 
_citation.journal_full              ? 
_citation.journal_issue             ? 
_citation.journal_volume            299 
_citation.language                  ? 
_citation.page_first                104734 
_citation.page_last                 104734 
_citation.title                     'Structural insights into DNA recognition by the BEN domain of the transcription factor BANP.' 
_citation.year                      2023 
_citation.database_id_CSD           ? 
_citation.pdbx_database_id_DOI      10.1016/j.jbc.2023.104734 
_citation.pdbx_database_id_PubMed   37086783 
_citation.pdbx_database_id_patent   ? 
_citation.unpublished_flag          ? 
# 
loop_
_citation_author.citation_id 
_citation_author.name 
_citation_author.ordinal 
_citation_author.identifier_ORCID 
primary 'Liu, K.'      1 ? 
primary 'Zhang, J.'    2 ? 
primary 'Xiao, Y.'     3 ? 
primary 'Yang, A.'     4 ? 
primary 'Song, X.'     5 ? 
primary 'Li, Y.'       6 ? 
primary 'Chen, Y.'     7 ? 
primary 'Hughes, T.R.' 8 ? 
primary 'Min, J.'      9 ? 
# 
_cell.angle_alpha                  90.000 
_cell.angle_alpha_esd              ? 
_cell.angle_beta                   90.000 
_cell.angle_beta_esd               ? 
_cell.angle_gamma                  90.000 
_cell.angle_gamma_esd              ? 
_cell.entry_id                     7YUL 
_cell.details                      ? 
_cell.formula_units_Z              ? 
_cell.length_a                     69.092 
_cell.length_a_esd                 ? 
_cell.length_b                     39.514 
_cell.length_b_esd                 ? 
_cell.length_c                     43.719 
_cell.length_c_esd                 ? 
_cell.volume                       ? 
_cell.volume_esd                   ? 
_cell.Z_PDB                        4 
_cell.reciprocal_angle_alpha       ? 
_cell.reciprocal_angle_beta        ? 
_cell.reciprocal_angle_gamma       ? 
_cell.reciprocal_angle_alpha_esd   ? 
_cell.reciprocal_angle_beta_esd    ? 
_cell.reciprocal_angle_gamma_esd   ? 
_cell.reciprocal_length_a          ? 
_cell.reciprocal_length_b          ? 
_cell.reciprocal_length_c          ? 
_cell.reciprocal_length_a_esd      ? 
_cell.reciprocal_length_b_esd      ? 
_cell.reciprocal_length_c_esd      ? 
_cell.pdbx_unique_axis             ? 
_cell.pdbx_esd_method              ? 
# 
_symmetry.entry_id                         7YUL 
_symmetry.cell_setting                     ? 
_symmetry.Int_Tables_number                18 
_symmetry.space_group_name_Hall            ? 
_symmetry.space_group_name_H-M             'P 21 21 2' 
_symmetry.pdbx_full_space_group_name_H-M   ? 
# 
loop_
_entity.id 
_entity.type 
_entity.src_method 
_entity.pdbx_description 
_entity.formula_weight 
_entity.pdbx_number_of_molecules 
_entity.pdbx_ec 
_entity.pdbx_mutation 
_entity.pdbx_fragment 
_entity.details 
1 polymer     man 'BEN domain-containing protein 6'                    11806.545 1   ? ? ? ? 
2 polymer     man 
;DNA (5'-D(*CP*TP*CP*TP*CP*GP*CP*GP*AP*GP*AP*G)-3')
;
3663.392  1   ? ? ? ? 
3 non-polymer syn 'GLYCOLIC ACID'                                      76.051    1   ? ? ? ? 
4 water       nat water                                                18.015    140 ? ? ? ? 
# 
_entity_name_com.entity_id   1 
_entity_name_com.name        BEND6 
# 
loop_
_entity_poly.entity_id 
_entity_poly.type 
_entity_poly.nstd_linkage 
_entity_poly.nstd_monomer 
_entity_poly.pdbx_seq_one_letter_code 
_entity_poly.pdbx_seq_one_letter_code_can 
_entity_poly.pdbx_strand_id 
_entity_poly.pdbx_target_identifier 
1 'polypeptide(L)'        no no 
;GDEKQFQIEKWQIARCNKSKPQKFINDLMQVLYTNEYMATHSLTGAKSSTSRDKAVKPAMNQNEVQEIIGVTKQLFPNTD
DVSIRRMIGQKLNNCTKKPNLSK
;
;GDEKQFQIEKWQIARCNKSKPQKFINDLMQVLYTNEYMATHSLTGAKSSTSRDKAVKPAMNQNEVQEIIGVTKQLFPNTD
DVSIRRMIGQKLNNCTKKPNLSK
;
A ? 
2 polydeoxyribonucleotide no no '(DC)(DT)(DC)(DT)(DC)(DG)(DC)(DG)(DA)(DG)(DA)(DG)' CTCTCGCGAGAG C ? 
# 
loop_
_entity_poly_seq.entity_id 
_entity_poly_seq.num 
_entity_poly_seq.mon_id 
_entity_poly_seq.hetero 
1 1   GLY n 
1 2   ASP n 
1 3   GLU n 
1 4   LYS n 
1 5   GLN n 
1 6   PHE n 
1 7   GLN n 
1 8   ILE n 
1 9   GLU n 
1 10  LYS n 
1 11  TRP n 
1 12  GLN n 
1 13  ILE n 
1 14  ALA n 
1 15  ARG n 
1 16  CYS n 
1 17  ASN n 
1 18  LYS n 
1 19  SER n 
1 20  LYS n 
1 21  PRO n 
1 22  GLN n 
1 23  LYS n 
1 24  PHE n 
1 25  ILE n 
1 26  ASN n 
1 27  ASP n 
1 28  LEU n 
1 29  MET n 
1 30  GLN n 
1 31  VAL n 
1 32  LEU n 
1 33  TYR n 
1 34  THR n 
1 35  ASN n 
1 36  GLU n 
1 37  TYR n 
1 38  MET n 
1 39  ALA n 
1 40  THR n 
1 41  HIS n 
1 42  SER n 
1 43  LEU n 
1 44  THR n 
1 45  GLY n 
1 46  ALA n 
1 47  LYS n 
1 48  SER n 
1 49  SER n 
1 50  THR n 
1 51  SER n 
1 52  ARG n 
1 53  ASP n 
1 54  LYS n 
1 55  ALA n 
1 56  VAL n 
1 57  LYS n 
1 58  PRO n 
1 59  ALA n 
1 60  MET n 
1 61  ASN n 
1 62  GLN n 
1 63  ASN n 
1 64  GLU n 
1 65  VAL n 
1 66  GLN n 
1 67  GLU n 
1 68  ILE n 
1 69  ILE n 
1 70  GLY n 
1 71  VAL n 
1 72  THR n 
1 73  LYS n 
1 74  GLN n 
1 75  LEU n 
1 76  PHE n 
1 77  PRO n 
1 78  ASN n 
1 79  THR n 
1 80  ASP n 
1 81  ASP n 
1 82  VAL n 
1 83  SER n 
1 84  ILE n 
1 85  ARG n 
1 86  ARG n 
1 87  MET n 
1 88  ILE n 
1 89  GLY n 
1 90  GLN n 
1 91  LYS n 
1 92  LEU n 
1 93  ASN n 
1 94  ASN n 
1 95  CYS n 
1 96  THR n 
1 97  LYS n 
1 98  LYS n 
1 99  PRO n 
1 100 ASN n 
1 101 LEU n 
1 102 SER n 
1 103 LYS n 
2 1   DC  n 
2 2   DT  n 
2 3   DC  n 
2 4   DT  n 
2 5   DC  n 
2 6   DG  n 
2 7   DC  n 
2 8   DG  n 
2 9   DA  n 
2 10  DG  n 
2 11  DA  n 
2 12  DG  n 
# 
loop_
_entity_src_gen.entity_id 
_entity_src_gen.pdbx_src_id 
_entity_src_gen.pdbx_alt_source_flag 
_entity_src_gen.pdbx_seq_type 
_entity_src_gen.pdbx_beg_seq_num 
_entity_src_gen.pdbx_end_seq_num 
_entity_src_gen.gene_src_common_name 
_entity_src_gen.gene_src_genus 
_entity_src_gen.pdbx_gene_src_gene 
_entity_src_gen.gene_src_species 
_entity_src_gen.gene_src_strain 
_entity_src_gen.gene_src_tissue 
_entity_src_gen.gene_src_tissue_fraction 
_entity_src_gen.gene_src_details 
_entity_src_gen.pdbx_gene_src_fragment 
_entity_src_gen.pdbx_gene_src_scientific_name 
_entity_src_gen.pdbx_gene_src_ncbi_taxonomy_id 
_entity_src_gen.pdbx_gene_src_variant 
_entity_src_gen.pdbx_gene_src_cell_line 
_entity_src_gen.pdbx_gene_src_atcc 
_entity_src_gen.pdbx_gene_src_organ 
_entity_src_gen.pdbx_gene_src_organelle 
_entity_src_gen.pdbx_gene_src_cell 
_entity_src_gen.pdbx_gene_src_cellular_location 
_entity_src_gen.host_org_common_name 
_entity_src_gen.pdbx_host_org_scientific_name 
_entity_src_gen.pdbx_host_org_ncbi_taxonomy_id 
_entity_src_gen.host_org_genus 
_entity_src_gen.pdbx_host_org_gene 
_entity_src_gen.pdbx_host_org_organ 
_entity_src_gen.host_org_species 
_entity_src_gen.pdbx_host_org_tissue 
_entity_src_gen.pdbx_host_org_tissue_fraction 
_entity_src_gen.pdbx_host_org_strain 
_entity_src_gen.pdbx_host_org_variant 
_entity_src_gen.pdbx_host_org_cell_line 
_entity_src_gen.pdbx_host_org_atcc 
_entity_src_gen.pdbx_host_org_culture_collection 
_entity_src_gen.pdbx_host_org_cell 
_entity_src_gen.pdbx_host_org_organelle 
_entity_src_gen.pdbx_host_org_cellular_location 
_entity_src_gen.pdbx_host_org_vector_type 
_entity_src_gen.pdbx_host_org_vector 
_entity_src_gen.host_org_details 
_entity_src_gen.expression_system_id 
_entity_src_gen.plasmid_name 
_entity_src_gen.plasmid_details 
_entity_src_gen.pdbx_description 
1 1 sample 'Biological sequence' 1 103 human ? 'BEND6, C6orf65' ? ? ? ? ? ? 'Homo sapiens'        9606  ? ? ? ? ? ? ? ? 
'Escherichia coli BL21(DE3)' 469008 ? ? ? ? ? ? ? ? ? ? ? ? ? ? ? ? ? ? ? ? ? 
2 1 sample 'Biological sequence' 1 12  ?     ? ?                ? ? ? ? ? ? 'synthetic construct' 32630 ? ? ? ? ? ? ? ? 
'synthetic construct'        32630  ? ? ? ? ? ? ? ? ? ? ? ? ? ? ? ? ? ? ? ? ? 
# 
loop_
_struct_ref.id 
_struct_ref.db_name 
_struct_ref.db_code 
_struct_ref.pdbx_db_accession 
_struct_ref.pdbx_db_isoform 
_struct_ref.entity_id 
_struct_ref.pdbx_seq_one_letter_code 
_struct_ref.pdbx_align_begin 
1 UNP BEND6_HUMAN Q5SZJ8 ? 1 
;DEKQFQIEKWQIARCNKSKPQKFINDLMQVLYTNEYMATHSLTGAKSSTSRDKAVKPAMNQNEVQEIIGVTKQLFPNTDD
VSIRRMIGQKLNNCTKKPNLSK
;
170 
2 PDB 7YUL        7YUL   ? 2 ? 1   
# 
loop_
_struct_ref_seq.align_id 
_struct_ref_seq.ref_id 
_struct_ref_seq.pdbx_PDB_id_code 
_struct_ref_seq.pdbx_strand_id 
_struct_ref_seq.seq_align_beg 
_struct_ref_seq.pdbx_seq_align_beg_ins_code 
_struct_ref_seq.seq_align_end 
_struct_ref_seq.pdbx_seq_align_end_ins_code 
_struct_ref_seq.pdbx_db_accession 
_struct_ref_seq.db_align_beg 
_struct_ref_seq.pdbx_db_align_beg_ins_code 
_struct_ref_seq.db_align_end 
_struct_ref_seq.pdbx_db_align_end_ins_code 
_struct_ref_seq.pdbx_auth_seq_align_beg 
_struct_ref_seq.pdbx_auth_seq_align_end 
1 1 7YUL A 2 ? 103 ? Q5SZJ8 170 ? 271 ? 170 271 
2 2 7YUL C 1 ? 12  ? 7YUL   1   ? 12  ? 1   12  
# 
_struct_ref_seq_dif.align_id                     1 
_struct_ref_seq_dif.pdbx_pdb_id_code             7YUL 
_struct_ref_seq_dif.mon_id                       GLY 
_struct_ref_seq_dif.pdbx_pdb_strand_id           A 
_struct_ref_seq_dif.seq_num                      1 
_struct_ref_seq_dif.pdbx_pdb_ins_code            ? 
_struct_ref_seq_dif.pdbx_seq_db_name             UNP 
_struct_ref_seq_dif.pdbx_seq_db_accession_code   Q5SZJ8 
_struct_ref_seq_dif.db_mon_id                    ? 
_struct_ref_seq_dif.pdbx_seq_db_seq_num          ? 
_struct_ref_seq_dif.details                      'expression tag' 
_struct_ref_seq_dif.pdbx_auth_seq_num            169 
_struct_ref_seq_dif.pdbx_ordinal                 1 
# 
loop_
_chem_comp.id 
_chem_comp.type 
_chem_comp.mon_nstd_flag 
_chem_comp.name 
_chem_comp.pdbx_synonyms 
_chem_comp.formula 
_chem_comp.formula_weight 
ALA 'L-peptide linking' y ALANINE                              ?                                          'C3 H7 N O2'      89.093 
ARG 'L-peptide linking' y ARGININE                             ?                                          'C6 H15 N4 O2 1'  
175.209 
ASN 'L-peptide linking' y ASPARAGINE                           ?                                          'C4 H8 N2 O3'     
132.118 
ASP 'L-peptide linking' y 'ASPARTIC ACID'                      ?                                          'C4 H7 N O4'      
133.103 
CYS 'L-peptide linking' y CYSTEINE                             ?                                          'C3 H7 N O2 S'    
121.158 
DA  'DNA linking'       y "2'-DEOXYADENOSINE-5'-MONOPHOSPHATE" ?                                          'C10 H14 N5 O6 P' 
331.222 
DC  'DNA linking'       y "2'-DEOXYCYTIDINE-5'-MONOPHOSPHATE"  ?                                          'C9 H14 N3 O7 P'  
307.197 
DG  'DNA linking'       y "2'-DEOXYGUANOSINE-5'-MONOPHOSPHATE" ?                                          'C10 H14 N5 O7 P' 
347.221 
DT  'DNA linking'       y "THYMIDINE-5'-MONOPHOSPHATE"         ?                                          'C10 H15 N2 O8 P' 
322.208 
GLN 'L-peptide linking' y GLUTAMINE                            ?                                          'C5 H10 N2 O3'    
146.144 
GLU 'L-peptide linking' y 'GLUTAMIC ACID'                      ?                                          'C5 H9 N O4'      
147.129 
GLY 'peptide linking'   y GLYCINE                              ?                                          'C2 H5 N O2'      75.067 
GOA non-polymer         . 'GLYCOLIC ACID'                      'HYDROXYACETIC ACID; HYDROXYETHANOIC ACID' 'C2 H4 O3'        76.051 
HIS 'L-peptide linking' y HISTIDINE                            ?                                          'C6 H10 N3 O2 1'  
156.162 
HOH non-polymer         . WATER                                ?                                          'H2 O'            18.015 
ILE 'L-peptide linking' y ISOLEUCINE                           ?                                          'C6 H13 N O2'     
131.173 
LEU 'L-peptide linking' y LEUCINE                              ?                                          'C6 H13 N O2'     
131.173 
LYS 'L-peptide linking' y LYSINE                               ?                                          'C6 H15 N2 O2 1'  
147.195 
MET 'L-peptide linking' y METHIONINE                           ?                                          'C5 H11 N O2 S'   
149.211 
PHE 'L-peptide linking' y PHENYLALANINE                        ?                                          'C9 H11 N O2'     
165.189 
PRO 'L-peptide linking' y PROLINE                              ?                                          'C5 H9 N O2'      
115.130 
SER 'L-peptide linking' y SERINE                               ?                                          'C3 H7 N O3'      
105.093 
THR 'L-peptide linking' y THREONINE                            ?                                          'C4 H9 N O3'      
119.119 
TRP 'L-peptide linking' y TRYPTOPHAN                           ?                                          'C11 H12 N2 O2'   
204.225 
TYR 'L-peptide linking' y TYROSINE                             ?                                          'C9 H11 N O3'     
181.189 
VAL 'L-peptide linking' y VALINE                               ?                                          'C5 H11 N O2'     
117.146 
# 
_exptl.absorpt_coefficient_mu     ? 
_exptl.absorpt_correction_T_max   ? 
_exptl.absorpt_correction_T_min   ? 
_exptl.absorpt_correction_type    ? 
_exptl.absorpt_process_details    ? 
_exptl.entry_id                   7YUL 
_exptl.crystals_number            1 
_exptl.details                    ? 
_exptl.method                     'X-RAY DIFFRACTION' 
_exptl.method_details             ? 
# 
_exptl_crystal.colour                       ? 
_exptl_crystal.density_diffrn               ? 
_exptl_crystal.density_Matthews             1.94 
_exptl_crystal.density_method               ? 
_exptl_crystal.density_percent_sol          36.47 
_exptl_crystal.description                  ? 
_exptl_crystal.F_000                        ? 
_exptl_crystal.id                           1 
_exptl_crystal.preparation                  ? 
_exptl_crystal.size_max                     ? 
_exptl_crystal.size_mid                     ? 
_exptl_crystal.size_min                     ? 
_exptl_crystal.size_rad                     ? 
_exptl_crystal.colour_lustre                ? 
_exptl_crystal.colour_modifier              ? 
_exptl_crystal.colour_primary               ? 
_exptl_crystal.density_meas                 ? 
_exptl_crystal.density_meas_esd             ? 
_exptl_crystal.density_meas_gt              ? 
_exptl_crystal.density_meas_lt              ? 
_exptl_crystal.density_meas_temp            ? 
_exptl_crystal.density_meas_temp_esd        ? 
_exptl_crystal.density_meas_temp_gt         ? 
_exptl_crystal.density_meas_temp_lt         ? 
_exptl_crystal.pdbx_crystal_image_url       ? 
_exptl_crystal.pdbx_crystal_image_format    ? 
_exptl_crystal.pdbx_mosaicity               ? 
_exptl_crystal.pdbx_mosaicity_esd           ? 
_exptl_crystal.pdbx_mosaic_method           ? 
_exptl_crystal.pdbx_mosaic_block_size       ? 
_exptl_crystal.pdbx_mosaic_block_size_esd   ? 
# 
_exptl_crystal_grow.apparatus       ? 
_exptl_crystal_grow.atmosphere      ? 
_exptl_crystal_grow.crystal_id      1 
_exptl_crystal_grow.details         ? 
_exptl_crystal_grow.method          'VAPOR DIFFUSION, SITTING DROP' 
_exptl_crystal_grow.method_ref      ? 
_exptl_crystal_grow.pH              ? 
_exptl_crystal_grow.pressure        ? 
_exptl_crystal_grow.pressure_esd    ? 
_exptl_crystal_grow.seeding         ? 
_exptl_crystal_grow.seeding_ref     ? 
_exptl_crystal_grow.temp            291 
_exptl_crystal_grow.temp_details    ? 
_exptl_crystal_grow.temp_esd        ? 
_exptl_crystal_grow.time            ? 
_exptl_crystal_grow.pdbx_details    
'0.12 M Ethylene glycol, 0.1 M Sodium HEPES, 0.1 M MOPS (acid), 12.5% MPD (v/v), 12.5% PEG 1000 (v/v), 12.5% PEG3350 (v/v)' 
_exptl_crystal_grow.pdbx_pH_range   ? 
# 
_diffrn.ambient_environment              ? 
_diffrn.ambient_temp                     100 
_diffrn.ambient_temp_details             ? 
_diffrn.ambient_temp_esd                 ? 
_diffrn.crystal_id                       1 
_diffrn.crystal_support                  ? 
_diffrn.crystal_treatment                ? 
_diffrn.details                          ? 
_diffrn.id                               1 
_diffrn.ambient_pressure                 ? 
_diffrn.ambient_pressure_esd             ? 
_diffrn.ambient_pressure_gt              ? 
_diffrn.ambient_pressure_lt              ? 
_diffrn.ambient_temp_gt                  ? 
_diffrn.ambient_temp_lt                  ? 
_diffrn.pdbx_serial_crystal_experiment   N 
# 
_diffrn_detector.details                      ? 
_diffrn_detector.detector                     PIXEL 
_diffrn_detector.diffrn_id                    1 
_diffrn_detector.type                         'Bruker PHOTON III' 
_diffrn_detector.area_resol_mean              ? 
_diffrn_detector.dtime                        ? 
_diffrn_detector.pdbx_frames_total            ? 
_diffrn_detector.pdbx_collection_time_total   ? 
_diffrn_detector.pdbx_collection_date         2022-05-20 
_diffrn_detector.pdbx_frequency               ? 
# 
_diffrn_radiation.collimation                      ? 
_diffrn_radiation.diffrn_id                        1 
_diffrn_radiation.filter_edge                      ? 
_diffrn_radiation.inhomogeneity                    ? 
_diffrn_radiation.monochromator                    ? 
_diffrn_radiation.polarisn_norm                    ? 
_diffrn_radiation.polarisn_ratio                   ? 
_diffrn_radiation.probe                            ? 
_diffrn_radiation.type                             ? 
_diffrn_radiation.xray_symbol                      ? 
_diffrn_radiation.wavelength_id                    1 
_diffrn_radiation.pdbx_monochromatic_or_laue_m_l   M 
_diffrn_radiation.pdbx_wavelength_list             ? 
_diffrn_radiation.pdbx_wavelength                  ? 
_diffrn_radiation.pdbx_diffrn_protocol             'SINGLE WAVELENGTH' 
_diffrn_radiation.pdbx_analyzer                    ? 
_diffrn_radiation.pdbx_scattering_type             x-ray 
# 
_diffrn_radiation_wavelength.id           1 
_diffrn_radiation_wavelength.wavelength   1.34138 
_diffrn_radiation_wavelength.wt           1.0 
# 
_diffrn_source.current                     ? 
_diffrn_source.details                     ? 
_diffrn_source.diffrn_id                   1 
_diffrn_source.power                       ? 
_diffrn_source.size                        ? 
_diffrn_source.source                      'LIQUID ANODE' 
_diffrn_source.target                      ? 
_diffrn_source.type                        'BRUKER METALJET' 
_diffrn_source.voltage                     ? 
_diffrn_source.take-off_angle              ? 
_diffrn_source.pdbx_wavelength_list        1.34138 
_diffrn_source.pdbx_wavelength             ? 
_diffrn_source.pdbx_synchrotron_beamline   ? 
_diffrn_source.pdbx_synchrotron_site       ? 
# 
_reflns.B_iso_Wilson_estimate                          ? 
_reflns.entry_id                                       7YUL 
_reflns.data_reduction_details                         ? 
_reflns.data_reduction_method                          ? 
_reflns.d_resolution_high                              1.82 
_reflns.d_resolution_low                               27.11 
_reflns.details                                        ? 
_reflns.limit_h_max                                    ? 
_reflns.limit_h_min                                    ? 
_reflns.limit_k_max                                    ? 
_reflns.limit_k_min                                    ? 
_reflns.limit_l_max                                    ? 
_reflns.limit_l_min                                    ? 
_reflns.number_all                                     ? 
_reflns.number_obs                                     11195 
_reflns.observed_criterion                             ? 
_reflns.observed_criterion_F_max                       ? 
_reflns.observed_criterion_F_min                       ? 
_reflns.observed_criterion_I_max                       ? 
_reflns.observed_criterion_I_min                       ? 
_reflns.observed_criterion_sigma_F                     ? 
_reflns.observed_criterion_sigma_I                     ? 
_reflns.percent_possible_obs                           99.4 
_reflns.R_free_details                                 ? 
_reflns.Rmerge_F_all                                   ? 
_reflns.Rmerge_F_obs                                   ? 
_reflns.Friedel_coverage                               ? 
_reflns.number_gt                                      ? 
_reflns.threshold_expression                           ? 
_reflns.pdbx_redundancy                                7.69 
_reflns.pdbx_Rmerge_I_obs                              0.0451 
_reflns.pdbx_Rmerge_I_all                              ? 
_reflns.pdbx_Rsym_value                                ? 
_reflns.pdbx_netI_over_av_sigmaI                       ? 
_reflns.pdbx_netI_over_sigmaI                          34.15 
_reflns.pdbx_res_netI_over_av_sigmaI_2                 ? 
_reflns.pdbx_res_netI_over_sigmaI_2                    ? 
_reflns.pdbx_chi_squared                               ? 
_reflns.pdbx_scaling_rejects                           ? 
_reflns.pdbx_d_res_high_opt                            ? 
_reflns.pdbx_d_res_low_opt                             ? 
_reflns.pdbx_d_res_opt_method                          ? 
_reflns.phase_calculation_details                      ? 
_reflns.pdbx_Rrim_I_all                                ? 
_reflns.pdbx_Rpim_I_all                                ? 
_reflns.pdbx_d_opt                                     ? 
_reflns.pdbx_number_measured_all                       ? 
_reflns.pdbx_diffrn_id                                 1 
_reflns.pdbx_ordinal                                   1 
_reflns.pdbx_CC_half                                   ? 
_reflns.pdbx_CC_star                                   ? 
_reflns.pdbx_R_split                                   ? 
_reflns.pdbx_aniso_diffraction_limit_axis_1_ortho[1]   ? 
_reflns.pdbx_aniso_diffraction_limit_axis_1_ortho[2]   ? 
_reflns.pdbx_aniso_diffraction_limit_axis_1_ortho[3]   ? 
_reflns.pdbx_aniso_diffraction_limit_axis_2_ortho[1]   ? 
_reflns.pdbx_aniso_diffraction_limit_axis_2_ortho[2]   ? 
_reflns.pdbx_aniso_diffraction_limit_axis_2_ortho[3]   ? 
_reflns.pdbx_aniso_diffraction_limit_axis_3_ortho[1]   ? 
_reflns.pdbx_aniso_diffraction_limit_axis_3_ortho[2]   ? 
_reflns.pdbx_aniso_diffraction_limit_axis_3_ortho[3]   ? 
_reflns.pdbx_aniso_diffraction_limit_1                 ? 
_reflns.pdbx_aniso_diffraction_limit_2                 ? 
_reflns.pdbx_aniso_diffraction_limit_3                 ? 
_reflns.pdbx_aniso_B_tensor_eigenvector_1_ortho[1]     ? 
_reflns.pdbx_aniso_B_tensor_eigenvector_1_ortho[2]     ? 
_reflns.pdbx_aniso_B_tensor_eigenvector_1_ortho[3]     ? 
_reflns.pdbx_aniso_B_tensor_eigenvector_2_ortho[1]     ? 
_reflns.pdbx_aniso_B_tensor_eigenvector_2_ortho[2]     ? 
_reflns.pdbx_aniso_B_tensor_eigenvector_2_ortho[3]     ? 
_reflns.pdbx_aniso_B_tensor_eigenvector_3_ortho[1]     ? 
_reflns.pdbx_aniso_B_tensor_eigenvector_3_ortho[2]     ? 
_reflns.pdbx_aniso_B_tensor_eigenvector_3_ortho[3]     ? 
_reflns.pdbx_aniso_B_tensor_eigenvalue_1               ? 
_reflns.pdbx_aniso_B_tensor_eigenvalue_2               ? 
_reflns.pdbx_aniso_B_tensor_eigenvalue_3               ? 
_reflns.pdbx_orthogonalization_convention              ? 
_reflns.pdbx_percent_possible_ellipsoidal              ? 
_reflns.pdbx_percent_possible_spherical                ? 
_reflns.pdbx_percent_possible_ellipsoidal_anomalous    ? 
_reflns.pdbx_percent_possible_spherical_anomalous      ? 
_reflns.pdbx_redundancy_anomalous                      ? 
_reflns.pdbx_CC_half_anomalous                         ? 
_reflns.pdbx_absDiff_over_sigma_anomalous              ? 
_reflns.pdbx_percent_possible_anomalous                ? 
_reflns.pdbx_observed_signal_threshold                 ? 
_reflns.pdbx_signal_type                               ? 
_reflns.pdbx_signal_details                            ? 
_reflns.pdbx_signal_software_id                        ? 
_reflns.pdbx_CC_split_method                           ? 
# 
_reflns_shell.d_res_high                                    1.82 
_reflns_shell.d_res_low                                     1.85 
_reflns_shell.meanI_over_sigI_all                           ? 
_reflns_shell.meanI_over_sigI_obs                           9.77 
_reflns_shell.number_measured_all                           ? 
_reflns_shell.number_measured_obs                           ? 
_reflns_shell.number_possible                               ? 
_reflns_shell.number_unique_all                             ? 
_reflns_shell.number_unique_obs                             483 
_reflns_shell.percent_possible_all                          92.7 
_reflns_shell.percent_possible_obs                          ? 
_reflns_shell.Rmerge_F_all                                  ? 
_reflns_shell.Rmerge_F_obs                                  ? 
_reflns_shell.Rmerge_I_all                                  ? 
_reflns_shell.Rmerge_I_obs                                  0.159 
_reflns_shell.meanI_over_sigI_gt                            ? 
_reflns_shell.meanI_over_uI_all                             ? 
_reflns_shell.meanI_over_uI_gt                              ? 
_reflns_shell.number_measured_gt                            ? 
_reflns_shell.number_unique_gt                              ? 
_reflns_shell.percent_possible_gt                           ? 
_reflns_shell.Rmerge_F_gt                                   ? 
_reflns_shell.Rmerge_I_gt                                   ? 
_reflns_shell.pdbx_redundancy                               3.26 
_reflns_shell.pdbx_Rsym_value                               ? 
_reflns_shell.pdbx_chi_squared                              ? 
_reflns_shell.pdbx_netI_over_sigmaI_all                     ? 
_reflns_shell.pdbx_netI_over_sigmaI_obs                     ? 
_reflns_shell.pdbx_Rrim_I_all                               ? 
_reflns_shell.pdbx_Rpim_I_all                               ? 
_reflns_shell.pdbx_rejects                                  ? 
_reflns_shell.pdbx_ordinal                                  1 
_reflns_shell.pdbx_diffrn_id                                1 
_reflns_shell.pdbx_CC_half                                  ? 
_reflns_shell.pdbx_CC_star                                  ? 
_reflns_shell.pdbx_R_split                                  ? 
_reflns_shell.pdbx_percent_possible_ellipsoidal             ? 
_reflns_shell.pdbx_percent_possible_spherical               ? 
_reflns_shell.pdbx_percent_possible_ellipsoidal_anomalous   ? 
_reflns_shell.pdbx_percent_possible_spherical_anomalous     ? 
_reflns_shell.pdbx_redundancy_anomalous                     ? 
_reflns_shell.pdbx_CC_half_anomalous                        ? 
_reflns_shell.pdbx_absDiff_over_sigma_anomalous             ? 
_reflns_shell.pdbx_percent_possible_anomalous               ? 
# 
_refine.aniso_B[1][1]                            -0.0400 
_refine.aniso_B[1][2]                            0.0000 
_refine.aniso_B[1][3]                            -0.0000 
_refine.aniso_B[2][2]                            0.0200 
_refine.aniso_B[2][3]                            -0.0000 
_refine.aniso_B[3][3]                            0.0200 
_refine.B_iso_max                                85.640 
_refine.B_iso_mean                               16.8620 
_refine.B_iso_min                                5.940 
_refine.correlation_coeff_Fo_to_Fc               0.9610 
_refine.correlation_coeff_Fo_to_Fc_free          0.9470 
_refine.details                                  
'HYDROGENS HAVE BEEN ADDED IN THE RIDING POSITIONS U VALUES      : REFINED INDIVIDUALLY' 
_refine.diff_density_max                         ? 
_refine.diff_density_max_esd                     ? 
_refine.diff_density_min                         ? 
_refine.diff_density_min_esd                     ? 
_refine.diff_density_rms                         ? 
_refine.diff_density_rms_esd                     ? 
_refine.entry_id                                 7YUL 
_refine.pdbx_refine_id                           'X-RAY DIFFRACTION' 
_refine.ls_abs_structure_details                 ? 
_refine.ls_abs_structure_Flack                   ? 
_refine.ls_abs_structure_Flack_esd               ? 
_refine.ls_abs_structure_Rogers                  ? 
_refine.ls_abs_structure_Rogers_esd              ? 
_refine.ls_d_res_high                            1.8200 
_refine.ls_d_res_low                             27.1100 
_refine.ls_extinction_coef                       ? 
_refine.ls_extinction_coef_esd                   ? 
_refine.ls_extinction_expression                 ? 
_refine.ls_extinction_method                     ? 
_refine.ls_goodness_of_fit_all                   ? 
_refine.ls_goodness_of_fit_all_esd               ? 
_refine.ls_goodness_of_fit_obs                   ? 
_refine.ls_goodness_of_fit_obs_esd               ? 
_refine.ls_hydrogen_treatment                    ? 
_refine.ls_matrix_type                           ? 
_refine.ls_number_constraints                    ? 
_refine.ls_number_parameters                     ? 
_refine.ls_number_reflns_all                     ? 
_refine.ls_number_reflns_obs                     10599 
_refine.ls_number_reflns_R_free                  567 
_refine.ls_number_reflns_R_work                  ? 
_refine.ls_number_restraints                     ? 
_refine.ls_percent_reflns_obs                    99.3700 
_refine.ls_percent_reflns_R_free                 5.1000 
_refine.ls_R_factor_all                          ? 
_refine.ls_R_factor_obs                          0.1594 
_refine.ls_R_factor_R_free                       0.1943 
_refine.ls_R_factor_R_free_error                 ? 
_refine.ls_R_factor_R_free_error_details         ? 
_refine.ls_R_factor_R_work                       0.1575 
_refine.ls_R_Fsqd_factor_obs                     ? 
_refine.ls_R_I_factor_obs                        ? 
_refine.ls_redundancy_reflns_all                 ? 
_refine.ls_redundancy_reflns_obs                 ? 
_refine.ls_restrained_S_all                      ? 
_refine.ls_restrained_S_obs                      ? 
_refine.ls_shift_over_esd_max                    ? 
_refine.ls_shift_over_esd_mean                   ? 
_refine.ls_structure_factor_coef                 ? 
_refine.ls_weighting_details                     ? 
_refine.ls_weighting_scheme                      ? 
_refine.ls_wR_factor_all                         ? 
_refine.ls_wR_factor_obs                         ? 
_refine.ls_wR_factor_R_free                      ? 
_refine.ls_wR_factor_R_work                      ? 
_refine.occupancy_max                            ? 
_refine.occupancy_min                            ? 
_refine.solvent_model_details                    MASK 
_refine.solvent_model_param_bsol                 ? 
_refine.solvent_model_param_ksol                 ? 
_refine.pdbx_R_complete                          ? 
_refine.ls_R_factor_gt                           ? 
_refine.ls_goodness_of_fit_gt                    ? 
_refine.ls_goodness_of_fit_ref                   ? 
_refine.ls_shift_over_su_max                     ? 
_refine.ls_shift_over_su_max_lt                  ? 
_refine.ls_shift_over_su_mean                    ? 
_refine.ls_shift_over_su_mean_lt                 ? 
_refine.pdbx_ls_sigma_I                          ? 
_refine.pdbx_ls_sigma_F                          0.000 
_refine.pdbx_ls_sigma_Fsqd                       ? 
_refine.pdbx_data_cutoff_high_absF               ? 
_refine.pdbx_data_cutoff_high_rms_absF           ? 
_refine.pdbx_data_cutoff_low_absF                ? 
_refine.pdbx_isotropic_thermal_model             ? 
_refine.pdbx_ls_cross_valid_method               THROUGHOUT 
_refine.pdbx_method_to_determine_struct          'MOLECULAR REPLACEMENT' 
_refine.pdbx_starting_model                      7YUG 
_refine.pdbx_stereochemistry_target_values       'MAXIMUM LIKELIHOOD' 
_refine.pdbx_R_Free_selection_details            RANDOM 
_refine.pdbx_stereochem_target_val_spec_case     ? 
_refine.pdbx_overall_ESU_R                       0.1270 
_refine.pdbx_overall_ESU_R_Free                  0.1180 
_refine.pdbx_solvent_vdw_probe_radii             1.2000 
_refine.pdbx_solvent_ion_probe_radii             0.8000 
_refine.pdbx_solvent_shrinkage_radii             0.8000 
_refine.pdbx_real_space_R                        ? 
_refine.pdbx_density_correlation                 ? 
_refine.pdbx_pd_number_of_powder_patterns        ? 
_refine.pdbx_pd_number_of_points                 ? 
_refine.pdbx_pd_meas_number_of_points            ? 
_refine.pdbx_pd_proc_ls_prof_R_factor            ? 
_refine.pdbx_pd_proc_ls_prof_wR_factor           ? 
_refine.pdbx_pd_Marquardt_correlation_coeff      ? 
_refine.pdbx_pd_Fsqrd_R_factor                   ? 
_refine.pdbx_pd_ls_matrix_band_width             ? 
_refine.pdbx_overall_phase_error                 ? 
_refine.pdbx_overall_SU_R_free_Cruickshank_DPI   ? 
_refine.pdbx_overall_SU_R_free_Blow_DPI          ? 
_refine.pdbx_overall_SU_R_Blow_DPI               ? 
_refine.pdbx_TLS_residual_ADP_flag               ? 
_refine.pdbx_diffrn_id                           1 
_refine.overall_SU_B                             2.2070 
_refine.overall_SU_ML                            0.0690 
_refine.overall_SU_R_Cruickshank_DPI             ? 
_refine.overall_SU_R_free                        ? 
_refine.overall_FOM_free_R_set                   ? 
_refine.overall_FOM_work_R_set                   ? 
_refine.pdbx_average_fsc_overall                 ? 
_refine.pdbx_average_fsc_work                    ? 
_refine.pdbx_average_fsc_free                    ? 
# 
_refine_hist.pdbx_refine_id                   'X-RAY DIFFRACTION' 
_refine_hist.cycle_id                         final 
_refine_hist.details                          ? 
_refine_hist.d_res_high                       1.8200 
_refine_hist.d_res_low                        27.1100 
_refine_hist.number_atoms_solvent             140 
_refine_hist.number_atoms_total               1125 
_refine_hist.number_reflns_all                ? 
_refine_hist.number_reflns_obs                ? 
_refine_hist.number_reflns_R_free             ? 
_refine_hist.number_reflns_R_work             ? 
_refine_hist.R_factor_all                     ? 
_refine_hist.R_factor_obs                     ? 
_refine_hist.R_factor_R_free                  ? 
_refine_hist.R_factor_R_work                  ? 
_refine_hist.pdbx_number_residues_total       104 
_refine_hist.pdbx_B_iso_mean_ligand           21.60 
_refine_hist.pdbx_B_iso_mean_solvent          26.48 
_refine_hist.pdbx_number_atoms_protein        737 
_refine_hist.pdbx_number_atoms_nucleic_acid   243 
_refine_hist.pdbx_number_atoms_ligand         5 
_refine_hist.pdbx_number_atoms_lipid          ? 
_refine_hist.pdbx_number_atoms_carb           ? 
_refine_hist.pdbx_pseudo_atom_details         ? 
# 
loop_
_refine_ls_restr.pdbx_refine_id 
_refine_ls_restr.criterion 
_refine_ls_restr.dev_ideal 
_refine_ls_restr.dev_ideal_target 
_refine_ls_restr.number 
_refine_ls_restr.rejects 
_refine_ls_restr.type 
_refine_ls_restr.weight 
_refine_ls_restr.pdbx_restraint_function 
'X-RAY DIFFRACTION' ? 0.011  0.012  1044 ? r_bond_refined_d       ? ? 
'X-RAY DIFFRACTION' ? 0.001  0.018  896  ? r_bond_other_d         ? ? 
'X-RAY DIFFRACTION' ? 1.826  1.515  1455 ? r_angle_refined_deg    ? ? 
'X-RAY DIFFRACTION' ? 1.488  1.811  2073 ? r_angle_other_deg      ? ? 
'X-RAY DIFFRACTION' ? 6.303  5.000  95   ? r_dihedral_angle_1_deg ? ? 
'X-RAY DIFFRACTION' ? 37.544 23.415 41   ? r_dihedral_angle_2_deg ? ? 
'X-RAY DIFFRACTION' ? 13.785 15.000 157  ? r_dihedral_angle_3_deg ? ? 
'X-RAY DIFFRACTION' ? 15.154 15.000 5    ? r_dihedral_angle_4_deg ? ? 
'X-RAY DIFFRACTION' ? 0.098  0.200  141  ? r_chiral_restr         ? ? 
'X-RAY DIFFRACTION' ? 0.013  0.020  1024 ? r_gen_planes_refined   ? ? 
'X-RAY DIFFRACTION' ? 0.002  0.020  244  ? r_gen_planes_other     ? ? 
# 
_refine_ls_shell.pdbx_refine_id                   'X-RAY DIFFRACTION' 
_refine_ls_shell.d_res_high                       1.8200 
_refine_ls_shell.d_res_low                        1.8670 
_refine_ls_shell.number_reflns_all                753 
_refine_ls_shell.number_reflns_obs                ? 
_refine_ls_shell.number_reflns_R_free             40 
_refine_ls_shell.number_reflns_R_work             713 
_refine_ls_shell.percent_reflns_obs               93.4200 
_refine_ls_shell.percent_reflns_R_free            ? 
_refine_ls_shell.R_factor_all                     ? 
_refine_ls_shell.R_factor_obs                     ? 
_refine_ls_shell.R_factor_R_free                  0.2890 
_refine_ls_shell.R_factor_R_free_error            0.0000 
_refine_ls_shell.R_factor_R_work                  0.1740 
_refine_ls_shell.redundancy_reflns_all            ? 
_refine_ls_shell.redundancy_reflns_obs            ? 
_refine_ls_shell.wR_factor_all                    ? 
_refine_ls_shell.wR_factor_obs                    ? 
_refine_ls_shell.wR_factor_R_free                 ? 
_refine_ls_shell.wR_factor_R_work                 ? 
_refine_ls_shell.pdbx_R_complete                  ? 
_refine_ls_shell.pdbx_total_number_of_bins_used   20 
_refine_ls_shell.pdbx_phase_error                 ? 
_refine_ls_shell.pdbx_fsc_work                    ? 
_refine_ls_shell.pdbx_fsc_free                    ? 
# 
_struct.entry_id                     7YUL 
_struct.title                        'Crystal structure of human BEND6 BEN domain in complex with DNA' 
_struct.pdbx_model_details           ? 
_struct.pdbx_formula_weight          ? 
_struct.pdbx_formula_weight_method   ? 
_struct.pdbx_model_type_details      ? 
_struct.pdbx_CASP_flag               N 
# 
_struct_keywords.entry_id        7YUL 
_struct_keywords.text            'complex structure, DNA BINDING PROTEIN' 
_struct_keywords.pdbx_keywords   'DNA BINDING PROTEIN' 
# 
loop_
_struct_asym.id 
_struct_asym.pdbx_blank_PDB_chainid_flag 
_struct_asym.pdbx_modified 
_struct_asym.entity_id 
_struct_asym.details 
A N N 1 ? 
B N N 2 ? 
C N N 3 ? 
D N N 4 ? 
E N N 4 ? 
# 
loop_
_struct_conf.conf_type_id 
_struct_conf.id 
_struct_conf.pdbx_PDB_helix_id 
_struct_conf.beg_label_comp_id 
_struct_conf.beg_label_asym_id 
_struct_conf.beg_label_seq_id 
_struct_conf.pdbx_beg_PDB_ins_code 
_struct_conf.end_label_comp_id 
_struct_conf.end_label_asym_id 
_struct_conf.end_label_seq_id 
_struct_conf.pdbx_end_PDB_ins_code 
_struct_conf.beg_auth_comp_id 
_struct_conf.beg_auth_asym_id 
_struct_conf.beg_auth_seq_id 
_struct_conf.end_auth_comp_id 
_struct_conf.end_auth_asym_id 
_struct_conf.end_auth_seq_id 
_struct_conf.pdbx_PDB_helix_class 
_struct_conf.details 
_struct_conf.pdbx_PDB_helix_length 
HELX_P HELX_P1 AA1 GLU A 9  ? ARG A 15 ? GLU A 177 ARG A 183 1 ? 7  
HELX_P HELX_P2 AA2 LYS A 20 ? TYR A 33 ? LYS A 188 TYR A 201 1 ? 14 
HELX_P HELX_P3 AA3 THR A 34 ? THR A 40 ? THR A 202 THR A 208 1 ? 7  
HELX_P HELX_P4 AA4 ASN A 61 ? PHE A 76 ? ASN A 229 PHE A 244 1 ? 16 
HELX_P HELX_P5 AA5 ASP A 80 ? CYS A 95 ? ASP A 248 CYS A 263 1 ? 16 
# 
_struct_conf_type.id          HELX_P 
_struct_conf_type.criteria    ? 
_struct_conf_type.reference   ? 
# 
loop_
_struct_conn.id 
_struct_conn.conn_type_id 
_struct_conn.pdbx_leaving_atom_flag 
_struct_conn.pdbx_PDB_id 
_struct_conn.ptnr1_label_asym_id 
_struct_conn.ptnr1_label_comp_id 
_struct_conn.ptnr1_label_seq_id 
_struct_conn.ptnr1_label_atom_id 
_struct_conn.pdbx_ptnr1_label_alt_id 
_struct_conn.pdbx_ptnr1_PDB_ins_code 
_struct_conn.pdbx_ptnr1_standard_comp_id 
_struct_conn.ptnr1_symmetry 
_struct_conn.ptnr2_label_asym_id 
_struct_conn.ptnr2_label_comp_id 
_struct_conn.ptnr2_label_seq_id 
_struct_conn.ptnr2_label_atom_id 
_struct_conn.pdbx_ptnr2_label_alt_id 
_struct_conn.pdbx_ptnr2_PDB_ins_code 
_struct_conn.ptnr1_auth_asym_id 
_struct_conn.ptnr1_auth_comp_id 
_struct_conn.ptnr1_auth_seq_id 
_struct_conn.ptnr2_auth_asym_id 
_struct_conn.ptnr2_auth_comp_id 
_struct_conn.ptnr2_auth_seq_id 
_struct_conn.ptnr2_symmetry 
_struct_conn.pdbx_ptnr3_label_atom_id 
_struct_conn.pdbx_ptnr3_label_seq_id 
_struct_conn.pdbx_ptnr3_label_comp_id 
_struct_conn.pdbx_ptnr3_label_asym_id 
_struct_conn.pdbx_ptnr3_label_alt_id 
_struct_conn.pdbx_ptnr3_PDB_ins_code 
_struct_conn.details 
_struct_conn.pdbx_dist_value 
_struct_conn.pdbx_value_order 
_struct_conn.pdbx_role 
hydrog1  hydrog ? ? B DC 1  N3 ? ? ? 1_555 B DG 12 N1 ? ? C DC 1  C DG 12 2_565 ? ? ? ? ? ? WATSON-CRICK ? ? ? 
hydrog2  hydrog ? ? B DC 1  N4 ? ? ? 1_555 B DG 12 O6 ? ? C DC 1  C DG 12 2_565 ? ? ? ? ? ? WATSON-CRICK ? ? ? 
hydrog3  hydrog ? ? B DC 1  O2 ? ? ? 1_555 B DG 12 N2 ? ? C DC 1  C DG 12 2_565 ? ? ? ? ? ? WATSON-CRICK ? ? ? 
hydrog4  hydrog ? ? B DT 2  N3 ? ? ? 1_555 B DA 11 N1 ? ? C DT 2  C DA 11 2_565 ? ? ? ? ? ? WATSON-CRICK ? ? ? 
hydrog5  hydrog ? ? B DT 2  O4 ? ? ? 1_555 B DA 11 N6 ? ? C DT 2  C DA 11 2_565 ? ? ? ? ? ? WATSON-CRICK ? ? ? 
hydrog6  hydrog ? ? B DC 3  N3 ? ? ? 1_555 B DG 10 N1 ? ? C DC 3  C DG 10 2_565 ? ? ? ? ? ? WATSON-CRICK ? ? ? 
hydrog7  hydrog ? ? B DC 3  N4 ? ? ? 1_555 B DG 10 O6 ? ? C DC 3  C DG 10 2_565 ? ? ? ? ? ? WATSON-CRICK ? ? ? 
hydrog8  hydrog ? ? B DC 3  O2 ? ? ? 1_555 B DG 10 N2 ? ? C DC 3  C DG 10 2_565 ? ? ? ? ? ? WATSON-CRICK ? ? ? 
hydrog9  hydrog ? ? B DT 4  N3 ? ? ? 1_555 B DA 9  N1 ? ? C DT 4  C DA 9  2_565 ? ? ? ? ? ? WATSON-CRICK ? ? ? 
hydrog10 hydrog ? ? B DT 4  O4 ? ? ? 1_555 B DA 9  N6 ? ? C DT 4  C DA 9  2_565 ? ? ? ? ? ? WATSON-CRICK ? ? ? 
hydrog11 hydrog ? ? B DC 5  N3 ? ? ? 1_555 B DG 8  N1 ? ? C DC 5  C DG 8  2_565 ? ? ? ? ? ? WATSON-CRICK ? ? ? 
hydrog12 hydrog ? ? B DC 5  N4 ? ? ? 1_555 B DG 8  O6 ? ? C DC 5  C DG 8  2_565 ? ? ? ? ? ? WATSON-CRICK ? ? ? 
hydrog13 hydrog ? ? B DC 5  O2 ? ? ? 1_555 B DG 8  N2 ? ? C DC 5  C DG 8  2_565 ? ? ? ? ? ? WATSON-CRICK ? ? ? 
hydrog14 hydrog ? ? B DG 6  N1 ? ? ? 1_555 B DC 7  N3 ? ? C DG 6  C DC 7  2_565 ? ? ? ? ? ? WATSON-CRICK ? ? ? 
hydrog15 hydrog ? ? B DG 6  N2 ? ? ? 1_555 B DC 7  O2 ? ? C DG 6  C DC 7  2_565 ? ? ? ? ? ? WATSON-CRICK ? ? ? 
hydrog16 hydrog ? ? B DG 6  O6 ? ? ? 1_555 B DC 7  N4 ? ? C DG 6  C DC 7  2_565 ? ? ? ? ? ? WATSON-CRICK ? ? ? 
hydrog17 hydrog ? ? B DC 7  N3 ? ? ? 1_555 B DG 6  N1 ? ? C DC 7  C DG 6  2_565 ? ? ? ? ? ? WATSON-CRICK ? ? ? 
hydrog18 hydrog ? ? B DC 7  N4 ? ? ? 1_555 B DG 6  O6 ? ? C DC 7  C DG 6  2_565 ? ? ? ? ? ? WATSON-CRICK ? ? ? 
hydrog19 hydrog ? ? B DC 7  O2 ? ? ? 1_555 B DG 6  N2 ? ? C DC 7  C DG 6  2_565 ? ? ? ? ? ? WATSON-CRICK ? ? ? 
hydrog20 hydrog ? ? B DG 8  N1 ? ? ? 1_555 B DC 5  N3 ? ? C DG 8  C DC 5  2_565 ? ? ? ? ? ? WATSON-CRICK ? ? ? 
hydrog21 hydrog ? ? B DG 8  N2 ? ? ? 1_555 B DC 5  O2 ? ? C DG 8  C DC 5  2_565 ? ? ? ? ? ? WATSON-CRICK ? ? ? 
hydrog22 hydrog ? ? B DG 8  O6 ? ? ? 1_555 B DC 5  N4 ? ? C DG 8  C DC 5  2_565 ? ? ? ? ? ? WATSON-CRICK ? ? ? 
hydrog23 hydrog ? ? B DA 9  N1 ? ? ? 1_555 B DT 4  N3 ? ? C DA 9  C DT 4  2_565 ? ? ? ? ? ? WATSON-CRICK ? ? ? 
hydrog24 hydrog ? ? B DA 9  N6 ? ? ? 1_555 B DT 4  O4 ? ? C DA 9  C DT 4  2_565 ? ? ? ? ? ? WATSON-CRICK ? ? ? 
hydrog25 hydrog ? ? B DG 10 N1 ? ? ? 1_555 B DC 3  N3 ? ? C DG 10 C DC 3  2_565 ? ? ? ? ? ? WATSON-CRICK ? ? ? 
hydrog26 hydrog ? ? B DG 10 N2 ? ? ? 1_555 B DC 3  O2 ? ? C DG 10 C DC 3  2_565 ? ? ? ? ? ? WATSON-CRICK ? ? ? 
hydrog27 hydrog ? ? B DG 10 O6 ? ? ? 1_555 B DC 3  N4 ? ? C DG 10 C DC 3  2_565 ? ? ? ? ? ? WATSON-CRICK ? ? ? 
hydrog28 hydrog ? ? B DA 11 N1 ? ? ? 1_555 B DT 2  N3 ? ? C DA 11 C DT 2  2_565 ? ? ? ? ? ? WATSON-CRICK ? ? ? 
hydrog29 hydrog ? ? B DA 11 N6 ? ? ? 1_555 B DT 2  O4 ? ? C DA 11 C DT 2  2_565 ? ? ? ? ? ? WATSON-CRICK ? ? ? 
hydrog30 hydrog ? ? B DG 12 N1 ? ? ? 1_555 B DC 1  N3 ? ? C DG 12 C DC 1  2_565 ? ? ? ? ? ? WATSON-CRICK ? ? ? 
hydrog31 hydrog ? ? B DG 12 N2 ? ? ? 1_555 B DC 1  O2 ? ? C DG 12 C DC 1  2_565 ? ? ? ? ? ? WATSON-CRICK ? ? ? 
hydrog32 hydrog ? ? B DG 12 O6 ? ? ? 1_555 B DC 1  N4 ? ? C DG 12 C DC 1  2_565 ? ? ? ? ? ? WATSON-CRICK ? ? ? 
# 
_struct_conn_type.id          hydrog 
_struct_conn_type.criteria    ? 
_struct_conn_type.reference   ? 
# 
_atom_sites.entry_id                    7YUL 
_atom_sites.Cartn_transf_matrix[1][1]   ? 
_atom_sites.Cartn_transf_matrix[1][2]   ? 
_atom_sites.Cartn_transf_matrix[1][3]   ? 
_atom_sites.Cartn_transf_matrix[2][1]   ? 
_atom_sites.Cartn_transf_matrix[2][2]   ? 
_atom_sites.Cartn_transf_matrix[2][3]   ? 
_atom_sites.Cartn_transf_matrix[3][1]   ? 
_atom_sites.Cartn_transf_matrix[3][2]   ? 
_atom_sites.Cartn_transf_matrix[3][3]   ? 
_atom_sites.Cartn_transf_vector[1]      ? 
_atom_sites.Cartn_transf_vector[2]      ? 
_atom_sites.Cartn_transf_vector[3]      ? 
_atom_sites.fract_transf_matrix[1][1]   -0.01436286 
_atom_sites.fract_transf_matrix[1][2]   -0.00170085 
_atom_sites.fract_transf_matrix[1][3]   0.00053194 
_atom_sites.fract_transf_matrix[2][1]   0.00198722 
_atom_sites.fract_transf_matrix[2][2]   -0.00946755 
_atom_sites.fract_transf_matrix[2][3]   0.02338505 
_atom_sites.fract_transf_matrix[3][1]   -0.00216937 
_atom_sites.fract_transf_matrix[3][2]   0.02104108 
_atom_sites.fract_transf_matrix[3][3]   0.00870293 
_atom_sites.fract_transf_vector[1]      0.158671 
_atom_sites.fract_transf_vector[2]      0.310163 
_atom_sites.fract_transf_vector[3]      0.247119 
_atom_sites.solution_primary            ? 
_atom_sites.solution_secondary          ? 
_atom_sites.solution_hydrogens          ? 
_atom_sites.special_details             ? 
# 
loop_
_atom_type.symbol 
C 
N 
O 
P 
S 
# 
loop_
_atom_site.group_PDB 
_atom_site.id 
_atom_site.type_symbol 
_atom_site.label_atom_id 
_atom_site.label_alt_id 
_atom_site.label_comp_id 
_atom_site.label_asym_id 
_atom_site.label_entity_id 
_atom_site.label_seq_id 
_atom_site.pdbx_PDB_ins_code 
_atom_site.Cartn_x 
_atom_site.Cartn_y 
_atom_site.Cartn_z 
_atom_site.occupancy 
_atom_site.B_iso_or_equiv 
_atom_site.pdbx_formal_charge 
_atom_site.auth_seq_id 
_atom_site.auth_comp_id 
_atom_site.auth_asym_id 
_atom_site.auth_atom_id 
_atom_site.pdbx_PDB_model_num 
ATOM   1    N N     . PHE A 1 6  ? -14.618 -6.684  -1.502  1.00 34.01 ? 174 PHE A N     1 
ATOM   2    C CA    . PHE A 1 6  ? -13.414 -6.264  -2.302  1.00 31.77 ? 174 PHE A CA    1 
ATOM   3    C C     . PHE A 1 6  ? -12.426 -7.433  -2.489  1.00 30.33 ? 174 PHE A C     1 
ATOM   4    O O     . PHE A 1 6  ? -11.894 -8.016  -1.489  1.00 30.26 ? 174 PHE A O     1 
ATOM   5    C CB    . PHE A 1 6  ? -12.741 -5.057  -1.641  1.00 33.92 ? 174 PHE A CB    1 
ATOM   6    C CG    . PHE A 1 6  ? -11.403 -4.678  -2.224  1.00 29.86 ? 174 PHE A CG    1 
ATOM   7    C CD1   . PHE A 1 6  ? -11.306 -3.727  -3.237  1.00 33.82 ? 174 PHE A CD1   1 
ATOM   8    C CD2   . PHE A 1 6  ? -10.244 -5.286  -1.764  1.00 26.94 ? 174 PHE A CD2   1 
ATOM   9    C CE1   . PHE A 1 6  ? -10.068 -3.388  -3.772  1.00 32.03 ? 174 PHE A CE1   1 
ATOM   10   C CE2   . PHE A 1 6  ? -9.007  -4.941  -2.287  1.00 26.00 ? 174 PHE A CE2   1 
ATOM   11   C CZ    . PHE A 1 6  ? -8.921  -3.995  -3.289  1.00 30.38 ? 174 PHE A CZ    1 
ATOM   12   N N     . GLN A 1 7  ? -12.134 -7.714  -3.767  1.00 26.79 ? 175 GLN A N     1 
ATOM   13   C CA    . GLN A 1 7  ? -11.229 -8.783  -4.256  1.00 25.29 ? 175 GLN A CA    1 
ATOM   14   C C     . GLN A 1 7  ? -10.433 -8.230  -5.438  1.00 21.69 ? 175 GLN A C     1 
ATOM   15   O O     . GLN A 1 7  ? -11.041 -7.738  -6.383  1.00 19.93 ? 175 GLN A O     1 
ATOM   16   C CB    . GLN A 1 7  ? -12.012 -10.014 -4.726  1.00 31.81 ? 175 GLN A CB    1 
ATOM   17   C CG    . GLN A 1 7  ? -11.802 -11.213 -3.818  1.00 39.53 ? 175 GLN A CG    1 
ATOM   18   C CD    . GLN A 1 7  ? -12.910 -12.221 -3.970  1.00 44.17 ? 175 GLN A CD    1 
ATOM   19   O OE1   . GLN A 1 7  ? -13.360 -12.501 -5.077  1.00 49.19 ? 175 GLN A OE1   1 
ATOM   20   N NE2   . GLN A 1 7  ? -13.374 -12.738 -2.844  1.00 45.50 ? 175 GLN A NE2   1 
ATOM   21   N N     . ILE A 1 8  ? -9.116  -8.305  -5.358  1.00 18.78 ? 176 ILE A N     1 
ATOM   22   C CA    . ILE A 1 8  ? -8.221  -7.939  -6.481  1.00 17.94 ? 176 ILE A CA    1 
ATOM   23   C C     . ILE A 1 8  ? -8.345  -9.015  -7.560  1.00 17.91 ? 176 ILE A C     1 
ATOM   24   O O     . ILE A 1 8  ? -8.317  -10.233 -7.220  1.00 19.88 ? 176 ILE A O     1 
ATOM   25   C CB    . ILE A 1 8  ? -6.775  -7.792  -5.980  1.00 16.87 ? 176 ILE A CB    1 
ATOM   26   C CG1   . ILE A 1 8  ? -6.677  -6.589  -5.037  1.00 16.42 ? 176 ILE A CG1   1 
ATOM   27   C CG2   . ILE A 1 8  ? -5.824  -7.731  -7.164  1.00 17.10 ? 176 ILE A CG2   1 
ATOM   28   C CD1   . ILE A 1 8  ? -5.382  -6.513  -4.309  1.00 16.40 ? 176 ILE A CD1   1 
ATOM   29   N N     . GLU A 1 9  ? -8.499  -8.586  -8.801  1.00 17.49 ? 177 GLU A N     1 
ATOM   30   C CA    . GLU A 1 9  ? -8.679  -9.535  -9.926  1.00 18.14 ? 177 GLU A CA    1 
ATOM   31   C C     . GLU A 1 9  ? -7.382  -9.678  -10.701 1.00 16.68 ? 177 GLU A C     1 
ATOM   32   O O     . GLU A 1 9  ? -6.520  -8.788  -10.627 1.00 14.14 ? 177 GLU A O     1 
ATOM   33   C CB    . GLU A 1 9  ? -9.877  -9.124  -10.746 1.00 20.66 ? 177 GLU A CB    1 
ATOM   34   C CG    . GLU A 1 9  ? -11.101 -9.303  -9.910  1.00 26.84 ? 177 GLU A CG    1 
ATOM   35   C CD    . GLU A 1 9  ? -12.370 -8.974  -10.633 1.00 29.78 ? 177 GLU A CD    1 
ATOM   36   O OE1   . GLU A 1 9  ? -12.432 -7.880  -11.223 1.00 33.27 ? 177 GLU A OE1   1 
ATOM   37   O OE2   . GLU A 1 9  ? -13.251 -9.851  -10.623 1.00 43.65 ? 177 GLU A OE2   1 
ATOM   38   N N     . LYS A 1 10 ? -7.263  -10.791 -11.420 1.00 13.95 ? 178 LYS A N     1 
ATOM   39   C CA    . LYS A 1 10 ? -6.040  -11.110 -12.175 1.00 14.19 ? 178 LYS A CA    1 
ATOM   40   C C     . LYS A 1 10 ? -5.792  -10.012 -13.192 1.00 12.76 ? 178 LYS A C     1 
ATOM   41   O O     . LYS A 1 10 ? -4.619  -9.750  -13.460 1.00 13.68 ? 178 LYS A O     1 
ATOM   42   C CB    . LYS A 1 10 ? -6.192  -12.467 -12.861 1.00 17.19 ? 178 LYS A CB    1 
ATOM   43   C CG    . LYS A 1 10 ? -6.023  -13.648 -11.934 1.00 20.40 ? 178 LYS A CG    1 
ATOM   44   C CD    . LYS A 1 10 ? -6.260  -14.988 -12.631 1.00 24.95 ? 178 LYS A CD    1 
ATOM   45   C CE    . LYS A 1 10 ? -6.069  -16.141 -11.662 1.00 30.71 ? 178 LYS A CE    1 
ATOM   46   N NZ    . LYS A 1 10 ? -6.655  -17.398 -12.186 1.00 36.56 ? 178 LYS A NZ    1 
ATOM   47   N N     . TRP A 1 11 ? -6.838  -9.366  -13.729 1.00 12.05 ? 179 TRP A N     1 
ATOM   48   C CA    . TRP A 1 11 ? -6.578  -8.332  -14.764 1.00 13.42 ? 179 TRP A CA    1 
ATOM   49   C C     . TRP A 1 11 ? -5.842  -7.138  -14.121 1.00 14.11 ? 179 TRP A C     1 
ATOM   50   O O     . TRP A 1 11 ? -5.092  -6.459  -14.810 1.00 13.82 ? 179 TRP A O     1 
ATOM   51   C CB    . TRP A 1 11 ? -7.859  -7.906  -15.479 1.00 13.71 ? 179 TRP A CB    1 
ATOM   52   C CG    . TRP A 1 11 ? -8.851  -7.165  -14.639 1.00 14.88 ? 179 TRP A CG    1 
ATOM   53   C CD1   . TRP A 1 11 ? -9.905  -7.654  -13.924 1.00 16.73 ? 179 TRP A CD1   1 
ATOM   54   C CD2   . TRP A 1 11 ? -8.833  -5.745  -14.405 1.00 15.99 ? 179 TRP A CD2   1 
ATOM   55   N NE1   . TRP A 1 11 ? -10.546 -6.623  -13.276 1.00 16.03 ? 179 TRP A NE1   1 
ATOM   56   C CE2   . TRP A 1 11 ? -9.925  -5.444  -13.578 1.00 15.96 ? 179 TRP A CE2   1 
ATOM   57   C CE3   . TRP A 1 11 ? -7.998  -4.707  -14.850 1.00 18.10 ? 179 TRP A CE3   1 
ATOM   58   C CZ2   . TRP A 1 11 ? -10.216 -4.135  -13.181 1.00 18.00 ? 179 TRP A CZ2   1 
ATOM   59   C CZ3   . TRP A 1 11 ? -8.272  -3.419  -14.434 1.00 19.99 ? 179 TRP A CZ3   1 
ATOM   60   C CH2   . TRP A 1 11 ? -9.374  -3.147  -13.626 1.00 18.18 ? 179 TRP A CH2   1 
ATOM   61   N N     . GLN A 1 12 ? -6.070  -6.900  -12.831 1.00 13.30 ? 180 GLN A N     1 
ATOM   62   C CA    . GLN A 1 12 ? -5.351  -5.824  -12.110 1.00 13.98 ? 180 GLN A CA    1 
ATOM   63   C C     . GLN A 1 12 ? -3.893  -6.276  -11.895 1.00 14.85 ? 180 GLN A C     1 
ATOM   64   O O     . GLN A 1 12 ? -2.990  -5.492  -12.082 1.00 19.29 ? 180 GLN A O     1 
ATOM   65   C CB    . GLN A 1 12 ? -6.133  -5.521  -10.833 1.00 14.70 ? 180 GLN A CB    1 
ATOM   66   C CG    . GLN A 1 12 ? -7.495  -4.900  -11.075 1.00 15.79 ? 180 GLN A CG    1 
ATOM   67   C CD    . GLN A 1 12 ? -8.365  -4.836  -9.840  1.00 17.31 ? 180 GLN A CD    1 
ATOM   68   O OE1   . GLN A 1 12 ? -8.489  -5.796  -9.090  1.00 19.66 ? 180 GLN A OE1   1 
ATOM   69   N NE2   . GLN A 1 12 ? -8.948  -3.678  -9.579  1.00 17.99 ? 180 GLN A NE2   1 
ATOM   70   N N     . ILE A 1 13 ? -3.658  -7.497  -11.440 1.00 18.12 ? 181 ILE A N     1 
ATOM   71   C CA    . ILE A 1 13 ? -2.299  -8.053  -11.137 1.00 17.13 ? 181 ILE A CA    1 
ATOM   72   C C     . ILE A 1 13 ? -1.484  -8.091  -12.448 1.00 20.58 ? 181 ILE A C     1 
ATOM   73   O O     . ILE A 1 13 ? -0.258  -7.827  -12.415 1.00 17.72 ? 181 ILE A O     1 
ATOM   74   C CB    . ILE A 1 13 ? -2.502  -9.414  -10.423 1.00 19.23 ? 181 ILE A CB    1 
ATOM   75   C CG1   . ILE A 1 13 ? -3.121  -9.201  -9.034  1.00 21.28 ? 181 ILE A CG1   1 
ATOM   76   C CG2   . ILE A 1 13 ? -1.251  -10.280 -10.301 1.00 19.80 ? 181 ILE A CG2   1 
ATOM   77   C CD1   . ILE A 1 13 ? -3.853  -10.412 -8.485  1.00 22.75 ? 181 ILE A CD1   1 
ATOM   78   N N     . ALA A 1 14 ? -2.126  -8.407  -13.591 1.00 19.79 ? 182 ALA A N     1 
ATOM   79   C CA    . ALA A 1 14 ? -1.472  -8.588  -14.918 1.00 20.49 ? 182 ALA A CA    1 
ATOM   80   C C     . ALA A 1 14 ? -0.732  -7.318  -15.347 1.00 21.20 ? 182 ALA A C     1 
ATOM   81   O O     . ALA A 1 14 ? 0.271   -7.435  -16.067 1.00 21.10 ? 182 ALA A O     1 
ATOM   82   C CB    . ALA A 1 14 ? -2.499  -8.955  -15.967 1.00 21.25 ? 182 ALA A CB    1 
ATOM   83   N N     . ARG A 1 15 ? -1.191  -6.156  -14.879 1.00 22.18 ? 183 ARG A N     1 
ATOM   84   C CA    . ARG A 1 15 ? -0.665  -4.826  -15.255 1.00 22.86 ? 183 ARG A CA    1 
ATOM   85   C C     . ARG A 1 15 ? 0.490   -4.379  -14.345 1.00 20.90 ? 183 ARG A C     1 
ATOM   86   O O     . ARG A 1 15 ? 0.898   -3.202  -14.479 1.00 24.12 ? 183 ARG A O     1 
ATOM   87   C CB    . ARG A 1 15 ? -1.808  -3.820  -15.058 1.00 24.84 ? 183 ARG A CB    1 
ATOM   88   C CG    . ARG A 1 15 ? -3.011  -4.170  -15.915 1.00 27.13 ? 183 ARG A CG    1 
ATOM   89   C CD    . ARG A 1 15 ? -4.000  -3.045  -16.102 1.00 28.55 ? 183 ARG A CD    1 
ATOM   90   N NE    . ARG A 1 15 ? -4.845  -3.486  -17.213 1.00 33.37 ? 183 ARG A NE    1 
ATOM   91   C CZ    . ARG A 1 15 ? -5.653  -2.719  -17.939 1.00 36.28 ? 183 ARG A CZ    1 
ATOM   92   N NH1   . ARG A 1 15 ? -5.730  -1.422  -17.711 1.00 37.97 ? 183 ARG A NH1   1 
ATOM   93   N NH2   . ARG A 1 15 ? -6.373  -3.266  -18.904 1.00 37.54 ? 183 ARG A NH2   1 
ATOM   94   N N     . CYS A 1 16 ? 0.964   -5.230  -13.438 1.00 18.39 ? 184 CYS A N     1 
ATOM   95   C CA    . CYS A 1 16 ? 1.963   -4.835  -12.415 1.00 17.72 ? 184 CYS A CA    1 
ATOM   96   C C     . CYS A 1 16 ? 3.319   -5.493  -12.662 1.00 20.40 ? 184 CYS A C     1 
ATOM   97   O O     . CYS A 1 16 ? 3.348   -6.712  -12.972 1.00 20.22 ? 184 CYS A O     1 
ATOM   98   C CB    . CYS A 1 16 ? 1.452   -5.209  -11.040 1.00 15.83 ? 184 CYS A CB    1 
ATOM   99   S SG    . CYS A 1 16 ? -0.088  -4.320  -10.679 1.00 15.88 ? 184 CYS A SG    1 
ATOM   100  N N     . ASN A 1 17 ? 4.396   -4.744  -12.388 1.00 20.32 ? 185 ASN A N     1 
ATOM   101  C CA    . ASN A 1 17 ? 5.793   -5.260  -12.356 1.00 22.18 ? 185 ASN A CA    1 
ATOM   102  C C     . ASN A 1 17 ? 5.908   -6.452  -11.383 1.00 23.73 ? 185 ASN A C     1 
ATOM   103  O O     . ASN A 1 17 ? 5.502   -6.319  -10.221 1.00 20.88 ? 185 ASN A O     1 
ATOM   104  C CB    . ASN A 1 17 ? 6.727   -4.113  -11.991 1.00 24.80 ? 185 ASN A CB    1 
ATOM   105  C CG    . ASN A 1 17 ? 8.190   -4.472  -12.078 1.00 27.86 ? 185 ASN A CG    1 
ATOM   106  O OD1   . ASN A 1 17 ? 8.565   -5.634  -11.952 1.00 33.42 ? 185 ASN A OD1   1 
ATOM   107  N ND2   . ASN A 1 17 ? 9.010   -3.471  -12.297 1.00 28.75 ? 185 ASN A ND2   1 
ATOM   108  N N     . LYS A 1 18 ? 6.436   -7.594  -11.827 1.00 20.70 ? 186 LYS A N     1 
ATOM   109  C CA    . LYS A 1 18 ? 6.531   -8.833  -11.007 1.00 23.90 ? 186 LYS A CA    1 
ATOM   110  C C     . LYS A 1 18 ? 7.967   -9.129  -10.591 1.00 22.38 ? 186 LYS A C     1 
ATOM   111  O O     . LYS A 1 18 ? 8.190   -10.201 -10.043 1.00 28.12 ? 186 LYS A O     1 
ATOM   112  C CB    . LYS A 1 18 ? 6.114   -10.071 -11.798 1.00 26.59 ? 186 LYS A CB    1 
ATOM   113  C CG    . LYS A 1 18 ? 4.778   -9.949  -12.492 1.00 28.20 ? 186 LYS A CG    1 
ATOM   114  C CD    . LYS A 1 18 ? 3.639   -10.082 -11.524 1.00 28.09 ? 186 LYS A CD    1 
ATOM   115  C CE    . LYS A 1 18 ? 2.336   -10.227 -12.264 1.00 29.37 ? 186 LYS A CE    1 
ATOM   116  N NZ    . LYS A 1 18 ? 2.170   -9.148  -13.258 1.00 28.35 ? 186 LYS A NZ    1 
ATOM   117  N N     . SER A 1 19 ? 8.907   -8.259  -10.910 1.00 25.59 ? 187 SER A N     1 
ATOM   118  C CA    . SER A 1 19 ? 10.354  -8.496  -10.675 1.00 26.83 ? 187 SER A CA    1 
ATOM   119  C C     . SER A 1 19 ? 10.677  -8.302  -9.183  1.00 22.87 ? 187 SER A C     1 
ATOM   120  O O     . SER A 1 19 ? 11.480  -9.076  -8.643  1.00 19.72 ? 187 SER A O     1 
ATOM   121  C CB    . SER A 1 19 ? 11.172  -7.577  -11.538 1.00 30.14 ? 187 SER A CB    1 
ATOM   122  O OG    . SER A 1 19 ? 11.150  -6.252  -11.020 1.00 34.10 ? 187 SER A OG    1 
ATOM   123  N N     . LYS A 1 20 ? 10.045  -7.330  -8.513  1.00 19.25 ? 188 LYS A N     1 
ATOM   124  C CA    . LYS A 1 20 ? 10.419  -6.952  -7.125  1.00 19.27 ? 188 LYS A CA    1 
ATOM   125  C C     . LYS A 1 20 ? 9.147   -6.557  -6.373  1.00 14.75 ? 188 LYS A C     1 
ATOM   126  O O     . LYS A 1 20 ? 8.303   -5.887  -6.936  1.00 14.35 ? 188 LYS A O     1 
ATOM   127  C CB    . LYS A 1 20 ? 11.350  -5.730  -7.123  1.00 24.43 ? 188 LYS A CB    1 
ATOM   128  C CG    . LYS A 1 20 ? 12.695  -5.894  -7.814  1.00 30.16 ? 188 LYS A CG    1 
ATOM   129  C CD    . LYS A 1 20 ? 13.520  -6.979  -7.129  1.00 34.72 ? 188 LYS A CD    1 
ATOM   130  C CE    . LYS A 1 20 ? 15.010  -6.881  -7.387  1.00 40.71 ? 188 LYS A CE    1 
ATOM   131  N NZ    . LYS A 1 20 ? 15.732  -8.005  -6.746  1.00 43.52 ? 188 LYS A NZ    1 
ATOM   132  N N     . PRO A 1 21 ? 8.993   -6.914  -5.091  1.00 13.53 ? 189 PRO A N     1 
ATOM   133  C CA    . PRO A 1 21 ? 7.722   -6.680  -4.406  1.00 12.47 ? 189 PRO A CA    1 
ATOM   134  C C     . PRO A 1 21 ? 7.409   -5.176  -4.287  1.00 11.12 ? 189 PRO A C     1 
ATOM   135  O O     . PRO A 1 21 ? 6.263   -4.829  -4.431  1.00 10.87 ? 189 PRO A O     1 
ATOM   136  C CB    . PRO A 1 21 ? 7.895   -7.316  -3.028  1.00 13.66 ? 189 PRO A CB    1 
ATOM   137  C CG    . PRO A 1 21 ? 9.394   -7.589  -2.884  1.00 13.62 ? 189 PRO A CG    1 
ATOM   138  C CD    . PRO A 1 21 ? 9.958   -7.689  -4.291  1.00 13.42 ? 189 PRO A CD    1 
ATOM   139  N N     . GLN A 1 22 ? 8.402   -4.305  -4.076  1.00 10.45 ? 190 GLN A N     1 
ATOM   140  C CA    . GLN A 1 22 ? 8.055   -2.861  -3.914  1.00 10.17 ? 190 GLN A CA    1 
ATOM   141  C C     . GLN A 1 22 ? 7.524   -2.345  -5.247  1.00 9.73  ? 190 GLN A C     1 
ATOM   142  O O     . GLN A 1 22 ? 6.602   -1.513  -5.247  1.00 9.82  ? 190 GLN A O     1 
ATOM   143  C CB    . GLN A 1 22 ? 9.262   -2.032  -3.481  1.00 9.99  ? 190 GLN A CB    1 
ATOM   144  C CG    . GLN A 1 22 ? 8.901   -0.567  -3.240  1.00 9.58  ? 190 GLN A CG    1 
ATOM   145  C CD    . GLN A 1 22 ? 8.036   -0.354  -2.029  1.00 10.07 ? 190 GLN A CD    1 
ATOM   146  O OE1   . GLN A 1 22 ? 8.432   -0.625  -0.899  1.00 10.92 ? 190 GLN A OE1   1 
ATOM   147  N NE2   . GLN A 1 22 ? 6.843   0.185   -2.252  1.00 10.24 ? 190 GLN A NE2   1 
ATOM   148  N N     . LYS A 1 23 ? 8.099   -2.793  -6.356  1.00 10.27 ? 191 LYS A N     1 
ATOM   149  C CA    . LYS A 1 23 ? 7.646   -2.352  -7.690  1.00 11.26 ? 191 LYS A CA    1 
ATOM   150  C C     . LYS A 1 23 ? 6.250   -2.899  -7.950  1.00 10.63 ? 191 LYS A C     1 
ATOM   151  O O     . LYS A 1 23 ? 5.428   -2.167  -8.532  1.00 10.71 ? 191 LYS A O     1 
ATOM   152  C CB    . LYS A 1 23 ? 8.611   -2.790  -8.790  1.00 12.24 ? 191 LYS A CB    1 
ATOM   153  C CG    . LYS A 1 23 ? 10.025  -2.247  -8.643  1.00 13.63 ? 191 LYS A CG    1 
ATOM   154  C CD    . LYS A 1 23 ? 10.121  -0.733  -8.624  1.00 13.16 ? 191 LYS A CD    1 
ATOM   155  C CE    . LYS A 1 23 ? 11.565  -0.250  -8.597  1.00 14.72 ? 191 LYS A CE    1 
ATOM   156  N NZ    . LYS A 1 23 ? 11.626  1.232   -8.437  1.00 14.34 ? 191 LYS A NZ    1 
ATOM   157  N N     . PHE A 1 24 ? 5.978   -4.134  -7.519  1.00 11.11 ? 192 PHE A N     1 
ATOM   158  C CA    . PHE A 1 24 ? 4.635   -4.729  -7.690  1.00 10.44 ? 192 PHE A CA    1 
ATOM   159  C C     . PHE A 1 24 ? 3.602   -3.913  -6.887  1.00 10.75 ? 192 PHE A C     1 
ATOM   160  O O     . PHE A 1 24 ? 2.553   -3.507  -7.422  1.00 10.58 ? 192 PHE A O     1 
ATOM   161  C CB    . PHE A 1 24 ? 4.653   -6.186  -7.252  1.00 11.27 ? 192 PHE A CB    1 
ATOM   162  C CG    . PHE A 1 24 ? 3.272   -6.759  -7.258  1.00 12.11 ? 192 PHE A CG    1 
ATOM   163  C CD1   . PHE A 1 24 ? 2.660   -7.087  -8.460  1.00 12.93 ? 192 PHE A CD1   1 
ATOM   164  C CD2   . PHE A 1 24 ? 2.552   -6.879  -6.081  1.00 12.31 ? 192 PHE A CD2   1 
ATOM   165  C CE1   . PHE A 1 24 ? 1.355   -7.562  -8.465  1.00 13.62 ? 192 PHE A CE1   1 
ATOM   166  C CE2   . PHE A 1 24 ? 1.269   -7.389  -6.101  1.00 12.09 ? 192 PHE A CE2   1 
ATOM   167  C CZ    . PHE A 1 24 ? 0.674   -7.727  -7.291  1.00 13.01 ? 192 PHE A CZ    1 
ATOM   168  N N     . ILE A 1 25 ? 3.894   -3.642  -5.612  1.00 10.27 ? 193 ILE A N     1 
ATOM   169  C CA    . ILE A 1 25 ? 2.999   -2.830  -4.733  1.00 9.85  ? 193 ILE A CA    1 
ATOM   170  C C     . ILE A 1 25 ? 2.786   -1.450  -5.368  1.00 9.51  ? 193 ILE A C     1 
ATOM   171  O O     . ILE A 1 25 ? 1.676   -0.987  -5.402  1.00 8.87  ? 193 ILE A O     1 
ATOM   172  C CB    . ILE A 1 25 ? 3.628   -2.738  -3.325  1.00 11.53 ? 193 ILE A CB    1 
ATOM   173  C CG1   . ILE A 1 25 ? 3.495   -4.075  -2.606  1.00 12.51 ? 193 ILE A CG1   1 
ATOM   174  C CG2   . ILE A 1 25 ? 3.010   -1.603  -2.528  1.00 10.59 ? 193 ILE A CG2   1 
ATOM   175  C CD1   . ILE A 1 25 ? 2.092   -4.307  -2.142  1.00 14.54 ? 193 ILE A CD1   1 
ATOM   176  N N     . ASN A 1 26 ? 3.837   -0.793  -5.850  1.00 9.49  ? 194 ASN A N     1 
ATOM   177  C CA    . ASN A 1 26 ? 3.690   0.581   -6.401  1.00 9.87  ? 194 ASN A CA    1 
ATOM   178  C C     . ASN A 1 26 ? 2.703   0.542   -7.575  1.00 10.36 ? 194 ASN A C     1 
ATOM   179  O O     . ASN A 1 26 ? 1.820   1.363   -7.602  1.00 10.15 ? 194 ASN A O     1 
ATOM   180  C CB    . ASN A 1 26 ? 5.007   1.155   -6.883  1.00 10.42 ? 194 ASN A CB    1 
ATOM   181  C CG    . ASN A 1 26 ? 5.953   1.426   -5.745  1.00 10.25 ? 194 ASN A CG    1 
ATOM   182  O OD1   . ASN A 1 26 ? 5.568   1.351   -4.575  1.00 9.36  ? 194 ASN A OD1   1 
ATOM   183  N ND2   . ASN A 1 26 ? 7.151   1.817   -6.110  1.00 10.71 ? 194 ASN A ND2   1 
ATOM   184  N N     . ASP A 1 27 ? 2.788   -0.470  -8.427  1.00 10.20 ? 195 ASP A N     1 
ATOM   185  C CA    . ASP A 1 27 ? 1.925   -0.549  -9.622  1.00 11.25 ? 195 ASP A CA    1 
ATOM   186  C C     . ASP A 1 27 ? 0.504   -0.888  -9.151  1.00 11.51 ? 195 ASP A C     1 
ATOM   187  O O     . ASP A 1 27 ? -0.455  -0.331  -9.713  1.00 12.56 ? 195 ASP A O     1 
ATOM   188  C CB    . ASP A 1 27 ? 2.457   -1.566  -10.627 1.00 11.20 ? 195 ASP A CB    1 
ATOM   189  C CG    . ASP A 1 27 ? 3.626   -1.121  -11.474 1.00 12.71 ? 195 ASP A CG    1 
ATOM   190  O OD1   . ASP A 1 27 ? 3.968   0.066   -11.456 1.00 13.00 ? 195 ASP A OD1   1 
ATOM   191  O OD2   . ASP A 1 27 ? 4.178   -2.001  -12.151 1.00 13.20 ? 195 ASP A OD2   1 
ATOM   192  N N     . LEU A 1 28 ? 0.381   -1.881  -8.278  1.00 10.67 ? 196 LEU A N     1 
ATOM   193  C CA    . LEU A 1 28 ? -0.935  -2.422  -7.869  1.00 11.06 ? 196 LEU A CA    1 
ATOM   194  C C     . LEU A 1 28 ? -1.712  -1.301  -7.179  1.00 10.79 ? 196 LEU A C     1 
ATOM   195  O O     . LEU A 1 28 ? -2.931  -1.074  -7.510  1.00 11.23 ? 196 LEU A O     1 
ATOM   196  C CB    . LEU A 1 28 ? -0.767  -3.629  -6.958  1.00 10.96 ? 196 LEU A CB    1 
ATOM   197  C CG    . LEU A 1 28 ? -2.056  -4.176  -6.353  1.00 11.29 ? 196 LEU A CG    1 
ATOM   198  C CD1   . LEU A 1 28 ? -3.101  -4.513  -7.407  1.00 13.11 ? 196 LEU A CD1   1 
ATOM   199  C CD2   . LEU A 1 28 ? -1.764  -5.379  -5.504  1.00 11.69 ? 196 LEU A CD2   1 
ATOM   200  N N     A MET A 1 29 ? -1.047  -0.591  -6.252  0.50 10.71 ? 197 MET A N     1 
ATOM   201  N N     B MET A 1 29 ? -1.050  -0.544  -6.311  0.50 10.54 ? 197 MET A N     1 
ATOM   202  C CA    A MET A 1 29 ? -1.648  0.580   -5.549  0.50 10.25 ? 197 MET A CA    1 
ATOM   203  C CA    B MET A 1 29 ? -1.739  0.558   -5.598  0.50 9.99  ? 197 MET A CA    1 
ATOM   204  C C     A MET A 1 29 ? -2.100  1.623   -6.587  0.50 10.67 ? 197 MET A C     1 
ATOM   205  C C     B MET A 1 29 ? -2.074  1.699   -6.567  0.50 10.47 ? 197 MET A C     1 
ATOM   206  O O     A MET A 1 29 ? -3.208  2.171   -6.431  0.50 10.54 ? 197 MET A O     1 
ATOM   207  O O     B MET A 1 29 ? -3.106  2.351   -6.394  0.50 10.26 ? 197 MET A O     1 
ATOM   208  C CB    A MET A 1 29 ? -0.676  1.240   -4.572  0.50 10.21 ? 197 MET A CB    1 
ATOM   209  C CB    B MET A 1 29 ? -0.878  0.994   -4.427  0.50 9.66  ? 197 MET A CB    1 
ATOM   210  C CG    A MET A 1 29 ? -0.314  0.416   -3.352  0.50 10.59 ? 197 MET A CG    1 
ATOM   211  C CG    B MET A 1 29 ? -0.796  -0.123  -3.430  0.50 9.96  ? 197 MET A CG    1 
ATOM   212  S SD    A MET A 1 29 ? -1.633  0.196   -2.136  0.50 10.46 ? 197 MET A SD    1 
ATOM   213  S SD    B MET A 1 29 ? -0.018  0.402   -1.932  0.50 9.82  ? 197 MET A SD    1 
ATOM   214  C CE    A MET A 1 29 ? -1.621  1.746   -1.241  0.50 11.06 ? 197 MET A CE    1 
ATOM   215  C CE    B MET A 1 29 ? -1.038  1.802   -1.487  0.50 10.46 ? 197 MET A CE    1 
ATOM   216  N N     . GLN A 1 30 ? -1.298  1.874   -7.622  1.00 11.41 ? 198 GLN A N     1 
ATOM   217  C CA    . GLN A 1 30 ? -1.648  2.875   -8.662  1.00 12.35 ? 198 GLN A CA    1 
ATOM   218  C C     . GLN A 1 30 ? -2.857  2.382   -9.475  1.00 11.99 ? 198 GLN A C     1 
ATOM   219  O O     . GLN A 1 30 ? -3.609  3.214   -9.960  1.00 11.07 ? 198 GLN A O     1 
ATOM   220  C CB    . GLN A 1 30 ? -0.440  3.129   -9.548  1.00 15.37 ? 198 GLN A CB    1 
ATOM   221  C CG    . GLN A 1 30 ? -0.656  4.325   -10.427 1.00 20.54 ? 198 GLN A CG    1 
ATOM   222  C CD    . GLN A 1 30 ? 0.535   4.611   -11.293 1.00 30.30 ? 198 GLN A CD    1 
ATOM   223  O OE1   . GLN A 1 30 ? 1.337   5.493   -10.992 1.00 42.45 ? 198 GLN A OE1   1 
ATOM   224  N NE2   . GLN A 1 30 ? 0.655   3.850   -12.376 1.00 36.14 ? 198 GLN A NE2   1 
ATOM   225  N N     . VAL A 1 31 ? -3.007  1.082   -9.645  1.00 12.19 ? 199 VAL A N     1 
ATOM   226  C CA    . VAL A 1 31 ? -4.203  0.481   -10.325 1.00 13.82 ? 199 VAL A CA    1 
ATOM   227  C C     . VAL A 1 31 ? -5.425  0.713   -9.444  1.00 13.93 ? 199 VAL A C     1 
ATOM   228  O O     . VAL A 1 31 ? -6.479  1.129   -9.977  1.00 12.89 ? 199 VAL A O     1 
ATOM   229  C CB    . VAL A 1 31 ? -4.017  -1.012  -10.684 1.00 14.76 ? 199 VAL A CB    1 
ATOM   230  C CG1   . VAL A 1 31 ? -5.334  -1.670  -11.056 1.00 15.33 ? 199 VAL A CG1   1 
ATOM   231  C CG2   . VAL A 1 31 ? -3.021  -1.178  -11.810 1.00 14.74 ? 199 VAL A CG2   1 
ATOM   232  N N     . LEU A 1 32 ? -5.307  0.471   -8.143  1.00 12.49 ? 200 LEU A N     1 
ATOM   233  C CA    . LEU A 1 32 ? -6.474  0.473   -7.232  1.00 12.04 ? 200 LEU A CA    1 
ATOM   234  C C     . LEU A 1 32 ? -6.915  1.884   -6.834  1.00 12.21 ? 200 LEU A C     1 
ATOM   235  O O     . LEU A 1 32 ? -8.107  2.073   -6.621  1.00 11.80 ? 200 LEU A O     1 
ATOM   236  C CB    . LEU A 1 32 ? -6.110  -0.324  -5.985  1.00 11.81 ? 200 LEU A CB    1 
ATOM   237  C CG    . LEU A 1 32 ? -5.895  -1.814  -6.216  1.00 12.30 ? 200 LEU A CG    1 
ATOM   238  C CD1   . LEU A 1 32 ? -5.391  -2.472  -4.953  1.00 13.40 ? 200 LEU A CD1   1 
ATOM   239  C CD2   . LEU A 1 32 ? -7.191  -2.444  -6.706  1.00 13.57 ? 200 LEU A CD2   1 
ATOM   240  N N     . TYR A 1 33 ? -5.986  2.818   -6.636  1.00 11.43 ? 201 TYR A N     1 
ATOM   241  C CA    . TYR A 1 33 ? -6.234  4.074   -5.882  1.00 11.16 ? 201 TYR A CA    1 
ATOM   242  C C     . TYR A 1 33 ? -5.766  5.264   -6.701  1.00 12.06 ? 201 TYR A C     1 
ATOM   243  O O     . TYR A 1 33 ? -4.779  5.162   -7.481  1.00 10.95 ? 201 TYR A O     1 
ATOM   244  C CB    . TYR A 1 33 ? -5.478  4.109   -4.548  1.00 11.18 ? 201 TYR A CB    1 
ATOM   245  C CG    . TYR A 1 33 ? -5.801  2.925   -3.685  1.00 10.86 ? 201 TYR A CG    1 
ATOM   246  C CD1   . TYR A 1 33 ? -7.069  2.797   -3.153  1.00 11.41 ? 201 TYR A CD1   1 
ATOM   247  C CD2   . TYR A 1 33 ? -4.845  1.972   -3.344  1.00 10.41 ? 201 TYR A CD2   1 
ATOM   248  C CE1   . TYR A 1 33 ? -7.394  1.709   -2.358  1.00 12.36 ? 201 TYR A CE1   1 
ATOM   249  C CE2   . TYR A 1 33 ? -5.176  0.866   -2.589  1.00 10.82 ? 201 TYR A CE2   1 
ATOM   250  C CZ    . TYR A 1 33 ? -6.464  0.725   -2.106  1.00 11.40 ? 201 TYR A CZ    1 
ATOM   251  O OH    . TYR A 1 33 ? -6.838  -0.319  -1.324  1.00 12.51 ? 201 TYR A OH    1 
ATOM   252  N N     . THR A 1 34 ? -6.395  6.404   -6.442  1.00 12.31 ? 202 THR A N     1 
ATOM   253  C CA    . THR A 1 34 ? -5.923  7.701   -6.978  1.00 12.66 ? 202 THR A CA    1 
ATOM   254  C C     . THR A 1 34 ? -4.686  8.164   -6.207  1.00 11.67 ? 202 THR A C     1 
ATOM   255  O O     . THR A 1 34 ? -4.513  7.821   -5.038  1.00 10.79 ? 202 THR A O     1 
ATOM   256  C CB    . THR A 1 34 ? -7.031  8.756   -6.949  1.00 12.93 ? 202 THR A CB    1 
ATOM   257  O OG1   . THR A 1 34 ? -7.326  9.073   -5.589  1.00 12.57 ? 202 THR A OG1   1 
ATOM   258  C CG2   . THR A 1 34 ? -8.299  8.265   -7.631  1.00 14.65 ? 202 THR A CG2   1 
ATOM   259  N N     . ASN A 1 35 ? -3.920  9.032   -6.848  1.00 13.54 ? 203 ASN A N     1 
ATOM   260  C CA    . ASN A 1 35 ? -2.781  9.740   -6.231  1.00 14.26 ? 203 ASN A CA    1 
ATOM   261  C C     . ASN A 1 35 ? -3.305  10.546  -5.041  1.00 14.59 ? 203 ASN A C     1 
ATOM   262  O O     . ASN A 1 35 ? -2.655  10.520  -3.995  1.00 14.80 ? 203 ASN A O     1 
ATOM   263  C CB    . ASN A 1 35 ? -2.039  10.548  -7.309  1.00 17.67 ? 203 ASN A CB    1 
ATOM   264  C CG    . ASN A 1 35 ? -0.538  10.623  -7.130  1.00 22.01 ? 203 ASN A CG    1 
ATOM   265  O OD1   . ASN A 1 35 ? 0.123   9.642   -6.847  1.00 27.64 ? 203 ASN A OD1   1 
ATOM   266  N ND2   . ASN A 1 35 ? 0.014   11.815  -7.226  1.00 29.32 ? 203 ASN A ND2   1 
ATOM   267  N N     . GLU A 1 36 ? -4.416  11.269  -5.196  1.00 12.88 ? 204 GLU A N     1 
ATOM   268  C CA    . GLU A 1 36 ? -5.024  12.072  -4.102  1.00 14.66 ? 204 GLU A CA    1 
ATOM   269  C C     . GLU A 1 36 ? -5.407  11.179  -2.921  1.00 12.24 ? 204 GLU A C     1 
ATOM   270  O O     . GLU A 1 36 ? -5.152  11.594  -1.786  1.00 12.48 ? 204 GLU A O     1 
ATOM   271  C CB    . GLU A 1 36 ? -6.263  12.845  -4.557  1.00 17.13 ? 204 GLU A CB    1 
ATOM   272  C CG    . GLU A 1 36 ? -6.890  13.726  -3.482  1.00 20.63 ? 204 GLU A CG    1 
ATOM   273  C CD    . GLU A 1 36 ? -6.123  14.889  -2.841  1.00 27.44 ? 204 GLU A CD    1 
ATOM   274  O OE1   . GLU A 1 36 ? -5.070  15.294  -3.355  1.00 32.95 ? 204 GLU A OE1   1 
ATOM   275  O OE2   . GLU A 1 36 ? -6.600  15.410  -1.787  1.00 33.99 ? 204 GLU A OE2   1 
ATOM   276  N N     . TYR A 1 37 ? -6.038  10.033  -3.165  1.00 10.43 ? 205 TYR A N     1 
ATOM   277  C CA    . TYR A 1 37 ? -6.328  9.052   -2.098  1.00 10.61 ? 205 TYR A CA    1 
ATOM   278  C C     . TYR A 1 37 ? -5.040  8.662   -1.365  1.00 9.70  ? 205 TYR A C     1 
ATOM   279  O O     . TYR A 1 37 ? -4.959  8.794   -0.132  1.00 10.59 ? 205 TYR A O     1 
ATOM   280  C CB    . TYR A 1 37 ? -7.075  7.831   -2.638  1.00 11.00 ? 205 TYR A CB    1 
ATOM   281  C CG    . TYR A 1 37 ? -7.346  6.813   -1.558  1.00 11.84 ? 205 TYR A CG    1 
ATOM   282  C CD1   . TYR A 1 37 ? -8.524  6.837   -0.836  1.00 12.78 ? 205 TYR A CD1   1 
ATOM   283  C CD2   . TYR A 1 37 ? -6.392  5.866   -1.207  1.00 12.85 ? 205 TYR A CD2   1 
ATOM   284  C CE1   . TYR A 1 37 ? -8.780  5.918   0.183   1.00 13.63 ? 205 TYR A CE1   1 
ATOM   285  C CE2   . TYR A 1 37 ? -6.642  4.946   -0.200  1.00 12.65 ? 205 TYR A CE2   1 
ATOM   286  C CZ    . TYR A 1 37 ? -7.816  4.993   0.518   1.00 13.98 ? 205 TYR A CZ    1 
ATOM   287  O OH    . TYR A 1 37 ? -8.037  4.108   1.530   1.00 13.52 ? 205 TYR A OH    1 
ATOM   288  N N     . MET A 1 38 ? -4.014  8.289   -2.115  1.00 9.94  ? 206 MET A N     1 
ATOM   289  C CA    . MET A 1 38 ? -2.742  7.756   -1.542  1.00 10.36 ? 206 MET A CA    1 
ATOM   290  C C     . MET A 1 38 ? -1.969  8.853   -0.789  1.00 11.42 ? 206 MET A C     1 
ATOM   291  O O     . MET A 1 38 ? -1.396  8.586   0.284   1.00 10.97 ? 206 MET A O     1 
ATOM   292  C CB    . MET A 1 38 ? -1.884  7.138   -2.625  1.00 9.94  ? 206 MET A CB    1 
ATOM   293  C CG    . MET A 1 38 ? -2.542  5.836   -3.124  1.00 10.39 ? 206 MET A CG    1 
ATOM   294  S SD    . MET A 1 38 ? -1.484  4.826   -4.152  1.00 10.97 ? 206 MET A SD    1 
ATOM   295  C CE    . MET A 1 38 ? -1.702  5.633   -5.740  1.00 12.20 ? 206 MET A CE    1 
ATOM   296  N N     . ALA A 1 39 ? -2.091  10.076  -1.255  1.00 11.44 ? 207 ALA A N     1 
ATOM   297  C CA    . ALA A 1 39 ? -1.458  11.266  -0.652  1.00 12.20 ? 207 ALA A CA    1 
ATOM   298  C C     . ALA A 1 39 ? -2.091  11.591  0.696   1.00 11.73 ? 207 ALA A C     1 
ATOM   299  O O     . ALA A 1 39 ? -1.414  12.233  1.500   1.00 12.08 ? 207 ALA A O     1 
ATOM   300  C CB    . ALA A 1 39 ? -1.612  12.440  -1.585  1.00 11.73 ? 207 ALA A CB    1 
ATOM   301  N N     . THR A 1 40 ? -3.324  11.159  0.942   1.00 12.18 ? 208 THR A N     1 
ATOM   302  C CA    . THR A 1 40 ? -4.143  11.618  2.091   1.00 11.48 ? 208 THR A CA    1 
ATOM   303  C C     . THR A 1 40 ? -4.539  10.492  3.038   1.00 12.09 ? 208 THR A C     1 
ATOM   304  O O     . THR A 1 40 ? -5.319  10.793  3.984   1.00 11.89 ? 208 THR A O     1 
ATOM   305  C CB    . THR A 1 40 ? -5.376  12.386  1.581   1.00 12.40 ? 208 THR A CB    1 
ATOM   306  O OG1   . THR A 1 40 ? -6.157  11.519  0.756   1.00 12.22 ? 208 THR A OG1   1 
ATOM   307  C CG2   . THR A 1 40 ? -4.969  13.645  0.831   1.00 13.19 ? 208 THR A CG2   1 
ATOM   308  N N     . HIS A 1 41 ? -3.974  9.290   2.872   1.00 10.60 ? 209 HIS A N     1 
ATOM   309  C CA    . HIS A 1 41 ? -4.254  8.121   3.718   1.00 9.91  ? 209 HIS A CA    1 
ATOM   310  C C     . HIS A 1 41 ? -2.921  7.603   4.231   1.00 9.50  ? 209 HIS A C     1 
ATOM   311  O O     . HIS A 1 41 ? -1.905  7.730   3.520   1.00 10.39 ? 209 HIS A O     1 
ATOM   312  C CB    . HIS A 1 41 ? -5.051  7.040   2.963   1.00 10.04 ? 209 HIS A CB    1 
ATOM   313  C CG    . HIS A 1 41 ? -6.472  7.450   2.776   1.00 10.72 ? 209 HIS A CG    1 
ATOM   314  N ND1   . HIS A 1 41 ? -6.830  8.384   1.830   1.00 12.13 ? 209 HIS A ND1   1 
ATOM   315  C CD2   . HIS A 1 41 ? -7.596  7.167   3.485   1.00 11.86 ? 209 HIS A CD2   1 
ATOM   316  C CE1   . HIS A 1 41 ? -8.145  8.610   1.905   1.00 12.26 ? 209 HIS A CE1   1 
ATOM   317  N NE2   . HIS A 1 41 ? -8.653  7.846   2.887   1.00 12.84 ? 209 HIS A NE2   1 
ATOM   318  N N     . SER A 1 42 ? -2.932  6.977   5.391   1.00 9.31  ? 210 SER A N     1 
ATOM   319  C CA    . SER A 1 42 ? -1.784  6.162   5.839   1.00 9.11  ? 210 SER A CA    1 
ATOM   320  C C     . SER A 1 42 ? -2.251  4.713   5.928   1.00 8.85  ? 210 SER A C     1 
ATOM   321  O O     . SER A 1 42 ? -3.471  4.462   5.902   1.00 9.66  ? 210 SER A O     1 
ATOM   322  C CB    . SER A 1 42 ? -1.222  6.650   7.115   1.00 9.37  ? 210 SER A CB    1 
ATOM   323  O OG    . SER A 1 42 ? -2.164  6.505   8.154   1.00 8.90  ? 210 SER A OG    1 
ATOM   324  N N     . LEU A 1 43 ? -1.324  3.795   6.142   1.00 8.40  ? 211 LEU A N     1 
ATOM   325  C CA    . LEU A 1 43 ? -1.679  2.367   6.252   1.00 8.60  ? 211 LEU A CA    1 
ATOM   326  C C     . LEU A 1 43 ? -2.662  2.187   7.405   1.00 8.46  ? 211 LEU A C     1 
ATOM   327  O O     . LEU A 1 43 ? -3.641  1.431   7.236   1.00 9.09  ? 211 LEU A O     1 
ATOM   328  C CB    . LEU A 1 43 ? -0.417  1.546   6.529   1.00 8.62  ? 211 LEU A CB    1 
ATOM   329  C CG    . LEU A 1 43 ? -0.631  0.041   6.583   1.00 9.70  ? 211 LEU A CG    1 
ATOM   330  C CD1   . LEU A 1 43 ? -0.992  -0.538  5.234   1.00 10.82 ? 211 LEU A CD1   1 
ATOM   331  C CD2   . LEU A 1 43 ? 0.620   -0.627  7.110   1.00 9.84  ? 211 LEU A CD2   1 
ATOM   332  N N     . THR A 1 44 ? -2.353  2.770   8.549   1.00 8.23  ? 212 THR A N     1 
ATOM   333  C CA    . THR A 1 44 ? -3.031  2.453   9.842   1.00 8.10  ? 212 THR A CA    1 
ATOM   334  C C     . THR A 1 44 ? -3.816  3.623   10.405  1.00 8.44  ? 212 THR A C     1 
ATOM   335  O O     . THR A 1 44 ? -4.559  3.362   11.386  1.00 8.24  ? 212 THR A O     1 
ATOM   336  C CB    . THR A 1 44 ? -2.074  1.943   10.894  1.00 7.91  ? 212 THR A CB    1 
ATOM   337  O OG1   . THR A 1 44 ? -1.295  3.046   11.381  1.00 7.52  ? 212 THR A OG1   1 
ATOM   338  C CG2   . THR A 1 44 ? -1.252  0.810   10.319  1.00 8.31  ? 212 THR A CG2   1 
ATOM   339  N N     . GLY A 1 45 ? -3.668  4.850   9.889   1.00 8.32  ? 213 GLY A N     1 
ATOM   340  C CA    . GLY A 1 45 ? -4.354  6.030   10.437  1.00 8.60  ? 213 GLY A CA    1 
ATOM   341  C C     . GLY A 1 45 ? -3.734  6.531   11.726  1.00 9.25  ? 213 GLY A C     1 
ATOM   342  O O     . GLY A 1 45 ? -4.306  7.426   12.332  1.00 10.08 ? 213 GLY A O     1 
ATOM   343  N N     . ALA A 1 46 ? -2.575  5.986   12.136  1.00 9.41  ? 214 ALA A N     1 
ATOM   344  C CA    . ALA A 1 46 ? -1.895  6.401   13.381  1.00 10.51 ? 214 ALA A CA    1 
ATOM   345  C C     . ALA A 1 46 ? -1.386  7.843   13.273  1.00 10.75 ? 214 ALA A C     1 
ATOM   346  O O     . ALA A 1 46 ? -1.005  8.282   12.188  1.00 9.33  ? 214 ALA A O     1 
ATOM   347  C CB    . ALA A 1 46 ? -0.793  5.427   13.717  1.00 10.36 ? 214 ALA A CB    1 
ATOM   348  N N     . LYS A 1 47 ? -1.294  8.533   14.405  1.00 10.45 ? 215 LYS A N     1 
ATOM   349  C CA    . LYS A 1 47 ? -0.594  9.836   14.459  1.00 12.02 ? 215 LYS A CA    1 
ATOM   350  C C     . LYS A 1 47 ? 0.912   9.591   14.503  1.00 12.00 ? 215 LYS A C     1 
ATOM   351  O O     . LYS A 1 47 ? 1.358   8.812   15.352  1.00 11.64 ? 215 LYS A O     1 
ATOM   352  C CB    . LYS A 1 47 ? -1.008  10.672  15.668  1.00 13.26 ? 215 LYS A CB    1 
ATOM   353  C CG    . LYS A 1 47 ? -0.448  12.086  15.666  1.00 15.68 ? 215 LYS A CG    1 
ATOM   354  C CD    . LYS A 1 47 ? -1.055  13.019  16.686  1.00 21.11 ? 215 LYS A CD    1 
ATOM   355  C CE    . LYS A 1 47 ? -0.268  14.304  16.834  1.00 22.60 ? 215 LYS A CE    1 
ATOM   356  N NZ    . LYS A 1 47 ? -0.585  15.304  15.776  1.00 23.80 ? 215 LYS A NZ    1 
ATOM   357  N N     . SER A 1 48 ? 1.673   10.299  13.685  1.00 12.07 ? 216 SER A N     1 
ATOM   358  C CA    . SER A 1 48 ? 3.137   10.192  13.689  1.00 12.55 ? 216 SER A CA    1 
ATOM   359  C C     . SER A 1 48 ? 3.735   10.776  14.976  1.00 13.78 ? 216 SER A C     1 
ATOM   360  O O     . SER A 1 48 ? 3.359   11.882  15.414  1.00 14.09 ? 216 SER A O     1 
ATOM   361  C CB    . SER A 1 48 ? 3.737   10.832  12.484  1.00 13.14 ? 216 SER A CB    1 
ATOM   362  O OG    . SER A 1 48 ? 5.153   10.753  12.567  1.00 13.59 ? 216 SER A OG    1 
ATOM   363  N N     . SER A 1 49 ? 4.708   10.074  15.535  1.00 11.47 ? 217 SER A N     1 
ATOM   364  C CA    . SER A 1 49 ? 5.507   10.521  16.693  1.00 12.56 ? 217 SER A CA    1 
ATOM   365  C C     . SER A 1 49 ? 6.120   11.895  16.425  1.00 15.85 ? 217 SER A C     1 
ATOM   366  O O     . SER A 1 49 ? 6.474   12.533  17.415  1.00 15.17 ? 217 SER A O     1 
ATOM   367  C CB    . SER A 1 49 ? 6.603   9.517   16.961  1.00 12.61 ? 217 SER A CB    1 
ATOM   368  O OG    . SER A 1 49 ? 7.362   9.382   15.787  1.00 11.44 ? 217 SER A OG    1 
ATOM   369  N N     . THR A 1 50 ? 6.387   12.256  15.155  1.00 16.67 ? 218 THR A N     1 
ATOM   370  C CA    . THR A 1 50 ? 7.160   13.478  14.787  1.00 20.69 ? 218 THR A CA    1 
ATOM   371  C C     . THR A 1 50 ? 6.262   14.536  14.135  1.00 27.22 ? 218 THR A C     1 
ATOM   372  O O     . THR A 1 50 ? 6.798   15.614  13.807  1.00 32.46 ? 218 THR A O     1 
ATOM   373  C CB    . THR A 1 50 ? 8.356   13.105  13.904  1.00 20.01 ? 218 THR A CB    1 
ATOM   374  O OG1   . THR A 1 50 ? 7.893   12.442  12.722  1.00 17.11 ? 218 THR A OG1   1 
ATOM   375  C CG2   . THR A 1 50 ? 9.327   12.196  14.648  1.00 19.47 ? 218 THR A CG2   1 
ATOM   376  N N     . SER A 1 51 ? 4.969   14.271  13.937  1.00 27.91 ? 219 SER A N     1 
ATOM   377  C CA    . SER A 1 51 ? 4.016   15.281  13.406  1.00 38.48 ? 219 SER A CA    1 
ATOM   378  C C     . SER A 1 51 ? 3.652   16.282  14.508  1.00 40.30 ? 219 SER A C     1 
ATOM   379  O O     . SER A 1 51 ? 3.078   15.847  15.525  1.00 43.22 ? 219 SER A O     1 
ATOM   380  C CB    . SER A 1 51 ? 2.755   14.645  12.890  1.00 38.41 ? 219 SER A CB    1 
ATOM   381  O OG    . SER A 1 51 ? 1.932   14.250  13.991  1.00 43.17 ? 219 SER A OG    1 
ATOM   382  N N     . ARG A 1 52 ? 3.865   17.573  14.267  1.00 52.40 ? 220 ARG A N     1 
ATOM   383  C CA    . ARG A 1 52 ? 3.339   18.677  15.122  1.00 56.55 ? 220 ARG A CA    1 
ATOM   384  C C     . ARG A 1 52 ? 1.978   19.137  14.578  1.00 51.46 ? 220 ARG A C     1 
ATOM   385  O O     . ARG A 1 52 ? 1.220   19.792  15.353  1.00 47.46 ? 220 ARG A O     1 
ATOM   386  C CB    . ARG A 1 52 ? 4.357   19.822  15.206  1.00 65.87 ? 220 ARG A CB    1 
ATOM   387  C CG    . ARG A 1 52 ? 5.024   19.966  16.569  1.00 71.34 ? 220 ARG A CG    1 
ATOM   388  C CD    . ARG A 1 52 ? 4.131   20.691  17.565  1.00 76.73 ? 220 ARG A CD    1 
ATOM   389  N NE    . ARG A 1 52 ? 4.859   21.431  18.588  1.00 80.23 ? 220 ARG A NE    1 
ATOM   390  C CZ    . ARG A 1 52 ? 5.455   20.892  19.652  1.00 84.02 ? 220 ARG A CZ    1 
ATOM   391  N NH1   . ARG A 1 52 ? 5.442   19.583  19.848  1.00 85.64 ? 220 ARG A NH1   1 
ATOM   392  N NH2   . ARG A 1 52 ? 6.074   21.675  20.518  1.00 82.18 ? 220 ARG A NH2   1 
ATOM   393  N N     . ASP A 1 53 ? 1.699   18.831  13.300  1.00 44.63 ? 221 ASP A N     1 
ATOM   394  C CA    . ASP A 1 53 ? 0.391   19.069  12.624  1.00 43.32 ? 221 ASP A CA    1 
ATOM   395  C C     . ASP A 1 53 ? -0.758  18.503  13.461  1.00 39.48 ? 221 ASP A C     1 
ATOM   396  O O     . ASP A 1 53 ? -0.626  17.388  13.983  1.00 40.97 ? 221 ASP A O     1 
ATOM   397  C CB    . ASP A 1 53 ? 0.346   18.446  11.230  1.00 44.04 ? 221 ASP A CB    1 
ATOM   398  C CG    . ASP A 1 53 ? 1.075   19.263  10.186  1.00 51.90 ? 221 ASP A CG    1 
ATOM   399  O OD1   . ASP A 1 53 ? 1.703   20.272  10.568  1.00 56.69 ? 221 ASP A OD1   1 
ATOM   400  O OD2   . ASP A 1 53 ? 1.000   18.892  8.994   1.00 62.75 ? 221 ASP A OD2   1 
ATOM   401  N N     . LYS A 1 54 ? -1.856  19.255  13.569  1.00 34.21 ? 222 LYS A N     1 
ATOM   402  C CA    . LYS A 1 54 ? -3.105  18.827  14.256  1.00 33.77 ? 222 LYS A CA    1 
ATOM   403  C C     . LYS A 1 54 ? -3.743  17.693  13.445  1.00 29.31 ? 222 LYS A C     1 
ATOM   404  O O     . LYS A 1 54 ? -4.130  16.681  14.069  1.00 31.31 ? 222 LYS A O     1 
ATOM   405  C CB    . LYS A 1 54 ? -4.056  20.020  14.417  1.00 35.01 ? 222 LYS A CB    1 
ATOM   406  C CG    . LYS A 1 54 ? -3.437  21.216  15.140  1.00 42.24 ? 222 LYS A CG    1 
ATOM   407  C CD    . LYS A 1 54 ? -2.499  20.838  16.287  1.00 46.23 ? 222 LYS A CD    1 
ATOM   408  C CE    . LYS A 1 54 ? -2.116  21.998  17.177  1.00 46.61 ? 222 LYS A CE    1 
ATOM   409  N NZ    . LYS A 1 54 ? -1.588  21.502  18.469  1.00 50.76 ? 222 LYS A NZ    1 
ATOM   410  N N     . ALA A 1 55 ? -3.773  17.827  12.114  1.00 24.08 ? 223 ALA A N     1 
ATOM   411  C CA    . ALA A 1 55 ? -4.478  16.902  11.192  1.00 22.64 ? 223 ALA A CA    1 
ATOM   412  C C     . ALA A 1 55 ? -3.690  15.589  11.030  1.00 20.72 ? 223 ALA A C     1 
ATOM   413  O O     . ALA A 1 55 ? -2.438  15.603  10.963  1.00 23.84 ? 223 ALA A O     1 
ATOM   414  C CB    . ALA A 1 55 ? -4.756  17.568  9.871   1.00 25.11 ? 223 ALA A CB    1 
ATOM   415  N N     . VAL A 1 56 ? -4.420  14.482  11.096  1.00 15.75 ? 224 VAL A N     1 
ATOM   416  C CA    . VAL A 1 56 ? -3.892  13.108  10.978  1.00 12.94 ? 224 VAL A CA    1 
ATOM   417  C C     . VAL A 1 56 ? -4.589  12.438  9.802   1.00 11.61 ? 224 VAL A C     1 
ATOM   418  O O     . VAL A 1 56 ? -5.837  12.535  9.713   1.00 12.47 ? 224 VAL A O     1 
ATOM   419  C CB    . VAL A 1 56 ? -4.104  12.346  12.293  1.00 12.41 ? 224 VAL A CB    1 
ATOM   420  C CG1   . VAL A 1 56 ? -3.637  10.902  12.187  1.00 12.33 ? 224 VAL A CG1   1 
ATOM   421  C CG2   . VAL A 1 56 ? -3.389  13.075  13.417  1.00 12.58 ? 224 VAL A CG2   1 
ATOM   422  N N     . LYS A 1 57 ? -3.824  11.785  8.941   1.00 9.85  ? 225 LYS A N     1 
ATOM   423  C CA    . LYS A 1 57 ? -4.375  11.054  7.797   1.00 9.39  ? 225 LYS A CA    1 
ATOM   424  C C     . LYS A 1 57 ? -5.182  9.862   8.282   1.00 10.75 ? 225 LYS A C     1 
ATOM   425  O O     . LYS A 1 57 ? -4.765  9.098   9.157   1.00 9.63  ? 225 LYS A O     1 
ATOM   426  C CB    . LYS A 1 57 ? -3.302  10.522  6.861   1.00 9.83  ? 225 LYS A CB    1 
ATOM   427  C CG    . LYS A 1 57 ? -2.527  11.604  6.166   1.00 9.60  ? 225 LYS A CG    1 
ATOM   428  C CD    . LYS A 1 57 ? -1.418  11.066  5.337   1.00 9.38  ? 225 LYS A CD    1 
ATOM   429  C CE    . LYS A 1 57 ? -0.562  12.163  4.722   1.00 10.35 ? 225 LYS A CE    1 
ATOM   430  N NZ    . LYS A 1 57 ? 0.649   11.557  4.124   1.00 11.16 ? 225 LYS A NZ    1 
ATOM   431  N N     . PRO A 1 58 ? -6.356  9.611   7.691   1.00 11.20 ? 226 PRO A N     1 
ATOM   432  C CA    . PRO A 1 58 ? -7.108  8.422   8.064   1.00 11.18 ? 226 PRO A CA    1 
ATOM   433  C C     . PRO A 1 58 ? -6.500  7.152   7.426   1.00 10.34 ? 226 PRO A C     1 
ATOM   434  O O     . PRO A 1 58 ? -5.756  7.248   6.451   1.00 10.46 ? 226 PRO A O     1 
ATOM   435  C CB    . PRO A 1 58 ? -8.500  8.717   7.508   1.00 12.49 ? 226 PRO A CB    1 
ATOM   436  C CG    . PRO A 1 58 ? -8.314  9.707   6.409   1.00 13.49 ? 226 PRO A CG    1 
ATOM   437  C CD    . PRO A 1 58 ? -7.056  10.476  6.730   1.00 13.02 ? 226 PRO A CD    1 
ATOM   438  N N     . ALA A 1 59 ? -6.829  6.000   7.983   1.00 9.53  ? 227 ALA A N     1 
ATOM   439  C CA    . ALA A 1 59 ? -6.342  4.673   7.559   1.00 9.99  ? 227 ALA A CA    1 
ATOM   440  C C     . ALA A 1 59 ? -6.914  4.261   6.223   1.00 10.06 ? 227 ALA A C     1 
ATOM   441  O O     . ALA A 1 59 ? -8.086  4.622   5.907   1.00 9.50  ? 227 ALA A O     1 
ATOM   442  C CB    . ALA A 1 59 ? -6.657  3.618   8.613   1.00 10.36 ? 227 ALA A CB    1 
ATOM   443  N N     . MET A 1 60 ? -6.177  3.380   5.551   1.00 10.30 ? 228 MET A N     1 
ATOM   444  C CA    . MET A 1 60 ? -6.716  2.527   4.487   1.00 10.41 ? 228 MET A CA    1 
ATOM   445  C C     . MET A 1 60 ? -7.750  1.587   5.099   1.00 10.89 ? 228 MET A C     1 
ATOM   446  O O     . MET A 1 60 ? -7.756  1.407   6.311   1.00 11.52 ? 228 MET A O     1 
ATOM   447  C CB    . MET A 1 60 ? -5.611  1.708   3.821   1.00 10.98 ? 228 MET A CB    1 
ATOM   448  C CG    . MET A 1 60 ? -4.655  2.562   3.022   1.00 10.02 ? 228 MET A CG    1 
ATOM   449  S SD    . MET A 1 60 ? -3.378  1.543   2.262   1.00 10.87 ? 228 MET A SD    1 
ATOM   450  C CE    . MET A 1 60 ? -4.363  0.598   1.110   1.00 10.08 ? 228 MET A CE    1 
ATOM   451  N N     . ASN A 1 61 ? -8.644  1.112   4.265   1.00 11.99 ? 229 ASN A N     1 
ATOM   452  C CA    . ASN A 1 61 ? -9.600  0.025   4.596   1.00 14.55 ? 229 ASN A CA    1 
ATOM   453  C C     . ASN A 1 61 ? -8.783  -1.232  4.871   1.00 13.42 ? 229 ASN A C     1 
ATOM   454  O O     . ASN A 1 61 ? -8.036  -1.653  3.964   1.00 12.39 ? 229 ASN A O     1 
ATOM   455  C CB    . ASN A 1 61 ? -10.576 -0.157  3.447   1.00 15.81 ? 229 ASN A CB    1 
ATOM   456  C CG    . ASN A 1 61 ? -11.519 -1.324  3.671   1.00 20.11 ? 229 ASN A CG    1 
ATOM   457  O OD1   . ASN A 1 61 ? -11.107 -2.475  3.707   1.00 20.77 ? 229 ASN A OD1   1 
ATOM   458  N ND2   . ASN A 1 61 ? -12.807 -1.042  3.727   1.00 23.86 ? 229 ASN A ND2   1 
ATOM   459  N N     . GLN A 1 62 ? -8.914  -1.831  6.055   1.00 14.38 ? 230 GLN A N     1 
ATOM   460  C CA    . GLN A 1 62 ? -8.002  -2.928  6.452   1.00 15.28 ? 230 GLN A CA    1 
ATOM   461  C C     . GLN A 1 62 ? -8.324  -4.196  5.628   1.00 14.79 ? 230 GLN A C     1 
ATOM   462  O O     . GLN A 1 62 ? -7.425  -5.015  5.463   1.00 14.99 ? 230 GLN A O     1 
ATOM   463  C CB    . GLN A 1 62 ? -7.990  -3.133  7.970   1.00 16.74 ? 230 GLN A CB    1 
ATOM   464  C CG    . GLN A 1 62 ? -7.437  -1.924  8.738   1.00 17.94 ? 230 GLN A CG    1 
ATOM   465  C CD    . GLN A 1 62 ? -6.061  -1.503  8.250   1.00 17.18 ? 230 GLN A CD    1 
ATOM   466  O OE1   . GLN A 1 62 ? -5.096  -2.300  8.243   1.00 18.40 ? 230 GLN A OE1   1 
ATOM   467  N NE2   . GLN A 1 62 ? -5.983  -0.292  7.699   1.00 14.03 ? 230 GLN A NE2   1 
ATOM   468  N N     . ASN A 1 63 ? -9.551  -4.366  5.136   1.00 15.95 ? 231 ASN A N     1 
ATOM   469  C CA    . ASN A 1 63 ? -9.894  -5.515  4.246   1.00 16.74 ? 231 ASN A CA    1 
ATOM   470  C C     . ASN A 1 63 ? -9.098  -5.373  2.935   1.00 14.93 ? 231 ASN A C     1 
ATOM   471  O O     . ASN A 1 63 ? -8.588  -6.376  2.435   1.00 14.90 ? 231 ASN A O     1 
ATOM   472  C CB    . ASN A 1 63 ? -11.396 -5.617  4.008   1.00 19.95 ? 231 ASN A CB    1 
ATOM   473  C CG    . ASN A 1 63 ? -12.118 -5.778  5.329   1.00 22.45 ? 231 ASN A CG    1 
ATOM   474  O OD1   . ASN A 1 63 ? -11.916 -6.764  6.015   1.00 28.11 ? 231 ASN A OD1   1 
ATOM   475  N ND2   . ASN A 1 63 ? -12.870 -4.782  5.746   1.00 28.70 ? 231 ASN A ND2   1 
ATOM   476  N N     . GLU A 1 64 ? -8.987  -4.145  2.414   1.00 13.92 ? 232 GLU A N     1 
ATOM   477  C CA    . GLU A 1 64 ? -8.202  -3.872  1.199   1.00 12.80 ? 232 GLU A CA    1 
ATOM   478  C C     . GLU A 1 64 ? -6.715  -4.117  1.462   1.00 11.16 ? 232 GLU A C     1 
ATOM   479  O O     . GLU A 1 64 ? -6.076  -4.790  0.665   1.00 11.44 ? 232 GLU A O     1 
ATOM   480  C CB    . GLU A 1 64 ? -8.485  -2.458  0.708   1.00 13.86 ? 232 GLU A CB    1 
ATOM   481  C CG    . GLU A 1 64 ? -9.875  -2.324  0.149   1.00 15.95 ? 232 GLU A CG    1 
ATOM   482  C CD    . GLU A 1 64 ? -10.251 -0.901  -0.207  1.00 18.33 ? 232 GLU A CD    1 
ATOM   483  O OE1   . GLU A 1 64 ? -11.469 -0.587  -0.170  1.00 19.85 ? 232 GLU A OE1   1 
ATOM   484  O OE2   . GLU A 1 64 ? -9.336  -0.119  -0.524  1.00 17.44 ? 232 GLU A OE2   1 
ATOM   485  N N     . VAL A 1 65 ? -6.196  -3.626  2.582   1.00 10.87 ? 233 VAL A N     1 
ATOM   486  C CA    . VAL A 1 65 ? -4.805  -3.907  3.016   1.00 10.38 ? 233 VAL A CA    1 
ATOM   487  C C     . VAL A 1 65 ? -4.562  -5.413  2.947   1.00 10.31 ? 233 VAL A C     1 
ATOM   488  O O     . VAL A 1 65 ? -3.546  -5.839  2.381   1.00 8.98  ? 233 VAL A O     1 
ATOM   489  C CB    . VAL A 1 65 ? -4.496  -3.297  4.387   1.00 10.27 ? 233 VAL A CB    1 
ATOM   490  C CG1   . VAL A 1 65 ? -3.169  -3.758  4.913   1.00 10.76 ? 233 VAL A CG1   1 
ATOM   491  C CG2   . VAL A 1 65 ? -4.545  -1.781  4.314   1.00 9.66  ? 233 VAL A CG2   1 
ATOM   492  N N     . GLN A 1 66 ? -5.413  -6.197  3.588   1.00 10.99 ? 234 GLN A N     1 
ATOM   493  C CA    . GLN A 1 66 ? -5.135  -7.655  3.660   1.00 11.97 ? 234 GLN A CA    1 
ATOM   494  C C     . GLN A 1 66 ? -5.213  -8.342  2.296   1.00 11.91 ? 234 GLN A C     1 
ATOM   495  O O     . GLN A 1 66 ? -4.444  -9.346  2.055   1.00 12.15 ? 234 GLN A O     1 
ATOM   496  C CB    . GLN A 1 66 ? -6.013  -8.288  4.735   1.00 11.87 ? 234 GLN A CB    1 
ATOM   497  C CG    . GLN A 1 66 ? -5.681  -7.831  6.141   1.00 12.30 ? 234 GLN A CG    1 
ATOM   498  C CD    . GLN A 1 66 ? -4.237  -8.058  6.545   1.00 13.30 ? 234 GLN A CD    1 
ATOM   499  O OE1   . GLN A 1 66 ? -3.655  -7.250  7.302   1.00 16.42 ? 234 GLN A OE1   1 
ATOM   500  N NE2   . GLN A 1 66 ? -3.626  -9.113  6.046   1.00 10.54 ? 234 GLN A NE2   1 
ATOM   501  N N     . GLU A 1 67 ? -6.074  -7.882  1.408   1.00 12.56 ? 235 GLU A N     1 
ATOM   502  C CA    . GLU A 1 67 ? -6.155  -8.423  0.037   1.00 14.90 ? 235 GLU A CA    1 
ATOM   503  C C     . GLU A 1 67 ? -4.848  -8.103  -0.701  1.00 13.28 ? 235 GLU A C     1 
ATOM   504  O O     . GLU A 1 67 ? -4.299  -8.979  -1.339  1.00 14.14 ? 235 GLU A O     1 
ATOM   505  C CB    . GLU A 1 67 ? -7.427  -7.876  -0.610  1.00 16.63 ? 235 GLU A CB    1 
ATOM   506  C CG    . GLU A 1 67 ? -7.554  -8.309  -2.036  1.00 21.26 ? 235 GLU A CG    1 
ATOM   507  C CD    . GLU A 1 67 ? -7.984  -9.743  -2.268  1.00 21.03 ? 235 GLU A CD    1 
ATOM   508  O OE1   . GLU A 1 67 ? -8.185  -10.500 -1.281  1.00 24.40 ? 235 GLU A OE1   1 
ATOM   509  O OE2   . GLU A 1 67 ? -8.063  -10.092 -3.438  1.00 26.14 ? 235 GLU A OE2   1 
ATOM   510  N N     . ILE A 1 68 ? -4.339  -6.882  -0.562  1.00 11.65 ? 236 ILE A N     1 
ATOM   511  C CA    . ILE A 1 68 ? -3.069  -6.444  -1.188  1.00 11.90 ? 236 ILE A CA    1 
ATOM   512  C C     . ILE A 1 68 ? -1.930  -7.328  -0.661  1.00 10.76 ? 236 ILE A C     1 
ATOM   513  O O     . ILE A 1 68 ? -1.089  -7.793  -1.476  1.00 12.63 ? 236 ILE A O     1 
ATOM   514  C CB    . ILE A 1 68 ? -2.820  -4.937  -0.920  1.00 10.94 ? 236 ILE A CB    1 
ATOM   515  C CG1   . ILE A 1 68 ? -3.803  -4.032  -1.664  1.00 11.77 ? 236 ILE A CG1   1 
ATOM   516  C CG2   . ILE A 1 68 ? -1.417  -4.580  -1.303  1.00 11.31 ? 236 ILE A CG2   1 
ATOM   517  C CD1   . ILE A 1 68 ? -3.882  -2.614  -1.102  1.00 11.47 ? 236 ILE A CD1   1 
ATOM   518  N N     . ILE A 1 69 ? -1.880  -7.535  0.664   1.00 10.95 ? 237 ILE A N     1 
ATOM   519  C CA    . ILE A 1 69 ? -0.797  -8.348  1.277   1.00 11.72 ? 237 ILE A CA    1 
ATOM   520  C C     . ILE A 1 69 ? -0.901  -9.770  0.714   1.00 11.30 ? 237 ILE A C     1 
ATOM   521  O O     . ILE A 1 69 ? 0.139   -10.341 0.298   1.00 11.71 ? 237 ILE A O     1 
ATOM   522  C CB    . ILE A 1 69 ? -0.849  -8.319  2.814   1.00 11.45 ? 237 ILE A CB    1 
ATOM   523  C CG1   . ILE A 1 69 ? -0.468  -6.936  3.361   1.00 11.57 ? 237 ILE A CG1   1 
ATOM   524  C CG2   . ILE A 1 69 ? 0.054   -9.407  3.390   1.00 11.69 ? 237 ILE A CG2   1 
ATOM   525  C CD1   . ILE A 1 69 ? -0.795  -6.745  4.821   1.00 12.90 ? 237 ILE A CD1   1 
ATOM   526  N N     . GLY A 1 70 ? -2.106  -10.322 0.717   1.00 12.85 ? 238 GLY A N     1 
ATOM   527  C CA    . GLY A 1 70 ? -2.363  -11.694 0.239   1.00 13.26 ? 238 GLY A CA    1 
ATOM   528  C C     . GLY A 1 70 ? -1.895  -11.922 -1.195  1.00 13.39 ? 238 GLY A C     1 
ATOM   529  O O     . GLY A 1 70 ? -1.191  -12.930 -1.464  1.00 13.70 ? 238 GLY A O     1 
ATOM   530  N N     . VAL A 1 71 ? -2.221  -11.005 -2.099  1.00 14.96 ? 239 VAL A N     1 
ATOM   531  C CA    . VAL A 1 71 ? -1.835  -11.054 -3.548  1.00 14.51 ? 239 VAL A CA    1 
ATOM   532  C C     . VAL A 1 71 ? -0.318  -10.949 -3.672  1.00 14.68 ? 239 VAL A C     1 
ATOM   533  O O     . VAL A 1 71 ? 0.302   -11.758 -4.431  1.00 14.62 ? 239 VAL A O     1 
ATOM   534  C CB    . VAL A 1 71 ? -2.602  -9.968  -4.332  1.00 15.60 ? 239 VAL A CB    1 
ATOM   535  C CG1   . VAL A 1 71 ? -2.026  -9.709  -5.719  1.00 16.20 ? 239 VAL A CG1   1 
ATOM   536  C CG2   . VAL A 1 71 ? -4.070  -10.350 -4.422  1.00 16.50 ? 239 VAL A CG2   1 
ATOM   537  N N     . THR A 1 72 ? 0.286   -10.026 -2.934  1.00 12.65 ? 240 THR A N     1 
ATOM   538  C CA    . THR A 1 72 ? 1.740   -9.830  -2.903  1.00 13.22 ? 240 THR A CA    1 
ATOM   539  C C     . THR A 1 72 ? 2.431   -11.101 -2.381  1.00 14.36 ? 240 THR A C     1 
ATOM   540  O O     . THR A 1 72 ? 3.413   -11.539 -2.986  1.00 13.75 ? 240 THR A O     1 
ATOM   541  C CB    . THR A 1 72 ? 2.109   -8.583  -2.090  1.00 12.73 ? 240 THR A CB    1 
ATOM   542  O OG1   . THR A 1 72 ? 1.388   -7.473  -2.634  1.00 12.27 ? 240 THR A OG1   1 
ATOM   543  C CG2   . THR A 1 72 ? 3.585   -8.287  -2.144  1.00 12.87 ? 240 THR A CG2   1 
ATOM   544  N N     . LYS A 1 73 ? 1.942   -11.660 -1.276  1.00 16.73 ? 241 LYS A N     1 
ATOM   545  C CA    . LYS A 1 73 ? 2.529   -12.874 -0.646  1.00 21.04 ? 241 LYS A CA    1 
ATOM   546  C C     . LYS A 1 73 ? 2.519   -14.041 -1.640  1.00 21.50 ? 241 LYS A C     1 
ATOM   547  O O     . LYS A 1 73 ? 3.477   -14.829 -1.649  1.00 22.49 ? 241 LYS A O     1 
ATOM   548  C CB    . LYS A 1 73 ? 1.760   -13.226 0.634   1.00 24.65 ? 241 LYS A CB    1 
ATOM   549  C CG    . LYS A 1 73 ? 2.504   -14.128 1.601   1.00 31.35 ? 241 LYS A CG    1 
ATOM   550  C CD    . LYS A 1 73 ? 3.657   -13.451 2.271   1.00 35.33 ? 241 LYS A CD    1 
ATOM   551  C CE    . LYS A 1 73 ? 4.251   -14.225 3.435   1.00 40.71 ? 241 LYS A CE    1 
ATOM   552  N NZ    . LYS A 1 73 ? 5.313   -15.163 2.992   1.00 42.80 ? 241 LYS A NZ    1 
ATOM   553  N N     . GLN A 1 74 ? 1.522   -14.133 -2.509  1.00 21.68 ? 242 GLN A N     1 
ATOM   554  C CA    . GLN A 1 74 ? 1.470   -15.274 -3.440  1.00 24.26 ? 242 GLN A CA    1 
ATOM   555  C C     . GLN A 1 74 ? 2.473   -15.063 -4.576  1.00 23.12 ? 242 GLN A C     1 
ATOM   556  O O     . GLN A 1 74 ? 2.973   -16.049 -5.086  1.00 20.98 ? 242 GLN A O     1 
ATOM   557  C CB    . GLN A 1 74 ? 0.017   -15.505 -3.807  1.00 27.86 ? 242 GLN A CB    1 
ATOM   558  C CG    . GLN A 1 74 ? -0.746  -15.979 -2.582  1.00 33.17 ? 242 GLN A CG    1 
ATOM   559  C CD    . GLN A 1 74 ? -2.192  -16.166 -2.924  1.00 38.73 ? 242 GLN A CD    1 
ATOM   560  O OE1   . GLN A 1 74 ? -2.585  -17.183 -3.485  1.00 44.60 ? 242 GLN A OE1   1 
ATOM   561  N NE2   . GLN A 1 74 ? -2.977  -15.153 -2.612  1.00 42.22 ? 242 GLN A NE2   1 
ATOM   562  N N     . LEU A 1 75 ? 2.778   -13.826 -4.948  1.00 20.42 ? 243 LEU A N     1 
ATOM   563  C CA    . LEU A 1 75 ? 3.761   -13.513 -6.018  1.00 19.33 ? 243 LEU A CA    1 
ATOM   564  C C     . LEU A 1 75 ? 5.185   -13.500 -5.445  1.00 19.24 ? 243 LEU A C     1 
ATOM   565  O O     . LEU A 1 75 ? 6.132   -13.793 -6.191  1.00 19.16 ? 243 LEU A O     1 
ATOM   566  C CB    . LEU A 1 75 ? 3.386   -12.161 -6.630  1.00 21.31 ? 243 LEU A CB    1 
ATOM   567  C CG    . LEU A 1 75 ? 2.159   -12.208 -7.540  1.00 24.96 ? 243 LEU A CG    1 
ATOM   568  C CD1   . LEU A 1 75 ? 1.810   -10.808 -8.014  1.00 26.45 ? 243 LEU A CD1   1 
ATOM   569  C CD2   . LEU A 1 75 ? 2.408   -13.126 -8.728  1.00 28.08 ? 243 LEU A CD2   1 
ATOM   570  N N     . PHE A 1 76 ? 5.339   -13.149 -4.179  1.00 17.08 ? 244 PHE A N     1 
ATOM   571  C CA    . PHE A 1 76 ? 6.656   -12.968 -3.505  1.00 17.59 ? 244 PHE A CA    1 
ATOM   572  C C     . PHE A 1 76 ? 6.634   -13.700 -2.173  1.00 18.13 ? 244 PHE A C     1 
ATOM   573  O O     . PHE A 1 76 ? 6.628   -13.112 -1.089  1.00 18.19 ? 244 PHE A O     1 
ATOM   574  C CB    . PHE A 1 76 ? 6.938   -11.474 -3.341  1.00 17.32 ? 244 PHE A CB    1 
ATOM   575  C CG    . PHE A 1 76 ? 6.940   -10.730 -4.641  1.00 15.22 ? 244 PHE A CG    1 
ATOM   576  C CD1   . PHE A 1 76 ? 8.063   -10.748 -5.450  1.00 16.78 ? 244 PHE A CD1   1 
ATOM   577  C CD2   . PHE A 1 76 ? 5.811   -10.072 -5.079  1.00 14.81 ? 244 PHE A CD2   1 
ATOM   578  C CE1   . PHE A 1 76 ? 8.065   -10.084 -6.652  1.00 17.36 ? 244 PHE A CE1   1 
ATOM   579  C CE2   . PHE A 1 76 ? 5.834   -9.366  -6.277  1.00 16.56 ? 244 PHE A CE2   1 
ATOM   580  C CZ    . PHE A 1 76 ? 6.951   -9.395  -7.064  1.00 16.45 ? 244 PHE A CZ    1 
ATOM   581  N N     . PRO A 1 77 ? 6.581   -15.048 -2.209  1.00 23.24 ? 245 PRO A N     1 
ATOM   582  C CA    . PRO A 1 77 ? 6.328   -15.810 -0.986  1.00 25.05 ? 245 PRO A CA    1 
ATOM   583  C C     . PRO A 1 77 ? 7.475   -15.684 0.037   1.00 26.20 ? 245 PRO A C     1 
ATOM   584  O O     . PRO A 1 77 ? 7.233   -15.888 1.226   1.00 31.01 ? 245 PRO A O     1 
ATOM   585  C CB    . PRO A 1 77 ? 6.059   -17.231 -1.516  1.00 28.05 ? 245 PRO A CB    1 
ATOM   586  C CG    . PRO A 1 77 ? 6.727   -17.285 -2.868  1.00 26.55 ? 245 PRO A CG    1 
ATOM   587  C CD    . PRO A 1 77 ? 6.671   -15.876 -3.425  1.00 25.33 ? 245 PRO A CD    1 
ATOM   588  N N     . ASN A 1 78 ? 8.643   -15.214 -0.385  1.00 26.49 ? 246 ASN A N     1 
ATOM   589  C CA    . ASN A 1 78 ? 9.799   -15.020 0.525   1.00 31.26 ? 246 ASN A CA    1 
ATOM   590  C C     . ASN A 1 78 ? 9.715   -13.642 1.214   1.00 27.91 ? 246 ASN A C     1 
ATOM   591  O O     . ASN A 1 78 ? 10.580  -13.354 2.026   1.00 26.53 ? 246 ASN A O     1 
ATOM   592  C CB    . ASN A 1 78 ? 11.114  -15.263 -0.223  1.00 37.53 ? 246 ASN A CB    1 
ATOM   593  C CG    . ASN A 1 78 ? 11.157  -16.653 -0.828  1.00 40.18 ? 246 ASN A CG    1 
ATOM   594  O OD1   . ASN A 1 78 ? 11.001  -17.655 -0.127  1.00 41.57 ? 246 ASN A OD1   1 
ATOM   595  N ND2   . ASN A 1 78 ? 11.305  -16.724 -2.138  1.00 45.57 ? 246 ASN A ND2   1 
ATOM   596  N N     . THR A 1 79 ? 8.706   -12.820 0.922   1.00 23.44 ? 247 THR A N     1 
ATOM   597  C CA    . THR A 1 79 ? 8.513   -11.508 1.590   1.00 23.45 ? 247 THR A CA    1 
ATOM   598  C C     . THR A 1 79 ? 7.617   -11.681 2.811   1.00 25.15 ? 247 THR A C     1 
ATOM   599  O O     . THR A 1 79 ? 6.591   -12.350 2.711   1.00 29.27 ? 247 THR A O     1 
ATOM   600  C CB    . THR A 1 79 ? 7.977   -10.471 0.606   1.00 25.03 ? 247 THR A CB    1 
ATOM   601  O OG1   . THR A 1 79 ? 8.894   -10.484 -0.495  1.00 28.02 ? 247 THR A OG1   1 
ATOM   602  C CG2   . THR A 1 79 ? 7.962   -9.092  1.217   1.00 25.59 ? 247 THR A CG2   1 
ATOM   603  N N     . ASP A 1 80 ? 7.969   -11.082 3.942   1.00 24.74 ? 248 ASP A N     1 
ATOM   604  C CA    . ASP A 1 80 ? 7.130   -11.253 5.149   1.00 25.13 ? 248 ASP A CA    1 
ATOM   605  C C     . ASP A 1 80 ? 6.087   -10.125 5.207   1.00 20.39 ? 248 ASP A C     1 
ATOM   606  O O     . ASP A 1 80 ? 6.222   -9.063  4.540   1.00 17.06 ? 248 ASP A O     1 
ATOM   607  C CB    . ASP A 1 80 ? 8.000   -11.357 6.396   1.00 31.61 ? 248 ASP A CB    1 
ATOM   608  C CG    . ASP A 1 80 ? 8.728   -10.058 6.626   1.00 32.66 ? 248 ASP A CG    1 
ATOM   609  O OD1   . ASP A 1 80 ? 9.650   -9.777  5.859   1.00 43.94 ? 248 ASP A OD1   1 
ATOM   610  O OD2   . ASP A 1 80 ? 8.278   -9.295  7.482   1.00 44.97 ? 248 ASP A OD2   1 
ATOM   611  N N     . ASP A 1 81 ? 5.067   -10.381 5.995   1.00 18.81 ? 249 ASP A N     1 
ATOM   612  C CA    . ASP A 1 81 ? 3.911   -9.524  6.288   1.00 19.50 ? 249 ASP A CA    1 
ATOM   613  C C     . ASP A 1 81 ? 4.372   -8.108  6.654   1.00 18.76 ? 249 ASP A C     1 
ATOM   614  O O     . ASP A 1 81 ? 3.913   -7.142  6.046   1.00 17.52 ? 249 ASP A O     1 
ATOM   615  C CB    . ASP A 1 81 ? 3.160   -10.123 7.479   1.00 24.70 ? 249 ASP A CB    1 
ATOM   616  C CG    . ASP A 1 81 ? 1.741   -9.629  7.485   1.00 26.72 ? 249 ASP A CG    1 
ATOM   617  O OD1   . ASP A 1 81 ? 1.118   -9.759  6.452   1.00 32.95 ? 249 ASP A OD1   1 
ATOM   618  O OD2   . ASP A 1 81 ? 1.302   -9.125  8.498   1.00 35.51 ? 249 ASP A OD2   1 
ATOM   619  N N     . VAL A 1 82 ? 5.273   -7.978  7.615   1.00 18.99 ? 250 VAL A N     1 
ATOM   620  C CA    . VAL A 1 82 ? 5.669   -6.623  8.087   1.00 19.34 ? 250 VAL A CA    1 
ATOM   621  C C     . VAL A 1 82 ? 6.408   -5.905  6.957   1.00 15.61 ? 250 VAL A C     1 
ATOM   622  O O     . VAL A 1 82 ? 6.163   -4.703  6.793   1.00 13.83 ? 250 VAL A O     1 
ATOM   623  C CB    . VAL A 1 82 ? 6.462   -6.625  9.397   1.00 23.22 ? 250 VAL A CB    1 
ATOM   624  C CG1   . VAL A 1 82 ? 7.716   -7.466  9.363   1.00 25.77 ? 250 VAL A CG1   1 
ATOM   625  C CG2   . VAL A 1 82 ? 6.823   -5.200  9.797   1.00 25.81 ? 250 VAL A CG2   1 
ATOM   626  N N     . SER A 1 83 ? 7.197   -6.609  6.147   1.00 13.19 ? 251 SER A N     1 
ATOM   627  C CA    . SER A 1 83 ? 7.892   -5.968  5.010   1.00 11.95 ? 251 SER A CA    1 
ATOM   628  C C     . SER A 1 83 ? 6.863   -5.425  4.021   1.00 9.68  ? 251 SER A C     1 
ATOM   629  O O     . SER A 1 83 ? 7.026   -4.300  3.535   1.00 8.61  ? 251 SER A O     1 
ATOM   630  C CB    . SER A 1 83 ? 8.874   -6.894  4.338   1.00 14.70 ? 251 SER A CB    1 
ATOM   631  O OG    . SER A 1 83 ? 10.009  -7.085  5.187   1.00 20.52 ? 251 SER A OG    1 
ATOM   632  N N     . ILE A 1 84 ? 5.875   -6.225  3.644   1.00 9.34  ? 252 ILE A N     1 
ATOM   633  C CA    . ILE A 1 84 ? 4.821   -5.789  2.682   1.00 10.15 ? 252 ILE A CA    1 
ATOM   634  C C     . ILE A 1 84 ? 4.062   -4.562  3.257   1.00 9.29  ? 252 ILE A C     1 
ATOM   635  O O     . ILE A 1 84 ? 3.752   -3.618  2.510   1.00 9.24  ? 252 ILE A O     1 
ATOM   636  C CB    . ILE A 1 84 ? 3.879   -6.959  2.338   1.00 11.38 ? 252 ILE A CB    1 
ATOM   637  C CG1   . ILE A 1 84 ? 4.634   -8.120  1.674   1.00 12.42 ? 252 ILE A CG1   1 
ATOM   638  C CG2   . ILE A 1 84 ? 2.783   -6.401  1.443   1.00 11.79 ? 252 ILE A CG2   1 
ATOM   639  C CD1   . ILE A 1 84 ? 3.850   -9.381  1.499   1.00 12.69 ? 252 ILE A CD1   1 
ATOM   640  N N     . ARG A 1 85 ? 3.814   -4.540  4.569   1.00 8.99  ? 253 ARG A N     1 
ATOM   641  C CA    . ARG A 1 85 ? 3.123   -3.396  5.204   1.00 9.41  ? 253 ARG A CA    1 
ATOM   642  C C     . ARG A 1 85 ? 4.002   -2.152  5.005   1.00 9.11  ? 253 ARG A C     1 
ATOM   643  O O     . ARG A 1 85 ? 3.472   -1.108  4.667   1.00 9.68  ? 253 ARG A O     1 
ATOM   644  C CB    . ARG A 1 85 ? 2.851   -3.646  6.689   1.00 9.49  ? 253 ARG A CB    1 
ATOM   645  C CG    . ARG A 1 85 ? 1.798   -4.720  6.918   1.00 10.53 ? 253 ARG A CG    1 
ATOM   646  C CD    . ARG A 1 85 ? 1.582   -5.035  8.395   1.00 10.92 ? 253 ARG A CD    1 
ATOM   647  N NE    . ARG A 1 85 ? 0.907   -3.984  9.131   1.00 10.23 ? 253 ARG A NE    1 
ATOM   648  C CZ    . ARG A 1 85 ? -0.408  -3.775  9.159   1.00 11.41 ? 253 ARG A CZ    1 
ATOM   649  N NH1   . ARG A 1 85 ? -1.213  -4.555  8.465   1.00 11.64 ? 253 ARG A NH1   1 
ATOM   650  N NH2   . ARG A 1 85 ? -0.924  -2.784  9.872   1.00 11.20 ? 253 ARG A NH2   1 
ATOM   651  N N     A ARG A 1 86 ? 5.318   -2.251  5.224   0.50 9.17  ? 254 ARG A N     1 
ATOM   652  N N     B ARG A 1 86 ? 5.311   -2.270  5.194   0.50 9.15  ? 254 ARG A N     1 
ATOM   653  C CA    A ARG A 1 86 ? 6.227   -1.079  5.031   0.50 9.30  ? 254 ARG A CA    1 
ATOM   654  C CA    B ARG A 1 86 ? 6.219   -1.105  5.019   0.50 9.29  ? 254 ARG A CA    1 
ATOM   655  C C     A ARG A 1 86 ? 6.227   -0.668  3.548   0.50 9.34  ? 254 ARG A C     1 
ATOM   656  C C     B ARG A 1 86 ? 6.231   -0.673  3.546   0.50 9.34  ? 254 ARG A C     1 
ATOM   657  O O     A ARG A 1 86 ? 6.278   0.542   3.269   0.50 9.87  ? 254 ARG A O     1 
ATOM   658  O O     B ARG A 1 86 ? 6.264   0.541   3.278   0.50 9.87  ? 254 ARG A O     1 
ATOM   659  C CB    A ARG A 1 86 ? 7.651   -1.390  5.507   0.50 9.15  ? 254 ARG A CB    1 
ATOM   660  C CB    B ARG A 1 86 ? 7.589   -1.501  5.566   0.50 9.16  ? 254 ARG A CB    1 
ATOM   661  C CG    A ARG A 1 86 ? 8.049   -0.817  6.864   0.50 9.61  ? 254 ARG A CG    1 
ATOM   662  C CG    B ARG A 1 86 ? 7.570   -1.751  7.063   0.50 9.29  ? 254 ARG A CG    1 
ATOM   663  C CD    A ARG A 1 86 ? 7.638   0.614   7.112   0.50 8.20  ? 254 ARG A CD    1 
ATOM   664  C CD    B ARG A 1 86 ? 7.395   -0.393  7.778   0.50 9.20  ? 254 ARG A CD    1 
ATOM   665  N NE    A ARG A 1 86 ? 8.659   1.476   7.683   0.50 7.93  ? 254 ARG A NE    1 
ATOM   666  N NE    B ARG A 1 86 ? 5.966   -0.157  7.824   0.50 9.44  ? 254 ARG A NE    1 
ATOM   667  C CZ    A ARG A 1 86 ? 8.383   2.681   8.193   0.50 6.99  ? 254 ARG A CZ    1 
ATOM   668  C CZ    B ARG A 1 86 ? 5.140   -0.875  8.563   0.50 8.63  ? 254 ARG A CZ    1 
ATOM   669  N NH1   A ARG A 1 86 ? 7.109   3.122   8.194   0.50 5.94  ? 254 ARG A NH1   1 
ATOM   670  N NH1   B ARG A 1 86 ? 3.855   -0.672  8.472   0.50 8.17  ? 254 ARG A NH1   1 
ATOM   671  N NH2   A ARG A 1 86 ? 9.384   3.401   8.686   0.50 5.94  ? 254 ARG A NH2   1 
ATOM   672  N NH2   B ARG A 1 86 ? 5.610   -1.891  9.272   0.50 10.45 ? 254 ARG A NH2   1 
ATOM   673  N N     . MET A 1 87 ? 6.146   -1.621  2.618   1.00 9.20  ? 255 MET A N     1 
ATOM   674  C CA    . MET A 1 87 ? 6.082   -1.339  1.160   1.00 9.49  ? 255 MET A CA    1 
ATOM   675  C C     . MET A 1 87 ? 4.811   -0.564  0.820   1.00 8.88  ? 255 MET A C     1 
ATOM   676  O O     . MET A 1 87 ? 4.891   0.393   0.030   1.00 8.96  ? 255 MET A O     1 
ATOM   677  C CB    . MET A 1 87 ? 6.188   -2.600  0.317   1.00 10.88 ? 255 MET A CB    1 
ATOM   678  C CG    . MET A 1 87 ? 7.505   -3.344  0.505   1.00 12.59 ? 255 MET A CG    1 
ATOM   679  S SD    . MET A 1 87 ? 7.357   -4.896  -0.385  1.00 15.17 ? 255 MET A SD    1 
ATOM   680  C CE    . MET A 1 87 ? 8.812   -5.731  0.263   1.00 17.48 ? 255 MET A CE    1 
ATOM   681  N N     . ILE A 1 88 ? 3.678   -0.933  1.390   1.00 8.36  ? 256 ILE A N     1 
ATOM   682  C CA    . ILE A 1 88 ? 2.414   -0.180  1.183   1.00 8.62  ? 256 ILE A CA    1 
ATOM   683  C C     . ILE A 1 88 ? 2.622   1.266   1.682   1.00 9.18  ? 256 ILE A C     1 
ATOM   684  O O     . ILE A 1 88 ? 2.291   2.220   0.952   1.00 9.05  ? 256 ILE A O     1 
ATOM   685  C CB    . ILE A 1 88 ? 1.243   -0.883  1.875   1.00 8.72  ? 256 ILE A CB    1 
ATOM   686  C CG1   . ILE A 1 88 ? 0.998   -2.285  1.287   1.00 9.07  ? 256 ILE A CG1   1 
ATOM   687  C CG2   . ILE A 1 88 ? 0.026   0.007   1.797   1.00 8.92  ? 256 ILE A CG2   1 
ATOM   688  C CD1   . ILE A 1 88 ? -0.004  -3.106  2.089   1.00 9.49  ? 256 ILE A CD1   1 
ATOM   689  N N     . GLY A 1 89 ? 3.135   1.417   2.899   1.00 9.35  ? 257 GLY A N     1 
ATOM   690  C CA    . GLY A 1 89 ? 3.412   2.736   3.472   1.00 9.17  ? 257 GLY A CA    1 
ATOM   691  C C     . GLY A 1 89 ? 4.351   3.551   2.594   1.00 9.37  ? 257 GLY A C     1 
ATOM   692  O O     . GLY A 1 89 ? 4.146   4.792   2.455   1.00 9.46  ? 257 GLY A O     1 
ATOM   693  N N     . GLN A 1 90 ? 5.354   2.905   2.007   1.00 8.44  ? 258 GLN A N     1 
ATOM   694  C CA    . GLN A 1 90 ? 6.329   3.608   1.144   1.00 8.94  ? 258 GLN A CA    1 
ATOM   695  C C     . GLN A 1 90 ? 5.616   4.100   -0.124  1.00 8.43  ? 258 GLN A C     1 
ATOM   696  O O     . GLN A 1 90 ? 5.872   5.256   -0.526  1.00 8.92  ? 258 GLN A O     1 
ATOM   697  C CB    . GLN A 1 90 ? 7.525   2.737   0.814   1.00 9.03  ? 258 GLN A CB    1 
ATOM   698  C CG    . GLN A 1 90 ? 8.534   3.429   -0.100  1.00 9.19  ? 258 GLN A CG    1 
ATOM   699  C CD    . GLN A 1 90 ? 9.833   2.676   -0.233  1.00 9.86  ? 258 GLN A CD    1 
ATOM   700  O OE1   . GLN A 1 90 ? 10.453  2.348   0.769   1.00 10.22 ? 258 GLN A OE1   1 
ATOM   701  N NE2   . GLN A 1 90 ? 10.286  2.402   -1.462  1.00 9.17  ? 258 GLN A NE2   1 
ATOM   702  N N     . LYS A 1 91 ? 4.734   3.292   -0.689  1.00 8.15  ? 259 LYS A N     1 
ATOM   703  C CA    . LYS A 1 91 ? 3.968   3.708   -1.903  1.00 8.72  ? 259 LYS A CA    1 
ATOM   704  C C     . LYS A 1 91 ? 3.058   4.892   -1.533  1.00 9.42  ? 259 LYS A C     1 
ATOM   705  O O     . LYS A 1 91 ? 2.993   5.874   -2.311  1.00 9.15  ? 259 LYS A O     1 
ATOM   706  C CB    . LYS A 1 91 ? 3.175   2.559   -2.520  1.00 9.39  ? 259 LYS A CB    1 
ATOM   707  C CG    . LYS A 1 91 ? 2.212   2.985   -3.620  1.00 10.21 ? 259 LYS A CG    1 
ATOM   708  C CD    . LYS A 1 91 ? 2.869   3.796   -4.774  1.00 10.00 ? 259 LYS A CD    1 
ATOM   709  C CE    . LYS A 1 91 ? 1.843   4.285   -5.761  1.00 10.70 ? 259 LYS A CE    1 
ATOM   710  N NZ    . LYS A 1 91 ? 2.487   4.621   -7.049  1.00 11.79 ? 259 LYS A NZ    1 
ATOM   711  N N     . LEU A 1 92 ? 2.311   4.828   -0.428  1.00 9.05  ? 260 LEU A N     1 
ATOM   712  C CA    . LEU A 1 92 ? 1.493   5.991   -0.022  1.00 9.31  ? 260 LEU A CA    1 
ATOM   713  C C     . LEU A 1 92 ? 2.407   7.225   0.030   1.00 9.99  ? 260 LEU A C     1 
ATOM   714  O O     . LEU A 1 92 ? 2.053   8.330   -0.463  1.00 9.18  ? 260 LEU A O     1 
ATOM   715  C CB    . LEU A 1 92 ? 0.846   5.684   1.327   1.00 9.28  ? 260 LEU A CB    1 
ATOM   716  C CG    . LEU A 1 92 ? -0.194  4.554   1.319   1.00 9.58  ? 260 LEU A CG    1 
ATOM   717  C CD1   . LEU A 1 92 ? -0.734  4.275   2.706   1.00 9.24  ? 260 LEU A CD1   1 
ATOM   718  C CD2   . LEU A 1 92 ? -1.352  4.894   0.399   1.00 9.66  ? 260 LEU A CD2   1 
ATOM   719  N N     . ASN A 1 93 ? 3.561   7.064   0.653   1.00 9.94  ? 261 ASN A N     1 
ATOM   720  C CA    . ASN A 1 93 ? 4.487   8.202   0.841   1.00 10.99 ? 261 ASN A CA    1 
ATOM   721  C C     . ASN A 1 93 ? 4.999   8.691   -0.520  1.00 10.69 ? 261 ASN A C     1 
ATOM   722  O O     . ASN A 1 93 ? 5.205   9.916   -0.646  1.00 10.97 ? 261 ASN A O     1 
ATOM   723  C CB    . ASN A 1 93 ? 5.621   7.844   1.783   1.00 11.99 ? 261 ASN A CB    1 
ATOM   724  C CG    . ASN A 1 93 ? 6.063   9.033   2.598   1.00 15.87 ? 261 ASN A CG    1 
ATOM   725  O OD1   . ASN A 1 93 ? 5.268   9.904   2.931   1.00 18.38 ? 261 ASN A OD1   1 
ATOM   726  N ND2   . ASN A 1 93 ? 7.330   9.056   2.917   1.00 17.16 ? 261 ASN A ND2   1 
ATOM   727  N N     . ASN A 1 94 ? 5.169   7.800   -1.487  1.00 10.42 ? 262 ASN A N     1 
ATOM   728  C CA    . ASN A 1 94 ? 5.578   8.163   -2.868  1.00 10.59 ? 262 ASN A CA    1 
ATOM   729  C C     . ASN A 1 94 ? 4.589   9.180   -3.457  1.00 11.62 ? 262 ASN A C     1 
ATOM   730  O O     . ASN A 1 94 ? 4.956   9.871   -4.419  1.00 12.36 ? 262 ASN A O     1 
ATOM   731  C CB    . ASN A 1 94 ? 5.723   6.960   -3.786  1.00 10.82 ? 262 ASN A CB    1 
ATOM   732  C CG    . ASN A 1 94 ? 6.942   6.127   -3.493  1.00 10.67 ? 262 ASN A CG    1 
ATOM   733  O OD1   . ASN A 1 94 ? 7.797   6.515   -2.680  1.00 9.81  ? 262 ASN A OD1   1 
ATOM   734  N ND2   . ASN A 1 94 ? 6.967   4.937   -4.073  1.00 11.57 ? 262 ASN A ND2   1 
ATOM   735  N N     . CYS A 1 95 ? 3.368   9.260   -2.952  1.00 11.56 ? 263 CYS A N     1 
ATOM   736  C CA    . CYS A 1 95 ? 2.309   10.097  -3.566  1.00 12.25 ? 263 CYS A CA    1 
ATOM   737  C C     . CYS A 1 95 ? 2.173   11.436  -2.825  1.00 14.00 ? 263 CYS A C     1 
ATOM   738  O O     . CYS A 1 95 ? 1.290   12.205  -3.213  1.00 12.55 ? 263 CYS A O     1 
ATOM   739  C CB    . CYS A 1 95 ? 0.985   9.341   -3.638  1.00 12.17 ? 263 CYS A CB    1 
ATOM   740  S SG    . CYS A 1 95 ? 1.102   7.827   -4.606  1.00 13.31 ? 263 CYS A SG    1 
ATOM   741  N N     . THR A 1 96 ? 3.029   11.743  -1.837  1.00 15.23 ? 264 THR A N     1 
ATOM   742  C CA    . THR A 1 96 ? 2.843   12.905  -0.941  1.00 18.99 ? 264 THR A CA    1 
ATOM   743  C C     . THR A 1 96 ? 3.714   14.125  -1.307  1.00 22.69 ? 264 THR A C     1 
ATOM   744  O O     . THR A 1 96 ? 3.692   15.083  -0.487  1.00 25.65 ? 264 THR A O     1 
ATOM   745  C CB    . THR A 1 96 ? 3.204   12.596  0.516   1.00 17.26 ? 264 THR A CB    1 
ATOM   746  O OG1   . THR A 1 96 ? 4.591   12.252  0.566   1.00 17.65 ? 264 THR A OG1   1 
ATOM   747  C CG2   . THR A 1 96 ? 2.344   11.504  1.122   1.00 16.38 ? 264 THR A CG2   1 
ATOM   748  N N     . LYS A 1 97 ? 4.526   14.145  -2.370  1.00 23.10 ? 265 LYS A N     1 
ATOM   749  C CA    . LYS A 1 97 ? 5.540   15.266  -2.429  1.00 27.98 ? 265 LYS A CA    1 
ATOM   750  C C     . LYS A 1 97 ? 4.860   16.638  -2.643  1.00 33.57 ? 265 LYS A C     1 
ATOM   751  O O     . LYS A 1 97 ? 3.798   16.682  -3.283  1.00 41.76 ? 265 LYS A O     1 
ATOM   752  C CB    . LYS A 1 97 ? 6.631   15.002  -3.465  1.00 27.47 ? 265 LYS A CB    1 
ATOM   753  C CG    . LYS A 1 97 ? 7.670   13.992  -2.993  1.00 28.92 ? 265 LYS A CG    1 
ATOM   754  C CD    . LYS A 1 97 ? 8.495   14.467  -1.796  1.00 27.81 ? 265 LYS A CD    1 
ATOM   755  C CE    . LYS A 1 97 ? 9.702   13.592  -1.539  1.00 28.78 ? 265 LYS A CE    1 
ATOM   756  N NZ    . LYS A 1 97 ? 10.305  13.848  -0.204  1.00 28.87 ? 265 LYS A NZ    1 
ATOM   757  O "O5'" . DC  B 2 1  ? 19.582  -2.837  24.740  1.00 23.90 ? 1   DC  C "O5'" 1 
ATOM   758  C "C5'" . DC  B 2 1  ? 18.357  -2.318  25.255  1.00 17.55 ? 1   DC  C "C5'" 1 
ATOM   759  C "C4'" . DC  B 2 1  ? 17.357  -3.448  25.280  1.00 14.69 ? 1   DC  C "C4'" 1 
ATOM   760  O "O4'" . DC  B 2 1  ? 16.261  -3.024  26.112  1.00 12.52 ? 1   DC  C "O4'" 1 
ATOM   761  C "C3'" . DC  B 2 1  ? 16.754  -3.767  23.904  1.00 12.86 ? 1   DC  C "C3'" 1 
ATOM   762  O "O3'" . DC  B 2 1  ? 16.816  -5.155  23.663  1.00 12.22 ? 1   DC  C "O3'" 1 
ATOM   763  C "C2'" . DC  B 2 1  ? 15.381  -3.135  23.949  1.00 12.26 ? 1   DC  C "C2'" 1 
ATOM   764  C "C1'" . DC  B 2 1  ? 15.046  -3.283  25.436  1.00 12.45 ? 1   DC  C "C1'" 1 
ATOM   765  N N1    . DC  B 2 1  ? 14.079  -2.289  25.870  1.00 11.66 ? 1   DC  C N1    1 
ATOM   766  C C2    . DC  B 2 1  ? 12.718  -2.545  25.689  1.00 11.79 ? 1   DC  C C2    1 
ATOM   767  O O2    . DC  B 2 1  ? 12.377  -3.629  25.195  1.00 12.61 ? 1   DC  C O2    1 
ATOM   768  N N3    . DC  B 2 1  ? 11.821  -1.595  26.019  1.00 12.22 ? 1   DC  C N3    1 
ATOM   769  C C4    . DC  B 2 1  ? 12.244  -0.423  26.510  1.00 13.43 ? 1   DC  C C4    1 
ATOM   770  N N4    . DC  B 2 1  ? 11.332  0.496   26.822  1.00 15.66 ? 1   DC  C N4    1 
ATOM   771  C C5    . DC  B 2 1  ? 13.621  -0.143  26.703  1.00 14.27 ? 1   DC  C C5    1 
ATOM   772  C C6    . DC  B 2 1  ? 14.497  -1.086  26.356  1.00 13.89 ? 1   DC  C C6    1 
ATOM   773  P P     . DT  B 2 2  ? 16.689  -5.765  22.175  1.00 12.63 ? 2   DT  C P     1 
ATOM   774  O OP1   . DT  B 2 2  ? 16.944  -7.219  22.279  1.00 11.13 ? 2   DT  C OP1   1 
ATOM   775  O OP2   . DT  B 2 2  ? 17.414  -4.898  21.222  1.00 12.00 ? 2   DT  C OP2   1 
ATOM   776  O "O5'" . DT  B 2 2  ? 15.152  -5.555  21.842  1.00 10.76 ? 2   DT  C "O5'" 1 
ATOM   777  C "C5'" . DT  B 2 2  ? 14.153  -6.488  22.260  1.00 10.67 ? 2   DT  C "C5'" 1 
ATOM   778  C "C4'" . DT  B 2 2  ? 12.846  -6.126  21.598  1.00 10.11 ? 2   DT  C "C4'" 1 
ATOM   779  O "O4'" . DT  B 2 2  ? 12.215  -5.020  22.249  1.00 10.05 ? 2   DT  C "O4'" 1 
ATOM   780  C "C3'" . DT  B 2 2  ? 12.978  -5.732  20.131  1.00 10.44 ? 2   DT  C "C3'" 1 
ATOM   781  O "O3'" . DT  B 2 2  ? 12.510  -6.842  19.356  1.00 10.89 ? 2   DT  C "O3'" 1 
ATOM   782  C "C2'" . DT  B 2 2  ? 12.129  -4.473  19.987  1.00 10.34 ? 2   DT  C "C2'" 1 
ATOM   783  C "C1'" . DT  B 2 2  ? 11.393  -4.364  21.289  1.00 10.10 ? 2   DT  C "C1'" 1 
ATOM   784  N N1    . DT  B 2 2  ? 11.172  -2.994  21.769  1.00 11.11 ? 2   DT  C N1    1 
ATOM   785  C C2    . DT  B 2 2  ? 9.874   -2.564  21.874  1.00 11.13 ? 2   DT  C C2    1 
ATOM   786  O O2    . DT  B 2 2  ? 8.922   -3.241  21.511  1.00 11.69 ? 2   DT  C O2    1 
ATOM   787  N N3    . DT  B 2 2  ? 9.728   -1.315  22.422  1.00 11.34 ? 2   DT  C N3    1 
ATOM   788  C C4    . DT  B 2 2  ? 10.739  -0.450  22.807  1.00 10.97 ? 2   DT  C C4    1 
ATOM   789  O O4    . DT  B 2 2  ? 10.460  0.656   23.274  1.00 11.17 ? 2   DT  C O4    1 
ATOM   790  C C5    . DT  B 2 2  ? 12.088  -0.968  22.651  1.00 10.34 ? 2   DT  C C5    1 
ATOM   791  C C7    . DT  B 2 2  ? 13.244  -0.082  22.964  1.00 10.08 ? 2   DT  C C7    1 
ATOM   792  C C6    . DT  B 2 2  ? 12.231  -2.184  22.114  1.00 10.77 ? 2   DT  C C6    1 
ATOM   793  P P     . DC  B 2 3  ? 12.501  -6.712  17.731  1.00 11.54 ? 3   DC  C P     1 
ATOM   794  O OP1   . DC  B 2 3  ? 12.473  -8.043  17.191  1.00 10.84 ? 3   DC  C OP1   1 
ATOM   795  O OP2   . DC  B 2 3  ? 13.517  -5.695  17.315  1.00 9.91  ? 3   DC  C OP2   1 
ATOM   796  O "O5'" . DC  B 2 3  ? 11.075  -6.081  17.419  1.00 9.82  ? 3   DC  C "O5'" 1 
ATOM   797  C "C5'" . DC  B 2 3  ? 9.913   -6.760  17.846  1.00 9.35  ? 3   DC  C "C5'" 1 
ATOM   798  C "C4'" . DC  B 2 3  ? 8.706   -5.941  17.475  1.00 9.62  ? 3   DC  C "C4'" 1 
ATOM   799  O "O4'" . DC  B 2 3  ? 8.657   -4.722  18.221  1.00 9.92  ? 3   DC  C "O4'" 1 
ATOM   800  C "C3'" . DC  B 2 3  ? 8.633   -5.546  15.996  1.00 10.07 ? 3   DC  C "C3'" 1 
ATOM   801  O "O3'" . DC  B 2 3  ? 7.389   -6.056  15.495  1.00 11.07 ? 3   DC  C "O3'" 1 
ATOM   802  C "C2'" . DC  B 2 3  ? 8.660   -4.017  16.004  1.00 9.79  ? 3   DC  C "C2'" 1 
ATOM   803  C "C1'" . DC  B 2 3  ? 8.245   -3.641  17.405  1.00 10.06 ? 3   DC  C "C1'" 1 
ATOM   804  N N1    . DC  B 2 3  ? 8.855   -2.422  17.967  1.00 10.20 ? 3   DC  C N1    1 
ATOM   805  C C2    . DC  B 2 3  ? 8.030   -1.406  18.452  1.00 10.39 ? 3   DC  C C2    1 
ATOM   806  O O2    . DC  B 2 3  ? 6.809   -1.528  18.335  1.00 11.38 ? 3   DC  C O2    1 
ATOM   807  N N3    . DC  B 2 3  ? 8.590   -0.314  19.019  1.00 10.23 ? 3   DC  C N3    1 
ATOM   808  C C4    . DC  B 2 3  ? 9.921   -0.237  19.130  1.00 10.03 ? 3   DC  C C4    1 
ATOM   809  N N4    . DC  B 2 3  ? 10.438  0.836   19.695  1.00 9.78  ? 3   DC  C N4    1 
ATOM   810  C C5    . DC  B 2 3  ? 10.780  -1.281  18.671  1.00 9.78  ? 3   DC  C C5    1 
ATOM   811  C C6    . DC  B 2 3  ? 10.211  -2.341  18.112  1.00 9.17  ? 3   DC  C C6    1 
ATOM   812  P P     . DT  B 2 4  ? 7.037   -5.887  13.975  1.00 12.13 ? 4   DT  C P     1 
ATOM   813  O OP1   . DT  B 2 4  ? 6.101   -6.982  13.671  1.00 11.16 ? 4   DT  C OP1   1 
ATOM   814  O OP2   . DT  B 2 4  ? 8.233   -5.620  13.196  1.00 11.80 ? 4   DT  C OP2   1 
ATOM   815  O "O5'" . DT  B 2 4  ? 6.227   -4.523  13.954  1.00 10.85 ? 4   DT  C "O5'" 1 
ATOM   816  C "C5'" . DT  B 2 4  ? 5.053   -4.356  14.783  1.00 10.40 ? 4   DT  C "C5'" 1 
ATOM   817  C "C4'" . DT  B 2 4  ? 4.487   -2.971  14.622  1.00 9.68  ? 4   DT  C "C4'" 1 
ATOM   818  O "O4'" . DT  B 2 4  ? 5.361   -2.030  15.272  1.00 9.96  ? 4   DT  C "O4'" 1 
ATOM   819  C "C3'" . DT  B 2 4  ? 4.291   -2.469  13.178  1.00 10.04 ? 4   DT  C "C3'" 1 
ATOM   820  O "O3'" . DT  B 2 4  ? 2.890   -2.161  13.042  1.00 10.13 ? 4   DT  C "O3'" 1 
ATOM   821  C "C2'" . DT  B 2 4  ? 5.274   -1.302  13.064  1.00 9.41  ? 4   DT  C "C2'" 1 
ATOM   822  C "C1'" . DT  B 2 4  ? 5.363   -0.855  14.511  1.00 10.09 ? 4   DT  C "C1'" 1 
ATOM   823  N N1    . DT  B 2 4  ? 6.500   -0.095  14.952  1.00 9.96  ? 4   DT  C N1    1 
ATOM   824  C C2    . DT  B 2 4  ? 6.303   1.072   15.651  1.00 9.96  ? 4   DT  C C2    1 
ATOM   825  O O2    . DT  B 2 4  ? 5.197   1.533   15.889  1.00 10.34 ? 4   DT  C O2    1 
ATOM   826  N N3    . DT  B 2 4  ? 7.452   1.668   16.102  1.00 9.79  ? 4   DT  C N3    1 
ATOM   827  C C4    . DT  B 2 4  ? 8.743   1.215   15.928  1.00 9.78  ? 4   DT  C C4    1 
ATOM   828  O O4    . DT  B 2 4  ? 9.679   1.865   16.378  1.00 9.87  ? 4   DT  C O4    1 
ATOM   829  C C5    . DT  B 2 4  ? 8.874   -0.016  15.191  1.00 10.43 ? 4   DT  C C5    1 
ATOM   830  C C7    . DT  B 2 4  ? 10.241  -0.587  14.968  1.00 11.59 ? 4   DT  C C7    1 
ATOM   831  C C6    . DT  B 2 4  ? 7.762   -0.605  14.748  1.00 9.42  ? 4   DT  C C6    1 
ATOM   832  P P     . DC  B 2 5  ? 2.246   -1.732  11.647  1.00 10.77 ? 5   DC  C P     1 
ATOM   833  O OP1   . DC  B 2 5  ? 0.766   -1.806  11.849  1.00 9.02  ? 5   DC  C OP1   1 
ATOM   834  O OP2   . DC  B 2 5  ? 2.861   -2.431  10.514  1.00 9.17  ? 5   DC  C OP2   1 
ATOM   835  O "O5'" . DC  B 2 5  ? 2.676   -0.208  11.510  1.00 10.28 ? 5   DC  C "O5'" 1 
ATOM   836  C "C5'" . DC  B 2 5  ? 2.170   0.755   12.427  1.00 10.29 ? 5   DC  C "C5'" 1 
ATOM   837  C "C4'" . DC  B 2 5  ? 2.804   2.098   12.161  1.00 10.71 ? 5   DC  C "C4'" 1 
ATOM   838  O "O4'" . DC  B 2 5  ? 4.168   2.089   12.619  1.00 9.91  ? 5   DC  C "O4'" 1 
ATOM   839  C "C3'" . DC  B 2 5  ? 2.863   2.443   10.676  1.00 10.35 ? 5   DC  C "C3'" 1 
ATOM   840  O "O3'" . DC  B 2 5  ? 2.479   3.790   10.451  1.00 10.94 ? 5   DC  C "O3'" 1 
ATOM   841  C "C2'" . DC  B 2 5  ? 4.317   2.242   10.301  1.00 10.43 ? 5   DC  C "C2'" 1 
ATOM   842  C "C1'" . DC  B 2 5  ? 4.924   2.703   11.603  1.00 9.99  ? 5   DC  C "C1'" 1 
ATOM   843  N N1    . DC  B 2 5  ? 6.344   2.474   11.866  1.00 9.68  ? 5   DC  C N1    1 
ATOM   844  C C2    . DC  B 2 5  ? 6.930   3.291   12.826  1.00 10.41 ? 5   DC  C C2    1 
ATOM   845  O O2    . DC  B 2 5  ? 6.214   4.100   13.425  1.00 11.03 ? 5   DC  C O2    1 
ATOM   846  N N3    . DC  B 2 5  ? 8.245   3.142   13.119  1.00 9.85  ? 5   DC  C N3    1 
ATOM   847  C C4    . DC  B 2 5  ? 8.965   2.216   12.482  1.00 9.80  ? 5   DC  C C4    1 
ATOM   848  N N4    . DC  B 2 5  ? 10.258  2.133   12.767  1.00 8.99  ? 5   DC  C N4    1 
ATOM   849  C C5    . DC  B 2 5  ? 8.382   1.337   11.521  1.00 9.62  ? 5   DC  C C5    1 
ATOM   850  C C6    . DC  B 2 5  ? 7.075   1.489   11.255  1.00 9.55  ? 5   DC  C C6    1 
ATOM   851  P P     . DG  B 2 6  ? 1.653   4.189   9.113   1.00 10.77 ? 6   DG  C P     1 
ATOM   852  O OP1   . DG  B 2 6  ? 0.273   3.780   9.308   1.00 10.77 ? 6   DG  C OP1   1 
ATOM   853  O OP2   . DG  B 2 6  ? 2.415   3.728   7.971   1.00 10.42 ? 6   DG  C OP2   1 
ATOM   854  O "O5'" . DG  B 2 6  ? 1.751   5.784   9.135   1.00 10.80 ? 6   DG  C "O5'" 1 
ATOM   855  C "C5'" . DG  B 2 6  ? 1.061   6.548   10.113  1.00 11.31 ? 6   DG  C "C5'" 1 
ATOM   856  C "C4'" . DG  B 2 6  ? 1.680   7.918   10.148  1.00 10.56 ? 6   DG  C "C4'" 1 
ATOM   857  O "O4'" . DG  B 2 6  ? 2.973   7.825   10.778  1.00 11.31 ? 6   DG  C "O4'" 1 
ATOM   858  C "C3'" . DG  B 2 6  ? 1.897   8.541   8.768   1.00 10.16 ? 6   DG  C "C3'" 1 
ATOM   859  O "O3'" . DG  B 2 6  ? 1.599   9.949   8.870   1.00 10.30 ? 6   DG  C "O3'" 1 
ATOM   860  C "C2'" . DG  B 2 6  ? 3.348   8.239   8.472   1.00 9.96  ? 6   DG  C "C2'" 1 
ATOM   861  C "C1'" . DG  B 2 6  ? 3.988   8.153   9.857   1.00 10.55 ? 6   DG  C "C1'" 1 
ATOM   862  N N9    . DG  B 2 6  ? 5.064   7.174   9.979   1.00 10.51 ? 6   DG  C N9    1 
ATOM   863  C C8    . DG  B 2 6  ? 5.159   5.916   9.414   1.00 12.21 ? 6   DG  C C8    1 
ATOM   864  N N7    . DG  B 2 6  ? 6.296   5.325   9.678   1.00 10.32 ? 6   DG  C N7    1 
ATOM   865  C C5    . DG  B 2 6  ? 7.013   6.273   10.406  1.00 10.71 ? 6   DG  C C5    1 
ATOM   866  C C6    . DG  B 2 6  ? 8.346   6.223   10.941  1.00 10.07 ? 6   DG  C C6    1 
ATOM   867  O O6    . DG  B 2 6  ? 9.177   5.329   10.840  1.00 10.85 ? 6   DG  C O6    1 
ATOM   868  N N1    . DG  B 2 6  ? 8.660   7.373   11.634  1.00 10.32 ? 6   DG  C N1    1 
ATOM   869  C C2    . DG  B 2 6  ? 7.811   8.442   11.824  1.00 10.86 ? 6   DG  C C2    1 
ATOM   870  N N2    . DG  B 2 6  ? 8.311   9.457   12.515  1.00 12.16 ? 6   DG  C N2    1 
ATOM   871  N N3    . DG  B 2 6  ? 6.581   8.518   11.320  1.00 10.14 ? 6   DG  C N3    1 
ATOM   872  C C4    . DG  B 2 6  ? 6.241   7.385   10.657  1.00 10.32 ? 6   DG  C C4    1 
ATOM   873  P P     . DC  B 2 7  ? 1.826   10.971  7.619   1.00 9.99  ? 7   DC  C P     1 
ATOM   874  O OP1   . DC  B 2 7  ? 0.784   12.032  7.760   1.00 9.59  ? 7   DC  C OP1   1 
ATOM   875  O OP2   . DC  B 2 7  ? 1.943   10.265  6.313   1.00 9.05  ? 7   DC  C OP2   1 
ATOM   876  O "O5'" . DC  B 2 7  ? 3.255   11.622  7.924   1.00 9.88  ? 7   DC  C "O5'" 1 
ATOM   877  C "C5'" . DC  B 2 7  ? 3.426   12.343  9.157   1.00 12.34 ? 7   DC  C "C5'" 1 
ATOM   878  C "C4'" . DC  B 2 7  ? 4.895   12.549  9.449   1.00 14.55 ? 7   DC  C "C4'" 1 
ATOM   879  O "O4'" . DC  B 2 7  ? 5.557   11.282  9.464   1.00 17.92 ? 7   DC  C "O4'" 1 
ATOM   880  C "C3'" . DC  B 2 7  ? 5.628   13.347  8.374   1.00 15.83 ? 7   DC  C "C3'" 1 
ATOM   881  O "O3'" . DC  B 2 7  ? 5.559   14.695  8.784   1.00 15.84 ? 7   DC  C "O3'" 1 
ATOM   882  C "C2'" . DC  B 2 7  ? 7.043   12.794  8.400   1.00 18.95 ? 7   DC  C "C2'" 1 
ATOM   883  C "C1'" . DC  B 2 7  ? 6.943   11.535  9.263   1.00 18.19 ? 7   DC  C "C1'" 1 
ATOM   884  N N1    . DC  B 2 7  ? 7.557   10.309  8.737   1.00 17.20 ? 7   DC  C N1    1 
ATOM   885  C C2    . DC  B 2 7  ? 8.900   10.085  9.067   1.00 17.30 ? 7   DC  C C2    1 
ATOM   886  O O2    . DC  B 2 7  ? 9.495   10.945  9.740   1.00 18.21 ? 7   DC  C O2    1 
ATOM   887  N N3    . DC  B 2 7  ? 9.495   8.937   8.674   1.00 14.97 ? 7   DC  C N3    1 
ATOM   888  C C4    . DC  B 2 7  ? 8.816   8.047   7.944   1.00 14.60 ? 7   DC  C C4    1 
ATOM   889  N N4    . DC  B 2 7  ? 9.434   6.914   7.599   1.00 14.45 ? 7   DC  C N4    1 
ATOM   890  C C5    . DC  B 2 7  ? 7.467   8.282   7.535   1.00 15.19 ? 7   DC  C C5    1 
ATOM   891  C C6    . DC  B 2 7  ? 6.874   9.406   7.973   1.00 14.87 ? 7   DC  C C6    1 
ATOM   892  P P     . DG  B 2 8  ? 5.652   15.828  7.705   1.00 17.68 ? 8   DG  C P     1 
ATOM   893  O OP1   . DG  B 2 8  ? 5.497   17.071  8.440   1.00 18.85 ? 8   DG  C OP1   1 
ATOM   894  O OP2   . DG  B 2 8  ? 4.776   15.489  6.583   1.00 15.37 ? 8   DG  C OP2   1 
ATOM   895  O "O5'" . DG  B 2 8  ? 7.149   15.771  7.166   1.00 15.23 ? 8   DG  C "O5'" 1 
ATOM   896  C "C5'" . DG  B 2 8  ? 8.279   16.137  7.962   1.00 14.87 ? 8   DG  C "C5'" 1 
ATOM   897  C "C4'" . DG  B 2 8  ? 9.509   15.809  7.155   1.00 14.06 ? 8   DG  C "C4'" 1 
ATOM   898  O "O4'" . DG  B 2 8  ? 9.603   14.354  7.094   1.00 13.16 ? 8   DG  C "O4'" 1 
ATOM   899  C "C3'" . DG  B 2 8  ? 9.463   16.287  5.695   1.00 13.97 ? 8   DG  C "C3'" 1 
ATOM   900  O "O3'" . DG  B 2 8  ? 10.735  16.766  5.298   1.00 17.07 ? 8   DG  C "O3'" 1 
ATOM   901  C "C2'" . DG  B 2 8  ? 9.175   15.024  4.914   1.00 12.39 ? 8   DG  C "C2'" 1 
ATOM   902  C "C1'" . DG  B 2 8  ? 9.933   14.028  5.771   1.00 12.01 ? 8   DG  C "C1'" 1 
ATOM   903  N N9    . DG  B 2 8  ? 9.577   12.635  5.517   1.00 11.93 ? 8   DG  C N9    1 
ATOM   904  C C8    . DG  B 2 8  ? 8.418   12.136  4.972   1.00 12.64 ? 8   DG  C C8    1 
ATOM   905  N N7    . DG  B 2 8  ? 8.473   10.847  4.749   1.00 13.45 ? 8   DG  C N7    1 
ATOM   906  C C5    . DG  B 2 8  ? 9.750   10.482  5.164   1.00 11.75 ? 8   DG  C C5    1 
ATOM   907  C C6    . DG  B 2 8  ? 10.408  9.222   5.114   1.00 11.04 ? 8   DG  C C6    1 
ATOM   908  O O6    . DG  B 2 8  ? 9.958   8.135   4.725   1.00 10.46 ? 8   DG  C O6    1 
ATOM   909  N N1    . DG  B 2 8  ? 11.719  9.308   5.588   1.00 10.19 ? 8   DG  C N1    1 
ATOM   910  C C2    . DG  B 2 8  ? 12.325  10.466  6.034   1.00 10.71 ? 8   DG  C C2    1 
ATOM   911  N N2    . DG  B 2 8  ? 13.584  10.352  6.489   1.00 10.47 ? 8   DG  C N2    1 
ATOM   912  N N3    . DG  B 2 8  ? 11.708  11.636  6.107   1.00 10.47 ? 8   DG  C N3    1 
ATOM   913  C C4    . DG  B 2 8  ? 10.451  11.579  5.612   1.00 11.20 ? 8   DG  C C4    1 
ATOM   914  P P     . DA  B 2 9  ? 10.886  18.272  4.745   1.00 21.01 ? 9   DA  C P     1 
ATOM   915  O OP1   . DA  B 2 9  ? 10.432  19.165  5.768   1.00 20.02 ? 9   DA  C OP1   1 
ATOM   916  O OP2   . DA  B 2 9  ? 10.311  18.292  3.400   1.00 22.30 ? 9   DA  C OP2   1 
ATOM   917  O "O5'" . DA  B 2 9  ? 12.454  18.399  4.687   1.00 18.34 ? 9   DA  C "O5'" 1 
ATOM   918  C "C5'" . DA  B 2 9  ? 13.277  18.273  5.839   1.00 16.83 ? 9   DA  C "C5'" 1 
ATOM   919  C "C4'" . DA  B 2 9  ? 14.578  17.649  5.391   1.00 17.69 ? 9   DA  C "C4'" 1 
ATOM   920  O "O4'" . DA  B 2 9  ? 14.373  16.240  5.139   1.00 17.85 ? 9   DA  C "O4'" 1 
ATOM   921  C "C3'" . DA  B 2 9  ? 15.185  18.221  4.103   1.00 16.69 ? 9   DA  C "C3'" 1 
ATOM   922  O "O3'" . DA  B 2 9  ? 16.594  18.273  4.354   1.00 17.92 ? 9   DA  C "O3'" 1 
ATOM   923  C "C2'" . DA  B 2 9  ? 14.789  17.211  3.030   1.00 15.83 ? 9   DA  C "C2'" 1 
ATOM   924  C "C1'" . DA  B 2 9  ? 14.753  15.894  3.797   1.00 15.73 ? 9   DA  C "C1'" 1 
ATOM   925  N N9    . DA  B 2 9  ? 13.798  14.890  3.325   1.00 14.93 ? 9   DA  C N9    1 
ATOM   926  C C8    . DA  B 2 9  ? 12.489  15.081  2.961   1.00 14.66 ? 9   DA  C C8    1 
ATOM   927  N N7    . DA  B 2 9  ? 11.852  13.971  2.678   1.00 13.53 ? 9   DA  C N7    1 
ATOM   928  C C5    . DA  B 2 9  ? 12.808  12.984  2.861   1.00 14.14 ? 9   DA  C C5    1 
ATOM   929  C C6    . DA  B 2 9  ? 12.761  11.589  2.710   1.00 13.45 ? 9   DA  C C6    1 
ATOM   930  N N6    . DA  B 2 9  ? 11.661  10.925  2.326   1.00 13.74 ? 9   DA  C N6    1 
ATOM   931  N N1    . DA  B 2 9  ? 13.896  10.896  2.934   1.00 12.02 ? 9   DA  C N1    1 
ATOM   932  C C2    . DA  B 2 9  ? 14.981  11.561  3.353   1.00 13.04 ? 9   DA  C C2    1 
ATOM   933  N N3    . DA  B 2 9  ? 15.142  12.872  3.551   1.00 13.20 ? 9   DA  C N3    1 
ATOM   934  C C4    . DA  B 2 9  ? 14.003  13.532  3.284   1.00 13.32 ? 9   DA  C C4    1 
ATOM   935  P P     . DG  B 2 10 ? 17.619  19.037  3.345   1.00 20.92 ? 10  DG  C P     1 
ATOM   936  O OP1   . DG  B 2 10 ? 18.736  19.480  4.092   1.00 22.45 ? 10  DG  C OP1   1 
ATOM   937  O OP2   . DG  B 2 10 ? 16.862  19.885  2.509   1.00 18.69 ? 10  DG  C OP2   1 
ATOM   938  O "O5'" . DG  B 2 10 ? 18.088  17.867  2.398   1.00 17.97 ? 10  DG  C "O5'" 1 
ATOM   939  C "C5'" . DG  B 2 10 ? 18.871  16.815  2.886   1.00 17.21 ? 10  DG  C "C5'" 1 
ATOM   940  C "C4'" . DG  B 2 10 ? 19.080  15.821  1.773   1.00 19.09 ? 10  DG  C "C4'" 1 
ATOM   941  O "O4'" . DG  B 2 10 ? 17.893  15.026  1.618   1.00 16.60 ? 10  DG  C "O4'" 1 
ATOM   942  C "C3'" . DG  B 2 10 ? 19.338  16.454  0.406   1.00 19.74 ? 10  DG  C "C3'" 1 
ATOM   943  O "O3'" . DG  B 2 10 ? 20.314  15.627  -0.194  1.00 25.23 ? 10  DG  C "O3'" 1 
ATOM   944  C "C2'" . DG  B 2 10 ? 18.018  16.254  -0.317  1.00 18.90 ? 10  DG  C "C2'" 1 
ATOM   945  C "C1'" . DG  B 2 10 ? 17.601  14.921  0.261   1.00 14.71 ? 10  DG  C "C1'" 1 
ATOM   946  N N9    . DG  B 2 10 ? 16.206  14.529  0.101   1.00 13.25 ? 10  DG  C N9    1 
ATOM   947  C C8    . DG  B 2 10 ? 15.111  15.349  0.033   1.00 13.71 ? 10  DG  C C8    1 
ATOM   948  N N7    . DG  B 2 10 ? 13.998  14.702  -0.167  1.00 12.64 ? 10  DG  C N7    1 
ATOM   949  C C5    . DG  B 2 10 ? 14.387  13.377  -0.274  1.00 11.99 ? 10  DG  C C5    1 
ATOM   950  C C6    . DG  B 2 10 ? 13.611  12.199  -0.479  1.00 11.66 ? 10  DG  C C6    1 
ATOM   951  O O6    . DG  B 2 10 ? 12.400  12.100  -0.619  1.00 10.58 ? 10  DG  C O6    1 
ATOM   952  N N1    . DG  B 2 10 ? 14.410  11.063  -0.518  1.00 10.74 ? 10  DG  C N1    1 
ATOM   953  C C2    . DG  B 2 10 ? 15.770  11.054  -0.333  1.00 11.19 ? 10  DG  C C2    1 
ATOM   954  N N2    . DG  B 2 10 ? 16.366  9.866   -0.411  1.00 11.09 ? 10  DG  C N2    1 
ATOM   955  N N3    . DG  B 2 10 ? 16.497  12.138  -0.128  1.00 10.73 ? 10  DG  C N3    1 
ATOM   956  C C4    . DG  B 2 10 ? 15.746  13.254  -0.097  1.00 12.00 ? 10  DG  C C4    1 
ATOM   957  P P     . DA  B 2 11 ? 21.585  16.218  -0.860  1.00 23.73 ? 11  DA  C P     1 
ATOM   958  O OP1   . DA  B 2 11 ? 22.624  16.114  0.072   1.00 25.29 ? 11  DA  C OP1   1 
ATOM   959  O OP2   . DA  B 2 11 ? 21.238  17.457  -1.420  1.00 22.48 ? 11  DA  C OP2   1 
ATOM   960  O "O5'" . DA  B 2 11 ? 21.813  15.229  -2.062  1.00 22.62 ? 11  DA  C "O5'" 1 
ATOM   961  C "C5'" . DA  B 2 11 ? 22.080  13.876  -1.845  1.00 27.01 ? 11  DA  C "C5'" 1 
ATOM   962  C "C4'" . DA  B 2 11 ? 21.303  13.030  -2.823  1.00 28.74 ? 11  DA  C "C4'" 1 
ATOM   963  O "O4'" . DA  B 2 11 ? 19.946  12.932  -2.381  1.00 22.58 ? 11  DA  C "O4'" 1 
ATOM   964  C "C3'" . DA  B 2 11 ? 21.234  13.590  -4.244  1.00 26.53 ? 11  DA  C "C3'" 1 
ATOM   965  O "O3'" . DA  B 2 11 ? 22.024  12.847  -5.152  1.00 29.63 ? 11  DA  C "O3'" 1 
ATOM   966  C "C2'" . DA  B 2 11 ? 19.837  13.248  -4.680  1.00 27.58 ? 11  DA  C "C2'" 1 
ATOM   967  C "C1'" . DA  B 2 11 ? 19.206  12.560  -3.499  1.00 22.18 ? 11  DA  C "C1'" 1 
ATOM   968  N N9    . DA  B 2 11 ? 17.872  13.104  -3.395  1.00 19.23 ? 11  DA  C N9    1 
ATOM   969  C C8    . DA  B 2 11 ? 17.437  14.396  -3.289  1.00 18.88 ? 11  DA  C C8    1 
ATOM   970  N N7    . DA  B 2 11 ? 16.140  14.522  -3.367  1.00 18.10 ? 11  DA  C N7    1 
ATOM   971  C C5    . DA  B 2 11 ? 15.694  13.226  -3.570  1.00 16.81 ? 11  DA  C C5    1 
ATOM   972  C C6    . DA  B 2 11 ? 14.418  12.679  -3.708  1.00 14.56 ? 11  DA  C C6    1 
ATOM   973  N N6    . DA  B 2 11 ? 13.302  13.392  -3.657  1.00 15.15 ? 11  DA  C N6    1 
ATOM   974  N N1    . DA  B 2 11 ? 14.326  11.348  -3.881  1.00 14.22 ? 11  DA  C N1    1 
ATOM   975  C C2    . DA  B 2 11 ? 15.438  10.626  -3.892  1.00 14.45 ? 11  DA  C C2    1 
ATOM   976  N N3    . DA  B 2 11 ? 16.691  11.021  -3.780  1.00 16.37 ? 11  DA  C N3    1 
ATOM   977  C C4    . DA  B 2 11 ? 16.752  12.350  -3.617  1.00 16.72 ? 11  DA  C C4    1 
ATOM   978  P P     . DG  B 2 12 ? 22.123  13.179  -6.752  1.00 27.09 ? 12  DG  C P     1 
ATOM   979  O OP1   . DG  B 2 12 ? 23.409  12.691  -7.156  1.00 27.10 ? 12  DG  C OP1   1 
ATOM   980  O OP2   . DG  B 2 12 ? 21.730  14.513  -7.024  1.00 25.79 ? 12  DG  C OP2   1 
ATOM   981  O "O5'" . DG  B 2 12 ? 21.050  12.205  -7.404  1.00 24.91 ? 12  DG  C "O5'" 1 
ATOM   982  C "C5'" . DG  B 2 12 ? 21.028  10.828  -7.030  1.00 22.83 ? 12  DG  C "C5'" 1 
ATOM   983  C "C4'" . DG  B 2 12 ? 19.775  10.154  -7.534  1.00 25.19 ? 12  DG  C "C4'" 1 
ATOM   984  O "O4'" . DG  B 2 12 ? 18.634  10.632  -6.818  1.00 22.85 ? 12  DG  C "O4'" 1 
ATOM   985  C "C3'" . DG  B 2 12 ? 19.462  10.374  -9.012  1.00 25.35 ? 12  DG  C "C3'" 1 
ATOM   986  O "O3'" . DG  B 2 12 ? 19.770  9.179   -9.707  1.00 30.80 ? 12  DG  C "O3'" 1 
ATOM   987  C "C2'" . DG  B 2 12 ? 17.954  10.449  -9.064  1.00 24.70 ? 12  DG  C "C2'" 1 
ATOM   988  C "C1'" . DG  B 2 12 ? 17.494  10.459  -7.627  1.00 21.77 ? 12  DG  C "C1'" 1 
ATOM   989  N N9    . DG  B 2 12 ? 16.572  11.545  -7.363  1.00 17.30 ? 12  DG  C N9    1 
ATOM   990  C C8    . DG  B 2 12 ? 16.854  12.863  -7.121  1.00 16.80 ? 12  DG  C C8    1 
ATOM   991  N N7    . DG  B 2 12 ? 15.789  13.590  -6.952  1.00 17.87 ? 12  DG  C N7    1 
ATOM   992  C C5    . DG  B 2 12 ? 14.738  12.706  -7.142  1.00 16.78 ? 12  DG  C C5    1 
ATOM   993  C C6    . DG  B 2 12 ? 13.334  12.916  -7.090  1.00 14.34 ? 12  DG  C C6    1 
ATOM   994  O O6    . DG  B 2 12 ? 12.727  13.963  -6.889  1.00 15.93 ? 12  DG  C O6    1 
ATOM   995  N N1    . DG  B 2 12 ? 12.632  11.750  -7.381  1.00 14.85 ? 12  DG  C N1    1 
ATOM   996  C C2    . DG  B 2 12 ? 13.207  10.533  -7.645  1.00 14.84 ? 12  DG  C C2    1 
ATOM   997  N N2    . DG  B 2 12 ? 12.372  9.514   -7.861  1.00 15.77 ? 12  DG  C N2    1 
ATOM   998  N N3    . DG  B 2 12 ? 14.512  10.327  -7.684  1.00 16.14 ? 12  DG  C N3    1 
ATOM   999  C C4    . DG  B 2 12 ? 15.209  11.441  -7.401  1.00 15.75 ? 12  DG  C C4    1 
HETATM 1000 C C     . GOA C 3 .  ? 4.025   6.558   14.096  1.00 20.68 ? 101 GOA C C     1 
HETATM 1001 C CA    . GOA C 3 .  ? 3.167   5.319   14.262  1.00 19.51 ? 101 GOA C CA    1 
HETATM 1002 O O     . GOA C 3 .  ? 4.204   6.738   12.912  1.00 35.07 ? 101 GOA C O     1 
HETATM 1003 O OXT   . GOA C 3 .  ? 4.552   7.250   15.054  1.00 16.71 ? 101 GOA C OXT   1 
HETATM 1004 O O2    . GOA C 3 .  ? 3.951   4.290   14.852  1.00 16.05 ? 101 GOA C O2    1 
HETATM 1005 O O     . HOH D 4 .  ? -15.396 -9.539  -11.349 1.00 34.60 ? 301 HOH A O     1 
HETATM 1006 O O     . HOH D 4 .  ? -3.497  15.789  16.274  1.00 32.82 ? 302 HOH A O     1 
HETATM 1007 O O     . HOH D 4 .  ? -7.775  -12.043 -4.912  1.00 38.24 ? 303 HOH A O     1 
HETATM 1008 O O     . HOH D 4 .  ? -4.924  5.295   -9.995  1.00 30.10 ? 304 HOH A O     1 
HETATM 1009 O O     . HOH D 4 .  ? -1.252  -10.422 6.662   1.00 11.90 ? 305 HOH A O     1 
HETATM 1010 O O     . HOH D 4 .  ? -11.617 -8.209  0.969   1.00 37.58 ? 306 HOH A O     1 
HETATM 1011 O O     . HOH D 4 .  ? -13.662 -1.716  0.357   1.00 27.12 ? 307 HOH A O     1 
HETATM 1012 O O     . HOH D 4 .  ? 11.179  1.295   7.692   0.50 19.40 ? 308 HOH A O     1 
HETATM 1013 O O     . HOH D 4 .  ? -10.205 5.395   7.052   1.00 27.85 ? 309 HOH A O     1 
HETATM 1014 O O     . HOH D 4 .  ? 4.807   12.390  -4.605  1.00 21.87 ? 310 HOH A O     1 
HETATM 1015 O O     . HOH D 4 .  ? 2.766   -18.543 -4.623  1.00 33.82 ? 311 HOH A O     1 
HETATM 1016 O O     . HOH D 4 .  ? 3.126   6.147   4.380   1.00 15.38 ? 312 HOH A O     1 
HETATM 1017 O O     . HOH D 4 .  ? -9.814  -8.647  2.692   1.00 20.67 ? 313 HOH A O     1 
HETATM 1018 O O     . HOH D 4 .  ? 2.601   2.296   -11.646 1.00 32.57 ? 314 HOH A O     1 
HETATM 1019 O O     . HOH D 4 .  ? 4.789   10.238  5.462   1.00 25.17 ? 315 HOH A O     1 
HETATM 1020 O O     . HOH D 4 .  ? -0.764  -7.538  8.401   1.00 12.21 ? 316 HOH A O     1 
HETATM 1021 O O     . HOH D 4 .  ? -4.364  -4.798  8.645   1.00 16.42 ? 317 HOH A O     1 
HETATM 1022 O O     . HOH D 4 .  ? 3.728   1.478   6.956   1.00 19.41 ? 318 HOH A O     1 
HETATM 1023 O O     . HOH D 4 .  ? 10.851  -1.387  -0.139  1.00 14.96 ? 319 HOH A O     1 
HETATM 1024 O O     . HOH D 4 .  ? 11.643  16.060  -0.777  1.00 21.48 ? 320 HOH A O     1 
HETATM 1025 O O     . HOH D 4 .  ? -0.180  14.693  12.454  1.00 20.20 ? 321 HOH A O     1 
HETATM 1026 O O     . HOH D 4 .  ? -1.949  7.145   16.570  1.00 24.71 ? 322 HOH A O     1 
HETATM 1027 O O     . HOH D 4 .  ? -2.163  8.657   9.723   1.00 7.82  ? 323 HOH A O     1 
HETATM 1028 O O     . HOH D 4 .  ? -0.102  14.543  1.298   1.00 33.34 ? 324 HOH A O     1 
HETATM 1029 O O     . HOH D 4 .  ? 8.064   14.273  18.665  1.00 30.91 ? 325 HOH A O     1 
HETATM 1030 O O     . HOH D 4 .  ? 6.332   -0.053  -10.223 1.00 14.09 ? 326 HOH A O     1 
HETATM 1031 O O     . HOH D 4 .  ? 0.128   9.249   2.372   1.00 7.92  ? 327 HOH A O     1 
HETATM 1032 O O     . HOH D 4 .  ? 8.150   -0.936  -12.282 1.00 21.33 ? 328 HOH A O     1 
HETATM 1033 O O     . HOH D 4 .  ? 13.805  2.787   -8.638  1.00 31.41 ? 329 HOH A O     1 
HETATM 1034 O O     . HOH D 4 .  ? 2.004   9.126   17.939  1.00 25.07 ? 330 HOH A O     1 
HETATM 1035 O O     . HOH D 4 .  ? 0.020   0.749   -12.130 1.00 22.87 ? 331 HOH A O     1 
HETATM 1036 O O     . HOH D 4 .  ? -2.985  6.117   -9.250  1.00 31.35 ? 332 HOH A O     1 
HETATM 1037 O O     . HOH D 4 .  ? -9.493  10.530  -4.913  1.00 14.14 ? 333 HOH A O     1 
HETATM 1038 O O     . HOH D 4 .  ? -5.184  -6.279  -17.504 1.00 18.63 ? 334 HOH A O     1 
HETATM 1039 O O     . HOH D 4 .  ? 2.197   13.730  3.638   1.00 18.73 ? 335 HOH A O     1 
HETATM 1040 O O     . HOH D 4 .  ? -3.785  3.102   13.973  1.00 29.31 ? 336 HOH A O     1 
HETATM 1041 O O     . HOH D 4 .  ? -3.602  -2.250  10.509  1.00 26.97 ? 337 HOH A O     1 
HETATM 1042 O O     . HOH D 4 .  ? -8.722  -10.778 1.368   1.00 21.16 ? 338 HOH A O     1 
HETATM 1043 O O     . HOH D 4 .  ? -7.963  1.391   1.433   1.00 17.05 ? 339 HOH A O     1 
HETATM 1044 O O     . HOH D 4 .  ? -10.802 -0.907  7.788   1.00 22.52 ? 340 HOH A O     1 
HETATM 1045 O O     . HOH D 4 .  ? -0.770  2.064   13.901  1.00 19.75 ? 341 HOH A O     1 
HETATM 1046 O O     . HOH D 4 .  ? -6.151  1.118   11.632  1.00 34.47 ? 342 HOH A O     1 
HETATM 1047 O O     . HOH D 4 .  ? -7.528  -19.325 -13.962 1.00 41.37 ? 343 HOH A O     1 
HETATM 1048 O O     . HOH D 4 .  ? 8.313   8.543   -0.873  1.00 19.61 ? 344 HOH A O     1 
HETATM 1049 O O     . HOH D 4 .  ? -1.548  -18.918 -5.375  1.00 26.69 ? 345 HOH A O     1 
HETATM 1050 O O     . HOH D 4 .  ? 6.123   2.340   5.381   1.00 19.46 ? 346 HOH A O     1 
HETATM 1051 O O     . HOH D 4 .  ? 7.105   -8.202  -14.462 1.00 29.06 ? 347 HOH A O     1 
HETATM 1052 O O     . HOH D 4 .  ? -9.731  4.236   -7.330  1.00 27.25 ? 348 HOH A O     1 
HETATM 1053 O O     . HOH D 4 .  ? 8.793   12.203  1.502   1.00 21.90 ? 349 HOH A O     1 
HETATM 1054 O O     . HOH D 4 .  ? -1.072  7.605   -8.376  1.00 47.77 ? 350 HOH A O     1 
HETATM 1055 O O     . HOH D 4 .  ? -7.782  10.648  10.553  1.00 20.59 ? 351 HOH A O     1 
HETATM 1056 O O     . HOH D 4 .  ? 2.584   12.146  18.131  1.00 29.59 ? 352 HOH A O     1 
HETATM 1057 O O     . HOH D 4 .  ? 10.467  2.941   3.561   1.00 12.32 ? 353 HOH A O     1 
HETATM 1058 O O     . HOH D 4 .  ? -2.711  -11.880 -13.398 1.00 29.89 ? 354 HOH A O     1 
HETATM 1059 O O     . HOH D 4 .  ? -8.376  6.071   10.390  1.00 14.98 ? 355 HOH A O     1 
HETATM 1060 O O     . HOH D 4 .  ? -5.783  13.475  4.906   1.00 24.99 ? 356 HOH A O     1 
HETATM 1061 O O     . HOH D 4 .  ? -5.570  11.816  -7.772  1.00 16.59 ? 357 HOH A O     1 
HETATM 1062 O O     . HOH D 4 .  ? 0.474   12.193  11.875  1.00 12.64 ? 358 HOH A O     1 
HETATM 1063 O O     . HOH D 4 .  ? -2.626  19.897  10.459  1.00 39.30 ? 359 HOH A O     1 
HETATM 1064 O O     . HOH D 4 .  ? -6.959  8.412   11.726  1.00 16.35 ? 360 HOH A O     1 
HETATM 1065 O O     . HOH D 4 .  ? -8.839  10.935  -0.179  1.00 25.53 ? 361 HOH A O     1 
HETATM 1066 O O     . HOH D 4 .  ? 5.934   -1.065  -14.259 1.00 37.04 ? 362 HOH A O     1 
HETATM 1067 O O     . HOH D 4 .  ? 0.458   -0.342  -14.203 1.00 33.32 ? 363 HOH A O     1 
HETATM 1068 O O     . HOH D 4 .  ? 6.644   13.364  2.308   1.00 29.34 ? 364 HOH A O     1 
HETATM 1069 O O     . HOH D 4 .  ? -9.268  -16.918 -13.384 1.00 28.83 ? 365 HOH A O     1 
HETATM 1070 O O     . HOH D 4 .  ? -7.663  14.436  8.462   1.00 36.14 ? 366 HOH A O     1 
HETATM 1071 O O     . HOH D 4 .  ? 7.254   17.230  11.387  1.00 39.91 ? 367 HOH A O     1 
HETATM 1072 O O     . HOH D 4 .  ? -9.480  -12.730 -11.255 1.00 19.51 ? 368 HOH A O     1 
HETATM 1073 O O     . HOH D 4 .  ? 6.087   -10.203 9.381   1.00 23.81 ? 369 HOH A O     1 
HETATM 1074 O O     . HOH D 4 .  ? 9.753   2.533   -10.326 1.00 17.34 ? 370 HOH A O     1 
HETATM 1075 O O     . HOH D 4 .  ? 8.376   -1.976  10.340  1.00 17.06 ? 371 HOH A O     1 
HETATM 1076 O O     . HOH D 4 .  ? -7.194  14.759  12.225  1.00 33.18 ? 372 HOH A O     1 
HETATM 1077 O O     . HOH D 4 .  ? 11.315  -4.796  -3.507  1.00 15.31 ? 373 HOH A O     1 
HETATM 1078 O O     . HOH D 4 .  ? -8.925  5.870   -4.856  1.00 12.37 ? 374 HOH A O     1 
HETATM 1079 O O     . HOH D 4 .  ? 9.756   -14.073 -2.970  1.00 37.60 ? 375 HOH A O     1 
HETATM 1080 O O     . HOH D 4 .  ? 8.086   10.968  -0.488  1.00 24.53 ? 376 HOH A O     1 
HETATM 1081 O O     . HOH D 4 .  ? -6.552  4.093   -10.837 1.00 34.13 ? 377 HOH A O     1 
HETATM 1082 O O     . HOH D 4 .  ? -8.905  -0.806  -10.826 1.00 29.90 ? 378 HOH A O     1 
HETATM 1083 O O     . HOH D 4 .  ? -2.506  -18.793 -0.788  1.00 41.40 ? 379 HOH A O     1 
HETATM 1084 O O     . HOH D 4 .  ? -0.225  -11.403 -13.662 1.00 32.50 ? 380 HOH A O     1 
HETATM 1085 O O     . HOH D 4 .  ? 2.102   15.843  9.944   1.00 42.41 ? 381 HOH A O     1 
HETATM 1086 O O     . HOH D 4 .  ? -6.435  18.483  -3.753  1.00 36.48 ? 382 HOH A O     1 
HETATM 1087 O O     . HOH D 4 .  ? -10.325 7.730   -4.222  1.00 26.14 ? 383 HOH A O     1 
HETATM 1088 O O     . HOH D 4 .  ? 10.536  -3.665  3.586   1.00 35.12 ? 384 HOH A O     1 
HETATM 1089 O O     . HOH D 4 .  ? 5.224   7.374   5.530   1.00 24.27 ? 385 HOH A O     1 
HETATM 1090 O O     . HOH D 4 .  ? 10.865  -1.082  9.301   1.00 20.58 ? 386 HOH A O     1 
HETATM 1091 O O     . HOH D 4 .  ? 12.018  -1.148  -12.128 1.00 34.63 ? 387 HOH A O     1 
HETATM 1092 O O     . HOH D 4 .  ? -5.047  -0.965  11.845  1.00 37.01 ? 388 HOH A O     1 
HETATM 1093 O O     . HOH D 4 .  ? -9.499  11.606  -2.537  1.00 26.96 ? 389 HOH A O     1 
HETATM 1094 O O     . HOH D 4 .  ? -4.493  15.014  6.782   1.00 35.72 ? 390 HOH A O     1 
HETATM 1095 O O     . HOH D 4 .  ? 6.739   15.966  2.010   1.00 35.58 ? 391 HOH A O     1 
HETATM 1096 O O     . HOH D 4 .  ? -5.926  -5.690  10.453  1.00 42.40 ? 392 HOH A O     1 
HETATM 1097 O O     . HOH D 4 .  ? 12.215  -3.048  -5.539  1.00 29.04 ? 393 HOH A O     1 
HETATM 1098 O O     . HOH D 4 .  ? 10.264  0.541   -12.411 1.00 28.08 ? 394 HOH A O     1 
HETATM 1099 O O     . HOH D 4 .  ? -7.355  -3.643  11.600  1.00 46.54 ? 395 HOH A O     1 
HETATM 1100 O O     . HOH D 4 .  ? 6.133   3.160   -13.518 1.00 52.54 ? 396 HOH A O     1 
HETATM 1101 O O     . HOH D 4 .  ? 11.439  -12.025 9.430   1.00 30.92 ? 397 HOH A O     1 
HETATM 1102 O O     . HOH D 4 .  ? 11.991  -3.622  -1.119  1.00 22.90 ? 398 HOH A O     1 
HETATM 1103 O O     . HOH D 4 .  ? 11.207  -1.568  4.502   1.00 28.12 ? 399 HOH A O     1 
HETATM 1104 O O     . HOH E 4 .  ? 3.016   2.391   16.152  1.00 14.36 ? 201 HOH C O     1 
HETATM 1105 O O     . HOH E 4 .  ? 14.975  16.669  -3.531  1.00 27.64 ? 202 HOH C O     1 
HETATM 1106 O O     . HOH E 4 .  ? 0.739   14.559  7.566   1.00 19.24 ? 203 HOH C O     1 
HETATM 1107 O O     . HOH E 4 .  ? 11.224  -8.639  15.028  1.00 13.93 ? 204 HOH C O     1 
HETATM 1108 O O     . HOH E 4 .  ? 9.455   16.584  1.627   1.00 34.53 ? 205 HOH C O     1 
HETATM 1109 O O     . HOH E 4 .  ? 12.734  -6.129  25.935  0.50 17.24 ? 206 HOH C O     1 
HETATM 1110 O O     . HOH E 4 .  ? 4.494   -4.493  10.301  1.00 33.71 ? 207 HOH C O     1 
HETATM 1111 O O     . HOH E 4 .  ? 4.058   -6.451  12.071  1.00 36.14 ? 208 HOH C O     1 
HETATM 1112 O O     . HOH E 4 .  ? -0.594  -0.870  13.953  1.00 25.76 ? 209 HOH C O     1 
HETATM 1113 O O     . HOH E 4 .  ? 16.727  -8.681  24.510  1.00 28.04 ? 210 HOH C O     1 
HETATM 1114 O O     . HOH E 4 .  ? 2.164   15.581  6.008   1.00 30.24 ? 211 HOH C O     1 
HETATM 1115 O O     . HOH E 4 .  ? 7.921   6.413   5.036   1.00 29.94 ? 212 HOH C O     1 
HETATM 1116 O O     . HOH E 4 .  ? 22.522  15.179  2.599   1.00 36.13 ? 213 HOH C O     1 
HETATM 1117 O O     . HOH E 4 .  ? -1.091  11.344  9.572   1.00 9.33  ? 214 HOH C O     1 
HETATM 1118 O O     . HOH E 4 .  ? 19.501  -7.972  21.777  1.00 23.70 ? 215 HOH C O     1 
HETATM 1119 O O     . HOH E 4 .  ? 1.322   4.682   5.668   1.00 11.63 ? 216 HOH C O     1 
HETATM 1120 O O     . HOH E 4 .  ? 7.290   -5.349  20.884  1.00 27.33 ? 217 HOH C O     1 
HETATM 1121 O O     . HOH E 4 .  ? 23.333  12.076  -9.824  1.00 17.41 ? 218 HOH C O     1 
HETATM 1122 O O     . HOH E 4 .  ? 5.116   13.473  4.759   1.00 34.43 ? 219 HOH C O     1 
HETATM 1123 O O     . HOH E 4 .  ? 9.225   -3.132  12.591  1.00 14.72 ? 220 HOH C O     1 
HETATM 1124 O O     . HOH E 4 .  ? 4.345   -2.755  18.005  1.00 26.22 ? 221 HOH C O     1 
HETATM 1125 O O     . HOH E 4 .  ? 12.424  1.439   16.367  1.00 15.53 ? 222 HOH C O     1 
HETATM 1126 O O     . HOH E 4 .  ? 10.918  -6.286  13.493  1.00 11.44 ? 223 HOH C O     1 
HETATM 1127 O O     . HOH E 4 .  ? 17.340  13.384  5.184   1.00 18.67 ? 224 HOH C O     1 
HETATM 1128 O O     . HOH E 4 .  ? 15.818  -9.163  20.530  1.00 11.53 ? 225 HOH C O     1 
HETATM 1129 O O     . HOH E 4 .  ? 16.186  22.684  2.839   1.00 34.37 ? 226 HOH C O     1 
HETATM 1130 O O     . HOH E 4 .  ? 0.006   -4.426  12.841  1.00 29.99 ? 227 HOH C O     1 
HETATM 1131 O O     . HOH E 4 .  ? 18.514  8.764   -3.702  1.00 25.77 ? 228 HOH C O     1 
HETATM 1132 O O     . HOH E 4 .  ? 15.284  18.904  0.276   1.00 32.26 ? 229 HOH C O     1 
HETATM 1133 O O     . HOH E 4 .  ? 19.022  17.820  6.461   1.00 33.45 ? 230 HOH C O     1 
HETATM 1134 O O     . HOH E 4 .  ? 18.500  11.584  1.914   1.00 28.60 ? 231 HOH C O     1 
HETATM 1135 O O     . HOH E 4 .  ? 12.134  18.511  1.101   1.00 36.77 ? 232 HOH C O     1 
HETATM 1136 O O     . HOH E 4 .  ? 12.759  16.279  -3.043  1.00 39.76 ? 233 HOH C O     1 
HETATM 1137 O O     . HOH E 4 .  ? 12.561  7.160   -9.802  1.00 32.62 ? 234 HOH C O     1 
HETATM 1138 O O     . HOH E 4 .  ? 19.479  10.302  -0.609  1.00 32.49 ? 235 HOH C O     1 
HETATM 1139 O O     . HOH E 4 .  ? 2.441   0.038   16.479  1.00 25.77 ? 236 HOH C O     1 
HETATM 1140 O O     . HOH E 4 .  ? 2.348   8.626   3.568   1.00 24.19 ? 237 HOH C O     1 
HETATM 1141 O O     . HOH E 4 .  ? 13.531  1.246   14.005  1.00 27.55 ? 238 HOH C O     1 
HETATM 1142 O O     . HOH E 4 .  ? 1.073   5.163   17.295  1.00 28.85 ? 239 HOH C O     1 
HETATM 1143 O O     . HOH E 4 .  ? 8.814   -9.760  15.831  1.00 22.23 ? 240 HOH C O     1 
HETATM 1144 O O     . HOH E 4 .  ? 21.799  16.132  4.922   1.00 33.47 ? 241 HOH C O     1 
# 
loop_
_pdbx_poly_seq_scheme.asym_id 
_pdbx_poly_seq_scheme.entity_id 
_pdbx_poly_seq_scheme.seq_id 
_pdbx_poly_seq_scheme.mon_id 
_pdbx_poly_seq_scheme.ndb_seq_num 
_pdbx_poly_seq_scheme.pdb_seq_num 
_pdbx_poly_seq_scheme.auth_seq_num 
_pdbx_poly_seq_scheme.pdb_mon_id 
_pdbx_poly_seq_scheme.auth_mon_id 
_pdbx_poly_seq_scheme.pdb_strand_id 
_pdbx_poly_seq_scheme.pdb_ins_code 
_pdbx_poly_seq_scheme.hetero 
A 1 1   GLY 1   169 ?   ?   ?   A . n 
A 1 2   ASP 2   170 ?   ?   ?   A . n 
A 1 3   GLU 3   171 ?   ?   ?   A . n 
A 1 4   LYS 4   172 ?   ?   ?   A . n 
A 1 5   GLN 5   173 ?   ?   ?   A . n 
A 1 6   PHE 6   174 174 PHE PHE A . n 
A 1 7   GLN 7   175 175 GLN GLN A . n 
A 1 8   ILE 8   176 176 ILE ILE A . n 
A 1 9   GLU 9   177 177 GLU GLU A . n 
A 1 10  LYS 10  178 178 LYS LYS A . n 
A 1 11  TRP 11  179 179 TRP TRP A . n 
A 1 12  GLN 12  180 180 GLN GLN A . n 
A 1 13  ILE 13  181 181 ILE ILE A . n 
A 1 14  ALA 14  182 182 ALA ALA A . n 
A 1 15  ARG 15  183 183 ARG ARG A . n 
A 1 16  CYS 16  184 184 CYS CYS A . n 
A 1 17  ASN 17  185 185 ASN ASN A . n 
A 1 18  LYS 18  186 186 LYS LYS A . n 
A 1 19  SER 19  187 187 SER SER A . n 
A 1 20  LYS 20  188 188 LYS LYS A . n 
A 1 21  PRO 21  189 189 PRO PRO A . n 
A 1 22  GLN 22  190 190 GLN GLN A . n 
A 1 23  LYS 23  191 191 LYS LYS A . n 
A 1 24  PHE 24  192 192 PHE PHE A . n 
A 1 25  ILE 25  193 193 ILE ILE A . n 
A 1 26  ASN 26  194 194 ASN ASN A . n 
A 1 27  ASP 27  195 195 ASP ASP A . n 
A 1 28  LEU 28  196 196 LEU LEU A . n 
A 1 29  MET 29  197 197 MET MET A . n 
A 1 30  GLN 30  198 198 GLN GLN A . n 
A 1 31  VAL 31  199 199 VAL VAL A . n 
A 1 32  LEU 32  200 200 LEU LEU A . n 
A 1 33  TYR 33  201 201 TYR TYR A . n 
A 1 34  THR 34  202 202 THR THR A . n 
A 1 35  ASN 35  203 203 ASN ASN A . n 
A 1 36  GLU 36  204 204 GLU GLU A . n 
A 1 37  TYR 37  205 205 TYR TYR A . n 
A 1 38  MET 38  206 206 MET MET A . n 
A 1 39  ALA 39  207 207 ALA ALA A . n 
A 1 40  THR 40  208 208 THR THR A . n 
A 1 41  HIS 41  209 209 HIS HIS A . n 
A 1 42  SER 42  210 210 SER SER A . n 
A 1 43  LEU 43  211 211 LEU LEU A . n 
A 1 44  THR 44  212 212 THR THR A . n 
A 1 45  GLY 45  213 213 GLY GLY A . n 
A 1 46  ALA 46  214 214 ALA ALA A . n 
A 1 47  LYS 47  215 215 LYS LYS A . n 
A 1 48  SER 48  216 216 SER SER A . n 
A 1 49  SER 49  217 217 SER SER A . n 
A 1 50  THR 50  218 218 THR THR A . n 
A 1 51  SER 51  219 219 SER SER A . n 
A 1 52  ARG 52  220 220 ARG ARG A . n 
A 1 53  ASP 53  221 221 ASP ASP A . n 
A 1 54  LYS 54  222 222 LYS LYS A . n 
A 1 55  ALA 55  223 223 ALA ALA A . n 
A 1 56  VAL 56  224 224 VAL VAL A . n 
A 1 57  LYS 57  225 225 LYS LYS A . n 
A 1 58  PRO 58  226 226 PRO PRO A . n 
A 1 59  ALA 59  227 227 ALA ALA A . n 
A 1 60  MET 60  228 228 MET MET A . n 
A 1 61  ASN 61  229 229 ASN ASN A . n 
A 1 62  GLN 62  230 230 GLN GLN A . n 
A 1 63  ASN 63  231 231 ASN ASN A . n 
A 1 64  GLU 64  232 232 GLU GLU A . n 
A 1 65  VAL 65  233 233 VAL VAL A . n 
A 1 66  GLN 66  234 234 GLN GLN A . n 
A 1 67  GLU 67  235 235 GLU GLU A . n 
A 1 68  ILE 68  236 236 ILE ILE A . n 
A 1 69  ILE 69  237 237 ILE ILE A . n 
A 1 70  GLY 70  238 238 GLY GLY A . n 
A 1 71  VAL 71  239 239 VAL VAL A . n 
A 1 72  THR 72  240 240 THR THR A . n 
A 1 73  LYS 73  241 241 LYS LYS A . n 
A 1 74  GLN 74  242 242 GLN GLN A . n 
A 1 75  LEU 75  243 243 LEU LEU A . n 
A 1 76  PHE 76  244 244 PHE PHE A . n 
A 1 77  PRO 77  245 245 PRO PRO A . n 
A 1 78  ASN 78  246 246 ASN ASN A . n 
A 1 79  THR 79  247 247 THR THR A . n 
A 1 80  ASP 80  248 248 ASP ASP A . n 
A 1 81  ASP 81  249 249 ASP ASP A . n 
A 1 82  VAL 82  250 250 VAL VAL A . n 
A 1 83  SER 83  251 251 SER SER A . n 
A 1 84  ILE 84  252 252 ILE ILE A . n 
A 1 85  ARG 85  253 253 ARG ARG A . n 
A 1 86  ARG 86  254 254 ARG ARG A . n 
A 1 87  MET 87  255 255 MET MET A . n 
A 1 88  ILE 88  256 256 ILE ILE A . n 
A 1 89  GLY 89  257 257 GLY GLY A . n 
A 1 90  GLN 90  258 258 GLN GLN A . n 
A 1 91  LYS 91  259 259 LYS LYS A . n 
A 1 92  LEU 92  260 260 LEU LEU A . n 
A 1 93  ASN 93  261 261 ASN ASN A . n 
A 1 94  ASN 94  262 262 ASN ASN A . n 
A 1 95  CYS 95  263 263 CYS CYS A . n 
A 1 96  THR 96  264 264 THR THR A . n 
A 1 97  LYS 97  265 265 LYS LYS A . n 
A 1 98  LYS 98  266 ?   ?   ?   A . n 
A 1 99  PRO 99  267 ?   ?   ?   A . n 
A 1 100 ASN 100 268 ?   ?   ?   A . n 
A 1 101 LEU 101 269 ?   ?   ?   A . n 
A 1 102 SER 102 270 ?   ?   ?   A . n 
A 1 103 LYS 103 271 ?   ?   ?   A . n 
B 2 1   DC  1   1   1   DC  DC  C . n 
B 2 2   DT  2   2   2   DT  DT  C . n 
B 2 3   DC  3   3   3   DC  DC  C . n 
B 2 4   DT  4   4   4   DT  DT  C . n 
B 2 5   DC  5   5   5   DC  DC  C . n 
B 2 6   DG  6   6   6   DG  DG  C . n 
B 2 7   DC  7   7   7   DC  DC  C . n 
B 2 8   DG  8   8   8   DG  DG  C . n 
B 2 9   DA  9   9   9   DA  DA  C . n 
B 2 10  DG  10  10  10  DG  DG  C . n 
B 2 11  DA  11  11  11  DA  DA  C . n 
B 2 12  DG  12  12  12  DG  DG  C . n 
# 
_pdbx_contact_author.id                 3 
_pdbx_contact_author.email              minjinrong@ccnu.edu.cn 
_pdbx_contact_author.name_first         Jinrong 
_pdbx_contact_author.name_last          Min 
_pdbx_contact_author.name_mi            ? 
_pdbx_contact_author.role               'principal investigator/group leader' 
_pdbx_contact_author.identifier_ORCID   0000-0001-5210-3130 
# 
loop_
_pdbx_nonpoly_scheme.asym_id 
_pdbx_nonpoly_scheme.entity_id 
_pdbx_nonpoly_scheme.mon_id 
_pdbx_nonpoly_scheme.ndb_seq_num 
_pdbx_nonpoly_scheme.pdb_seq_num 
_pdbx_nonpoly_scheme.auth_seq_num 
_pdbx_nonpoly_scheme.pdb_mon_id 
_pdbx_nonpoly_scheme.auth_mon_id 
_pdbx_nonpoly_scheme.pdb_strand_id 
_pdbx_nonpoly_scheme.pdb_ins_code 
C 3 GOA 1  101 101 GOA GOA C . 
D 4 HOH 1  301 51  HOH HOH A . 
D 4 HOH 2  302 59  HOH HOH A . 
D 4 HOH 3  303 105 HOH HOH A . 
D 4 HOH 4  304 76  HOH HOH A . 
D 4 HOH 5  305 36  HOH HOH A . 
D 4 HOH 6  306 100 HOH HOH A . 
D 4 HOH 7  307 34  HOH HOH A . 
D 4 HOH 8  308 130 HOH HOH A . 
D 4 HOH 9  309 89  HOH HOH A . 
D 4 HOH 10 310 131 HOH HOH A . 
D 4 HOH 11 311 47  HOH HOH A . 
D 4 HOH 12 312 4   HOH HOH A . 
D 4 HOH 13 313 52  HOH HOH A . 
D 4 HOH 14 314 93  HOH HOH A . 
D 4 HOH 15 315 48  HOH HOH A . 
D 4 HOH 16 316 8   HOH HOH A . 
D 4 HOH 17 317 26  HOH HOH A . 
D 4 HOH 18 318 53  HOH HOH A . 
D 4 HOH 19 319 1   HOH HOH A . 
D 4 HOH 20 320 45  HOH HOH A . 
D 4 HOH 21 321 41  HOH HOH A . 
D 4 HOH 22 322 81  HOH HOH A . 
D 4 HOH 23 323 2   HOH HOH A . 
D 4 HOH 24 324 135 HOH HOH A . 
D 4 HOH 25 325 77  HOH HOH A . 
D 4 HOH 26 326 5   HOH HOH A . 
D 4 HOH 27 327 6   HOH HOH A . 
D 4 HOH 28 328 25  HOH HOH A . 
D 4 HOH 29 329 119 HOH HOH A . 
D 4 HOH 30 330 74  HOH HOH A . 
D 4 HOH 31 331 65  HOH HOH A . 
D 4 HOH 32 332 127 HOH HOH A . 
D 4 HOH 33 333 27  HOH HOH A . 
D 4 HOH 34 334 28  HOH HOH A . 
D 4 HOH 35 335 11  HOH HOH A . 
D 4 HOH 36 336 94  HOH HOH A . 
D 4 HOH 37 337 37  HOH HOH A . 
D 4 HOH 38 338 43  HOH HOH A . 
D 4 HOH 39 339 17  HOH HOH A . 
D 4 HOH 40 340 62  HOH HOH A . 
D 4 HOH 41 341 57  HOH HOH A . 
D 4 HOH 42 342 101 HOH HOH A . 
D 4 HOH 43 343 129 HOH HOH A . 
D 4 HOH 44 344 32  HOH HOH A . 
D 4 HOH 45 345 90  HOH HOH A . 
D 4 HOH 46 346 109 HOH HOH A . 
D 4 HOH 47 347 68  HOH HOH A . 
D 4 HOH 48 348 92  HOH HOH A . 
D 4 HOH 49 349 49  HOH HOH A . 
D 4 HOH 50 350 140 HOH HOH A . 
D 4 HOH 51 351 38  HOH HOH A . 
D 4 HOH 52 352 79  HOH HOH A . 
D 4 HOH 53 353 9   HOH HOH A . 
D 4 HOH 54 354 78  HOH HOH A . 
D 4 HOH 55 355 10  HOH HOH A . 
D 4 HOH 56 356 61  HOH HOH A . 
D 4 HOH 57 357 20  HOH HOH A . 
D 4 HOH 58 358 3   HOH HOH A . 
D 4 HOH 59 359 99  HOH HOH A . 
D 4 HOH 60 360 18  HOH HOH A . 
D 4 HOH 61 361 83  HOH HOH A . 
D 4 HOH 62 362 67  HOH HOH A . 
D 4 HOH 63 363 66  HOH HOH A . 
D 4 HOH 64 364 63  HOH HOH A . 
D 4 HOH 65 365 82  HOH HOH A . 
D 4 HOH 66 366 123 HOH HOH A . 
D 4 HOH 67 367 122 HOH HOH A . 
D 4 HOH 68 368 39  HOH HOH A . 
D 4 HOH 69 369 124 HOH HOH A . 
D 4 HOH 70 370 12  HOH HOH A . 
D 4 HOH 71 371 138 HOH HOH A . 
D 4 HOH 72 372 121 HOH HOH A . 
D 4 HOH 73 373 16  HOH HOH A . 
D 4 HOH 74 374 13  HOH HOH A . 
D 4 HOH 75 375 128 HOH HOH A . 
D 4 HOH 76 376 110 HOH HOH A . 
D 4 HOH 77 377 132 HOH HOH A . 
D 4 HOH 78 378 102 HOH HOH A . 
D 4 HOH 79 379 137 HOH HOH A . 
D 4 HOH 80 380 85  HOH HOH A . 
D 4 HOH 81 381 95  HOH HOH A . 
D 4 HOH 82 382 115 HOH HOH A . 
D 4 HOH 83 383 73  HOH HOH A . 
D 4 HOH 84 384 114 HOH HOH A . 
D 4 HOH 85 385 54  HOH HOH A . 
D 4 HOH 86 386 50  HOH HOH A . 
D 4 HOH 87 387 98  HOH HOH A . 
D 4 HOH 88 388 84  HOH HOH A . 
D 4 HOH 89 389 97  HOH HOH A . 
D 4 HOH 90 390 104 HOH HOH A . 
D 4 HOH 91 391 136 HOH HOH A . 
D 4 HOH 92 392 120 HOH HOH A . 
D 4 HOH 93 393 112 HOH HOH A . 
D 4 HOH 94 394 44  HOH HOH A . 
D 4 HOH 95 395 118 HOH HOH A . 
D 4 HOH 96 396 134 HOH HOH A . 
D 4 HOH 97 397 87  HOH HOH A . 
D 4 HOH 98 398 40  HOH HOH A . 
D 4 HOH 99 399 80  HOH HOH A . 
E 4 HOH 1  201 23  HOH HOH C . 
E 4 HOH 2  202 75  HOH HOH C . 
E 4 HOH 3  203 60  HOH HOH C . 
E 4 HOH 4  204 30  HOH HOH C . 
E 4 HOH 5  205 116 HOH HOH C . 
E 4 HOH 6  206 21  HOH HOH C . 
E 4 HOH 7  207 133 HOH HOH C . 
E 4 HOH 8  208 107 HOH HOH C . 
E 4 HOH 9  209 56  HOH HOH C . 
E 4 HOH 10 210 35  HOH HOH C . 
E 4 HOH 11 211 42  HOH HOH C . 
E 4 HOH 12 212 33  HOH HOH C . 
E 4 HOH 13 213 126 HOH HOH C . 
E 4 HOH 14 214 7   HOH HOH C . 
E 4 HOH 15 215 64  HOH HOH C . 
E 4 HOH 16 216 22  HOH HOH C . 
E 4 HOH 17 217 46  HOH HOH C . 
E 4 HOH 18 218 24  HOH HOH C . 
E 4 HOH 19 219 55  HOH HOH C . 
E 4 HOH 20 220 31  HOH HOH C . 
E 4 HOH 21 221 86  HOH HOH C . 
E 4 HOH 22 222 14  HOH HOH C . 
E 4 HOH 23 223 15  HOH HOH C . 
E 4 HOH 24 224 29  HOH HOH C . 
E 4 HOH 25 225 19  HOH HOH C . 
E 4 HOH 26 226 108 HOH HOH C . 
E 4 HOH 27 227 117 HOH HOH C . 
E 4 HOH 28 228 70  HOH HOH C . 
E 4 HOH 29 229 91  HOH HOH C . 
E 4 HOH 30 230 103 HOH HOH C . 
E 4 HOH 31 231 69  HOH HOH C . 
E 4 HOH 32 232 58  HOH HOH C . 
E 4 HOH 33 233 106 HOH HOH C . 
E 4 HOH 34 234 88  HOH HOH C . 
E 4 HOH 35 235 72  HOH HOH C . 
E 4 HOH 36 236 139 HOH HOH C . 
E 4 HOH 37 237 125 HOH HOH C . 
E 4 HOH 38 238 96  HOH HOH C . 
E 4 HOH 39 239 113 HOH HOH C . 
E 4 HOH 40 240 71  HOH HOH C . 
E 4 HOH 41 241 111 HOH HOH C . 
# 
_pdbx_struct_assembly.id                   1 
_pdbx_struct_assembly.details              author_and_software_defined_assembly 
_pdbx_struct_assembly.method_details       PISA 
_pdbx_struct_assembly.oligomeric_details   tetrameric 
_pdbx_struct_assembly.oligomeric_count     4 
# 
_pdbx_struct_assembly_gen.assembly_id       1 
_pdbx_struct_assembly_gen.oper_expression   1,2 
_pdbx_struct_assembly_gen.asym_id_list      A,B,C,D,E 
# 
loop_
_pdbx_struct_assembly_prop.biol_id 
_pdbx_struct_assembly_prop.type 
_pdbx_struct_assembly_prop.value 
_pdbx_struct_assembly_prop.details 
1 'ABSA (A^2)' 6270  ? 
1 MORE         -14   ? 
1 'SSA (A^2)'  12120 ? 
# 
loop_
_pdbx_struct_oper_list.id 
_pdbx_struct_oper_list.type 
_pdbx_struct_oper_list.name 
_pdbx_struct_oper_list.symmetry_operation 
_pdbx_struct_oper_list.matrix[1][1] 
_pdbx_struct_oper_list.matrix[1][2] 
_pdbx_struct_oper_list.matrix[1][3] 
_pdbx_struct_oper_list.vector[1] 
_pdbx_struct_oper_list.matrix[2][1] 
_pdbx_struct_oper_list.matrix[2][2] 
_pdbx_struct_oper_list.matrix[2][3] 
_pdbx_struct_oper_list.vector[2] 
_pdbx_struct_oper_list.matrix[3][1] 
_pdbx_struct_oper_list.matrix[3][2] 
_pdbx_struct_oper_list.matrix[3][3] 
_pdbx_struct_oper_list.vector[3] 
1 'identity operation'         1_555 x,y,z     1.0000000000  0.0000000000  0.0000000000  0.0000000000  0.0000000000  1.0000000000 0.0000000000 0.0000000000  0.0000000000  0.0000000000 1.0000000000  0.0000000000  
2 'crystal symmetry operation' 2_565 -x,-y+1,z -0.9820092005 -0.1744958513 -0.0721742894 22.9377185729 -0.1744958513 0.6924652006 0.7000308164 -3.0355741976 -0.0721742894 0.7000308164 -0.7104560001 13.0567686584 
# 
loop_
_pdbx_struct_special_symmetry.id 
_pdbx_struct_special_symmetry.PDB_model_num 
_pdbx_struct_special_symmetry.auth_asym_id 
_pdbx_struct_special_symmetry.auth_comp_id 
_pdbx_struct_special_symmetry.auth_seq_id 
_pdbx_struct_special_symmetry.PDB_ins_code 
_pdbx_struct_special_symmetry.label_asym_id 
_pdbx_struct_special_symmetry.label_comp_id 
_pdbx_struct_special_symmetry.label_seq_id 
1 1 A HOH 308 ? D HOH . 
2 1 C HOH 206 ? E HOH . 
# 
loop_
_pdbx_audit_revision_history.ordinal 
_pdbx_audit_revision_history.data_content_type 
_pdbx_audit_revision_history.major_revision 
_pdbx_audit_revision_history.minor_revision 
_pdbx_audit_revision_history.revision_date 
1 'Structure model' 1 0 2023-04-26 
2 'Structure model' 1 1 2023-05-10 
3 'Structure model' 1 2 2023-05-24 
4 'Structure model' 1 3 2023-05-31 
5 'Structure model' 2 0 2023-11-15 
6 'Structure model' 2 1 2023-11-29 
# 
_pdbx_audit_revision_details.ordinal             1 
_pdbx_audit_revision_details.revision_ordinal    1 
_pdbx_audit_revision_details.data_content_type   'Structure model' 
_pdbx_audit_revision_details.provider            repository 
_pdbx_audit_revision_details.type                'Initial release' 
_pdbx_audit_revision_details.description         ? 
_pdbx_audit_revision_details.details             ? 
# 
loop_
_pdbx_audit_revision_group.ordinal 
_pdbx_audit_revision_group.revision_ordinal 
_pdbx_audit_revision_group.data_content_type 
_pdbx_audit_revision_group.group 
1 2 'Structure model' 'Derived calculations'   
2 3 'Structure model' 'Database references'    
3 4 'Structure model' 'Database references'    
4 5 'Structure model' 'Atomic model'           
5 5 'Structure model' 'Data collection'        
6 6 'Structure model' 'Refinement description' 
# 
loop_
_pdbx_audit_revision_category.ordinal 
_pdbx_audit_revision_category.revision_ordinal 
_pdbx_audit_revision_category.data_content_type 
_pdbx_audit_revision_category.category 
1  2 'Structure model' pdbx_struct_assembly          
2  2 'Structure model' pdbx_struct_assembly_gen      
3  2 'Structure model' pdbx_struct_assembly_prop     
4  2 'Structure model' pdbx_struct_oper_list         
5  3 'Structure model' citation                      
6  3 'Structure model' citation_author               
7  4 'Structure model' citation                      
8  5 'Structure model' atom_site                     
9  5 'Structure model' chem_comp_atom                
10 5 'Structure model' chem_comp_bond                
11 6 'Structure model' pdbx_initial_refinement_model 
# 
loop_
_pdbx_audit_revision_item.ordinal 
_pdbx_audit_revision_item.revision_ordinal 
_pdbx_audit_revision_item.data_content_type 
_pdbx_audit_revision_item.item 
1  2 'Structure model' '_pdbx_struct_assembly.oligomeric_count'    
2  2 'Structure model' '_pdbx_struct_assembly.oligomeric_details'  
3  2 'Structure model' '_pdbx_struct_assembly_gen.oper_expression' 
4  2 'Structure model' '_pdbx_struct_assembly_prop.value'          
5  3 'Structure model' '_citation.country'                         
6  3 'Structure model' '_citation.journal_abbrev'                  
7  3 'Structure model' '_citation.journal_id_ASTM'                 
8  3 'Structure model' '_citation.journal_id_CSD'                  
9  3 'Structure model' '_citation.journal_id_ISSN'                 
10 3 'Structure model' '_citation.page_first'                      
11 3 'Structure model' '_citation.page_last'                       
12 3 'Structure model' '_citation.pdbx_database_id_DOI'            
13 3 'Structure model' '_citation.pdbx_database_id_PubMed'         
14 3 'Structure model' '_citation.title'                           
15 3 'Structure model' '_citation.year'                            
16 4 'Structure model' '_citation.journal_volume'                  
17 5 'Structure model' '_atom_site.auth_atom_id'                   
18 5 'Structure model' '_atom_site.label_atom_id'                  
# 
loop_
_software.citation_id 
_software.classification 
_software.compiler_name 
_software.compiler_version 
_software.contact_author 
_software.contact_author_email 
_software.date 
_software.description 
_software.dependencies 
_software.hardware 
_software.language 
_software.location 
_software.mods 
_software.name 
_software.os 
_software.os_version 
_software.type 
_software.version 
_software.pdbx_ordinal 
? refinement        ? ? ? ? ? ? ? ? ? ? ? REFMAC      ? ? ? 5.8.0267 1 
? 'data reduction'  ? ? ? ? ? ? ? ? ? ? ? SAINT       ? ? ? 5.8.0267 2 
? 'data scaling'    ? ? ? ? ? ? ? ? ? ? ? SAINT       ? ? ? 3.27     3 
? 'data extraction' ? ? ? ? ? ? ? ? ? ? ? PDB_EXTRACT ? ? ? .        4 
? phasing           ? ? ? ? ? ? ? ? ? ? ? PHASER      ? ? ? .        5 
# 
_pdbx_entry_details.entry_id                 7YUL 
_pdbx_entry_details.has_ligand_of_interest   N 
_pdbx_entry_details.compound_details         ? 
_pdbx_entry_details.source_details           ? 
_pdbx_entry_details.nonpolymer_details       ? 
_pdbx_entry_details.sequence_details         ? 
# 
_pdbx_validate_close_contact.id               1 
_pdbx_validate_close_contact.PDB_model_num    1 
_pdbx_validate_close_contact.auth_atom_id_1   O 
_pdbx_validate_close_contact.auth_asym_id_1   A 
_pdbx_validate_close_contact.auth_comp_id_1   HOH 
_pdbx_validate_close_contact.auth_seq_id_1    304 
_pdbx_validate_close_contact.PDB_ins_code_1   ? 
_pdbx_validate_close_contact.label_alt_id_1   ? 
_pdbx_validate_close_contact.auth_atom_id_2   O 
_pdbx_validate_close_contact.auth_asym_id_2   A 
_pdbx_validate_close_contact.auth_comp_id_2   HOH 
_pdbx_validate_close_contact.auth_seq_id_2    377 
_pdbx_validate_close_contact.PDB_ins_code_2   ? 
_pdbx_validate_close_contact.label_alt_id_2   ? 
_pdbx_validate_close_contact.dist             2.19 
# 
_pdbx_validate_rmsd_angle.id                         1 
_pdbx_validate_rmsd_angle.PDB_model_num              1 
_pdbx_validate_rmsd_angle.auth_atom_id_1             "C3'" 
_pdbx_validate_rmsd_angle.auth_asym_id_1             C 
_pdbx_validate_rmsd_angle.auth_comp_id_1             DC 
_pdbx_validate_rmsd_angle.auth_seq_id_1              5 
_pdbx_validate_rmsd_angle.PDB_ins_code_1             ? 
_pdbx_validate_rmsd_angle.label_alt_id_1             ? 
_pdbx_validate_rmsd_angle.auth_atom_id_2             "C2'" 
_pdbx_validate_rmsd_angle.auth_asym_id_2             C 
_pdbx_validate_rmsd_angle.auth_comp_id_2             DC 
_pdbx_validate_rmsd_angle.auth_seq_id_2              5 
_pdbx_validate_rmsd_angle.PDB_ins_code_2             ? 
_pdbx_validate_rmsd_angle.label_alt_id_2             ? 
_pdbx_validate_rmsd_angle.auth_atom_id_3             "C1'" 
_pdbx_validate_rmsd_angle.auth_asym_id_3             C 
_pdbx_validate_rmsd_angle.auth_comp_id_3             DC 
_pdbx_validate_rmsd_angle.auth_seq_id_3              5 
_pdbx_validate_rmsd_angle.PDB_ins_code_3             ? 
_pdbx_validate_rmsd_angle.label_alt_id_3             ? 
_pdbx_validate_rmsd_angle.angle_value                97.55 
_pdbx_validate_rmsd_angle.angle_target_value         102.40 
_pdbx_validate_rmsd_angle.angle_deviation            -4.85 
_pdbx_validate_rmsd_angle.angle_standard_deviation   0.80 
_pdbx_validate_rmsd_angle.linker_flag                N 
# 
loop_
_pdbx_unobs_or_zero_occ_residues.id 
_pdbx_unobs_or_zero_occ_residues.PDB_model_num 
_pdbx_unobs_or_zero_occ_residues.polymer_flag 
_pdbx_unobs_or_zero_occ_residues.occupancy_flag 
_pdbx_unobs_or_zero_occ_residues.auth_asym_id 
_pdbx_unobs_or_zero_occ_residues.auth_comp_id 
_pdbx_unobs_or_zero_occ_residues.auth_seq_id 
_pdbx_unobs_or_zero_occ_residues.PDB_ins_code 
_pdbx_unobs_or_zero_occ_residues.label_asym_id 
_pdbx_unobs_or_zero_occ_residues.label_comp_id 
_pdbx_unobs_or_zero_occ_residues.label_seq_id 
1  1 Y 1 A GLY 169 ? A GLY 1   
2  1 Y 1 A ASP 170 ? A ASP 2   
3  1 Y 1 A GLU 171 ? A GLU 3   
4  1 Y 1 A LYS 172 ? A LYS 4   
5  1 Y 1 A GLN 173 ? A GLN 5   
6  1 Y 1 A LYS 266 ? A LYS 98  
7  1 Y 1 A PRO 267 ? A PRO 99  
8  1 Y 1 A ASN 268 ? A ASN 100 
9  1 Y 1 A LEU 269 ? A LEU 101 
10 1 Y 1 A SER 270 ? A SER 102 
11 1 Y 1 A LYS 271 ? A LYS 103 
# 
loop_
_chem_comp_atom.comp_id 
_chem_comp_atom.atom_id 
_chem_comp_atom.type_symbol 
_chem_comp_atom.pdbx_aromatic_flag 
_chem_comp_atom.pdbx_stereo_config 
_chem_comp_atom.pdbx_ordinal 
ALA N      N N N 1   
ALA CA     C N S 2   
ALA C      C N N 3   
ALA O      O N N 4   
ALA CB     C N N 5   
ALA OXT    O N N 6   
ALA H      H N N 7   
ALA H2     H N N 8   
ALA HA     H N N 9   
ALA HB1    H N N 10  
ALA HB2    H N N 11  
ALA HB3    H N N 12  
ALA HXT    H N N 13  
ARG N      N N N 14  
ARG CA     C N S 15  
ARG C      C N N 16  
ARG O      O N N 17  
ARG CB     C N N 18  
ARG CG     C N N 19  
ARG CD     C N N 20  
ARG NE     N N N 21  
ARG CZ     C N N 22  
ARG NH1    N N N 23  
ARG NH2    N N N 24  
ARG OXT    O N N 25  
ARG H      H N N 26  
ARG H2     H N N 27  
ARG HA     H N N 28  
ARG HB2    H N N 29  
ARG HB3    H N N 30  
ARG HG2    H N N 31  
ARG HG3    H N N 32  
ARG HD2    H N N 33  
ARG HD3    H N N 34  
ARG HE     H N N 35  
ARG HH11   H N N 36  
ARG HH12   H N N 37  
ARG HH21   H N N 38  
ARG HH22   H N N 39  
ARG HXT    H N N 40  
ASN N      N N N 41  
ASN CA     C N S 42  
ASN C      C N N 43  
ASN O      O N N 44  
ASN CB     C N N 45  
ASN CG     C N N 46  
ASN OD1    O N N 47  
ASN ND2    N N N 48  
ASN OXT    O N N 49  
ASN H      H N N 50  
ASN H2     H N N 51  
ASN HA     H N N 52  
ASN HB2    H N N 53  
ASN HB3    H N N 54  
ASN HD21   H N N 55  
ASN HD22   H N N 56  
ASN HXT    H N N 57  
ASP N      N N N 58  
ASP CA     C N S 59  
ASP C      C N N 60  
ASP O      O N N 61  
ASP CB     C N N 62  
ASP CG     C N N 63  
ASP OD1    O N N 64  
ASP OD2    O N N 65  
ASP OXT    O N N 66  
ASP H      H N N 67  
ASP H2     H N N 68  
ASP HA     H N N 69  
ASP HB2    H N N 70  
ASP HB3    H N N 71  
ASP HD2    H N N 72  
ASP HXT    H N N 73  
CYS N      N N N 74  
CYS CA     C N R 75  
CYS C      C N N 76  
CYS O      O N N 77  
CYS CB     C N N 78  
CYS SG     S N N 79  
CYS OXT    O N N 80  
CYS H      H N N 81  
CYS H2     H N N 82  
CYS HA     H N N 83  
CYS HB2    H N N 84  
CYS HB3    H N N 85  
CYS HG     H N N 86  
CYS HXT    H N N 87  
DA  OP3    O N N 88  
DA  P      P N N 89  
DA  OP1    O N N 90  
DA  OP2    O N N 91  
DA  "O5'"  O N N 92  
DA  "C5'"  C N N 93  
DA  "C4'"  C N R 94  
DA  "O4'"  O N N 95  
DA  "C3'"  C N S 96  
DA  "O3'"  O N N 97  
DA  "C2'"  C N N 98  
DA  "C1'"  C N R 99  
DA  N9     N Y N 100 
DA  C8     C Y N 101 
DA  N7     N Y N 102 
DA  C5     C Y N 103 
DA  C6     C Y N 104 
DA  N6     N N N 105 
DA  N1     N Y N 106 
DA  C2     C Y N 107 
DA  N3     N Y N 108 
DA  C4     C Y N 109 
DA  HOP3   H N N 110 
DA  HOP2   H N N 111 
DA  "H5'"  H N N 112 
DA  "H5''" H N N 113 
DA  "H4'"  H N N 114 
DA  "H3'"  H N N 115 
DA  "HO3'" H N N 116 
DA  "H2'"  H N N 117 
DA  "H2''" H N N 118 
DA  "H1'"  H N N 119 
DA  H8     H N N 120 
DA  H61    H N N 121 
DA  H62    H N N 122 
DA  H2     H N N 123 
DC  OP3    O N N 124 
DC  P      P N N 125 
DC  OP1    O N N 126 
DC  OP2    O N N 127 
DC  "O5'"  O N N 128 
DC  "C5'"  C N N 129 
DC  "C4'"  C N R 130 
DC  "O4'"  O N N 131 
DC  "C3'"  C N S 132 
DC  "O3'"  O N N 133 
DC  "C2'"  C N N 134 
DC  "C1'"  C N R 135 
DC  N1     N N N 136 
DC  C2     C N N 137 
DC  O2     O N N 138 
DC  N3     N N N 139 
DC  C4     C N N 140 
DC  N4     N N N 141 
DC  C5     C N N 142 
DC  C6     C N N 143 
DC  HOP3   H N N 144 
DC  HOP2   H N N 145 
DC  "H5'"  H N N 146 
DC  "H5''" H N N 147 
DC  "H4'"  H N N 148 
DC  "H3'"  H N N 149 
DC  "HO3'" H N N 150 
DC  "H2'"  H N N 151 
DC  "H2''" H N N 152 
DC  "H1'"  H N N 153 
DC  H41    H N N 154 
DC  H42    H N N 155 
DC  H5     H N N 156 
DC  H6     H N N 157 
DG  OP3    O N N 158 
DG  P      P N N 159 
DG  OP1    O N N 160 
DG  OP2    O N N 161 
DG  "O5'"  O N N 162 
DG  "C5'"  C N N 163 
DG  "C4'"  C N R 164 
DG  "O4'"  O N N 165 
DG  "C3'"  C N S 166 
DG  "O3'"  O N N 167 
DG  "C2'"  C N N 168 
DG  "C1'"  C N R 169 
DG  N9     N Y N 170 
DG  C8     C Y N 171 
DG  N7     N Y N 172 
DG  C5     C Y N 173 
DG  C6     C N N 174 
DG  O6     O N N 175 
DG  N1     N N N 176 
DG  C2     C N N 177 
DG  N2     N N N 178 
DG  N3     N N N 179 
DG  C4     C Y N 180 
DG  HOP3   H N N 181 
DG  HOP2   H N N 182 
DG  "H5'"  H N N 183 
DG  "H5''" H N N 184 
DG  "H4'"  H N N 185 
DG  "H3'"  H N N 186 
DG  "HO3'" H N N 187 
DG  "H2'"  H N N 188 
DG  "H2''" H N N 189 
DG  "H1'"  H N N 190 
DG  H8     H N N 191 
DG  H1     H N N 192 
DG  H21    H N N 193 
DG  H22    H N N 194 
DT  OP3    O N N 195 
DT  P      P N N 196 
DT  OP1    O N N 197 
DT  OP2    O N N 198 
DT  "O5'"  O N N 199 
DT  "C5'"  C N N 200 
DT  "C4'"  C N R 201 
DT  "O4'"  O N N 202 
DT  "C3'"  C N S 203 
DT  "O3'"  O N N 204 
DT  "C2'"  C N N 205 
DT  "C1'"  C N R 206 
DT  N1     N N N 207 
DT  C2     C N N 208 
DT  O2     O N N 209 
DT  N3     N N N 210 
DT  C4     C N N 211 
DT  O4     O N N 212 
DT  C5     C N N 213 
DT  C7     C N N 214 
DT  C6     C N N 215 
DT  HOP3   H N N 216 
DT  HOP2   H N N 217 
DT  "H5'"  H N N 218 
DT  "H5''" H N N 219 
DT  "H4'"  H N N 220 
DT  "H3'"  H N N 221 
DT  "HO3'" H N N 222 
DT  "H2'"  H N N 223 
DT  "H2''" H N N 224 
DT  "H1'"  H N N 225 
DT  H3     H N N 226 
DT  H71    H N N 227 
DT  H72    H N N 228 
DT  H73    H N N 229 
DT  H6     H N N 230 
GLN N      N N N 231 
GLN CA     C N S 232 
GLN C      C N N 233 
GLN O      O N N 234 
GLN CB     C N N 235 
GLN CG     C N N 236 
GLN CD     C N N 237 
GLN OE1    O N N 238 
GLN NE2    N N N 239 
GLN OXT    O N N 240 
GLN H      H N N 241 
GLN H2     H N N 242 
GLN HA     H N N 243 
GLN HB2    H N N 244 
GLN HB3    H N N 245 
GLN HG2    H N N 246 
GLN HG3    H N N 247 
GLN HE21   H N N 248 
GLN HE22   H N N 249 
GLN HXT    H N N 250 
GLU N      N N N 251 
GLU CA     C N S 252 
GLU C      C N N 253 
GLU O      O N N 254 
GLU CB     C N N 255 
GLU CG     C N N 256 
GLU CD     C N N 257 
GLU OE1    O N N 258 
GLU OE2    O N N 259 
GLU OXT    O N N 260 
GLU H      H N N 261 
GLU H2     H N N 262 
GLU HA     H N N 263 
GLU HB2    H N N 264 
GLU HB3    H N N 265 
GLU HG2    H N N 266 
GLU HG3    H N N 267 
GLU HE2    H N N 268 
GLU HXT    H N N 269 
GLY N      N N N 270 
GLY CA     C N N 271 
GLY C      C N N 272 
GLY O      O N N 273 
GLY OXT    O N N 274 
GLY H      H N N 275 
GLY H2     H N N 276 
GLY HA2    H N N 277 
GLY HA3    H N N 278 
GLY HXT    H N N 279 
GOA C      C N N 280 
GOA CA     C N N 281 
GOA O      O N N 282 
GOA OXT    O N N 283 
GOA O2     O N N 284 
GOA H22    H N N 285 
GOA H21    H N N 286 
GOA HXT    H N N 287 
GOA H20    H N N 288 
HIS N      N N N 289 
HIS CA     C N S 290 
HIS C      C N N 291 
HIS O      O N N 292 
HIS CB     C N N 293 
HIS CG     C Y N 294 
HIS ND1    N Y N 295 
HIS CD2    C Y N 296 
HIS CE1    C Y N 297 
HIS NE2    N Y N 298 
HIS OXT    O N N 299 
HIS H      H N N 300 
HIS H2     H N N 301 
HIS HA     H N N 302 
HIS HB2    H N N 303 
HIS HB3    H N N 304 
HIS HD1    H N N 305 
HIS HD2    H N N 306 
HIS HE1    H N N 307 
HIS HE2    H N N 308 
HIS HXT    H N N 309 
HOH O      O N N 310 
HOH H1     H N N 311 
HOH H2     H N N 312 
ILE N      N N N 313 
ILE CA     C N S 314 
ILE C      C N N 315 
ILE O      O N N 316 
ILE CB     C N S 317 
ILE CG1    C N N 318 
ILE CG2    C N N 319 
ILE CD1    C N N 320 
ILE OXT    O N N 321 
ILE H      H N N 322 
ILE H2     H N N 323 
ILE HA     H N N 324 
ILE HB     H N N 325 
ILE HG12   H N N 326 
ILE HG13   H N N 327 
ILE HG21   H N N 328 
ILE HG22   H N N 329 
ILE HG23   H N N 330 
ILE HD11   H N N 331 
ILE HD12   H N N 332 
ILE HD13   H N N 333 
ILE HXT    H N N 334 
LEU N      N N N 335 
LEU CA     C N S 336 
LEU C      C N N 337 
LEU O      O N N 338 
LEU CB     C N N 339 
LEU CG     C N N 340 
LEU CD1    C N N 341 
LEU CD2    C N N 342 
LEU OXT    O N N 343 
LEU H      H N N 344 
LEU H2     H N N 345 
LEU HA     H N N 346 
LEU HB2    H N N 347 
LEU HB3    H N N 348 
LEU HG     H N N 349 
LEU HD11   H N N 350 
LEU HD12   H N N 351 
LEU HD13   H N N 352 
LEU HD21   H N N 353 
LEU HD22   H N N 354 
LEU HD23   H N N 355 
LEU HXT    H N N 356 
LYS N      N N N 357 
LYS CA     C N S 358 
LYS C      C N N 359 
LYS O      O N N 360 
LYS CB     C N N 361 
LYS CG     C N N 362 
LYS CD     C N N 363 
LYS CE     C N N 364 
LYS NZ     N N N 365 
LYS OXT    O N N 366 
LYS H      H N N 367 
LYS H2     H N N 368 
LYS HA     H N N 369 
LYS HB2    H N N 370 
LYS HB3    H N N 371 
LYS HG2    H N N 372 
LYS HG3    H N N 373 
LYS HD2    H N N 374 
LYS HD3    H N N 375 
LYS HE2    H N N 376 
LYS HE3    H N N 377 
LYS HZ1    H N N 378 
LYS HZ2    H N N 379 
LYS HZ3    H N N 380 
LYS HXT    H N N 381 
MET N      N N N 382 
MET CA     C N S 383 
MET C      C N N 384 
MET O      O N N 385 
MET CB     C N N 386 
MET CG     C N N 387 
MET SD     S N N 388 
MET CE     C N N 389 
MET OXT    O N N 390 
MET H      H N N 391 
MET H2     H N N 392 
MET HA     H N N 393 
MET HB2    H N N 394 
MET HB3    H N N 395 
MET HG2    H N N 396 
MET HG3    H N N 397 
MET HE1    H N N 398 
MET HE2    H N N 399 
MET HE3    H N N 400 
MET HXT    H N N 401 
PHE N      N N N 402 
PHE CA     C N S 403 
PHE C      C N N 404 
PHE O      O N N 405 
PHE CB     C N N 406 
PHE CG     C Y N 407 
PHE CD1    C Y N 408 
PHE CD2    C Y N 409 
PHE CE1    C Y N 410 
PHE CE2    C Y N 411 
PHE CZ     C Y N 412 
PHE OXT    O N N 413 
PHE H      H N N 414 
PHE H2     H N N 415 
PHE HA     H N N 416 
PHE HB2    H N N 417 
PHE HB3    H N N 418 
PHE HD1    H N N 419 
PHE HD2    H N N 420 
PHE HE1    H N N 421 
PHE HE2    H N N 422 
PHE HZ     H N N 423 
PHE HXT    H N N 424 
PRO N      N N N 425 
PRO CA     C N S 426 
PRO C      C N N 427 
PRO O      O N N 428 
PRO CB     C N N 429 
PRO CG     C N N 430 
PRO CD     C N N 431 
PRO OXT    O N N 432 
PRO H      H N N 433 
PRO HA     H N N 434 
PRO HB2    H N N 435 
PRO HB3    H N N 436 
PRO HG2    H N N 437 
PRO HG3    H N N 438 
PRO HD2    H N N 439 
PRO HD3    H N N 440 
PRO HXT    H N N 441 
SER N      N N N 442 
SER CA     C N S 443 
SER C      C N N 444 
SER O      O N N 445 
SER CB     C N N 446 
SER OG     O N N 447 
SER OXT    O N N 448 
SER H      H N N 449 
SER H2     H N N 450 
SER HA     H N N 451 
SER HB2    H N N 452 
SER HB3    H N N 453 
SER HG     H N N 454 
SER HXT    H N N 455 
THR N      N N N 456 
THR CA     C N S 457 
THR C      C N N 458 
THR O      O N N 459 
THR CB     C N R 460 
THR OG1    O N N 461 
THR CG2    C N N 462 
THR OXT    O N N 463 
THR H      H N N 464 
THR H2     H N N 465 
THR HA     H N N 466 
THR HB     H N N 467 
THR HG1    H N N 468 
THR HG21   H N N 469 
THR HG22   H N N 470 
THR HG23   H N N 471 
THR HXT    H N N 472 
TRP N      N N N 473 
TRP CA     C N S 474 
TRP C      C N N 475 
TRP O      O N N 476 
TRP CB     C N N 477 
TRP CG     C Y N 478 
TRP CD1    C Y N 479 
TRP CD2    C Y N 480 
TRP NE1    N Y N 481 
TRP CE2    C Y N 482 
TRP CE3    C Y N 483 
TRP CZ2    C Y N 484 
TRP CZ3    C Y N 485 
TRP CH2    C Y N 486 
TRP OXT    O N N 487 
TRP H      H N N 488 
TRP H2     H N N 489 
TRP HA     H N N 490 
TRP HB2    H N N 491 
TRP HB3    H N N 492 
TRP HD1    H N N 493 
TRP HE1    H N N 494 
TRP HE3    H N N 495 
TRP HZ2    H N N 496 
TRP HZ3    H N N 497 
TRP HH2    H N N 498 
TRP HXT    H N N 499 
TYR N      N N N 500 
TYR CA     C N S 501 
TYR C      C N N 502 
TYR O      O N N 503 
TYR CB     C N N 504 
TYR CG     C Y N 505 
TYR CD1    C Y N 506 
TYR CD2    C Y N 507 
TYR CE1    C Y N 508 
TYR CE2    C Y N 509 
TYR CZ     C Y N 510 
TYR OH     O N N 511 
TYR OXT    O N N 512 
TYR H      H N N 513 
TYR H2     H N N 514 
TYR HA     H N N 515 
TYR HB2    H N N 516 
TYR HB3    H N N 517 
TYR HD1    H N N 518 
TYR HD2    H N N 519 
TYR HE1    H N N 520 
TYR HE2    H N N 521 
TYR HH     H N N 522 
TYR HXT    H N N 523 
VAL N      N N N 524 
VAL CA     C N S 525 
VAL C      C N N 526 
VAL O      O N N 527 
VAL CB     C N N 528 
VAL CG1    C N N 529 
VAL CG2    C N N 530 
VAL OXT    O N N 531 
VAL H      H N N 532 
VAL H2     H N N 533 
VAL HA     H N N 534 
VAL HB     H N N 535 
VAL HG11   H N N 536 
VAL HG12   H N N 537 
VAL HG13   H N N 538 
VAL HG21   H N N 539 
VAL HG22   H N N 540 
VAL HG23   H N N 541 
VAL HXT    H N N 542 
# 
loop_
_chem_comp_bond.comp_id 
_chem_comp_bond.atom_id_1 
_chem_comp_bond.atom_id_2 
_chem_comp_bond.value_order 
_chem_comp_bond.pdbx_aromatic_flag 
_chem_comp_bond.pdbx_stereo_config 
_chem_comp_bond.pdbx_ordinal 
ALA N     CA     sing N N 1   
ALA N     H      sing N N 2   
ALA N     H2     sing N N 3   
ALA CA    C      sing N N 4   
ALA CA    CB     sing N N 5   
ALA CA    HA     sing N N 6   
ALA C     O      doub N N 7   
ALA C     OXT    sing N N 8   
ALA CB    HB1    sing N N 9   
ALA CB    HB2    sing N N 10  
ALA CB    HB3    sing N N 11  
ALA OXT   HXT    sing N N 12  
ARG N     CA     sing N N 13  
ARG N     H      sing N N 14  
ARG N     H2     sing N N 15  
ARG CA    C      sing N N 16  
ARG CA    CB     sing N N 17  
ARG CA    HA     sing N N 18  
ARG C     O      doub N N 19  
ARG C     OXT    sing N N 20  
ARG CB    CG     sing N N 21  
ARG CB    HB2    sing N N 22  
ARG CB    HB3    sing N N 23  
ARG CG    CD     sing N N 24  
ARG CG    HG2    sing N N 25  
ARG CG    HG3    sing N N 26  
ARG CD    NE     sing N N 27  
ARG CD    HD2    sing N N 28  
ARG CD    HD3    sing N N 29  
ARG NE    CZ     sing N N 30  
ARG NE    HE     sing N N 31  
ARG CZ    NH1    sing N N 32  
ARG CZ    NH2    doub N N 33  
ARG NH1   HH11   sing N N 34  
ARG NH1   HH12   sing N N 35  
ARG NH2   HH21   sing N N 36  
ARG NH2   HH22   sing N N 37  
ARG OXT   HXT    sing N N 38  
ASN N     CA     sing N N 39  
ASN N     H      sing N N 40  
ASN N     H2     sing N N 41  
ASN CA    C      sing N N 42  
ASN CA    CB     sing N N 43  
ASN CA    HA     sing N N 44  
ASN C     O      doub N N 45  
ASN C     OXT    sing N N 46  
ASN CB    CG     sing N N 47  
ASN CB    HB2    sing N N 48  
ASN CB    HB3    sing N N 49  
ASN CG    OD1    doub N N 50  
ASN CG    ND2    sing N N 51  
ASN ND2   HD21   sing N N 52  
ASN ND2   HD22   sing N N 53  
ASN OXT   HXT    sing N N 54  
ASP N     CA     sing N N 55  
ASP N     H      sing N N 56  
ASP N     H2     sing N N 57  
ASP CA    C      sing N N 58  
ASP CA    CB     sing N N 59  
ASP CA    HA     sing N N 60  
ASP C     O      doub N N 61  
ASP C     OXT    sing N N 62  
ASP CB    CG     sing N N 63  
ASP CB    HB2    sing N N 64  
ASP CB    HB3    sing N N 65  
ASP CG    OD1    doub N N 66  
ASP CG    OD2    sing N N 67  
ASP OD2   HD2    sing N N 68  
ASP OXT   HXT    sing N N 69  
CYS N     CA     sing N N 70  
CYS N     H      sing N N 71  
CYS N     H2     sing N N 72  
CYS CA    C      sing N N 73  
CYS CA    CB     sing N N 74  
CYS CA    HA     sing N N 75  
CYS C     O      doub N N 76  
CYS C     OXT    sing N N 77  
CYS CB    SG     sing N N 78  
CYS CB    HB2    sing N N 79  
CYS CB    HB3    sing N N 80  
CYS SG    HG     sing N N 81  
CYS OXT   HXT    sing N N 82  
DA  OP3   P      sing N N 83  
DA  OP3   HOP3   sing N N 84  
DA  P     OP1    doub N N 85  
DA  P     OP2    sing N N 86  
DA  P     "O5'"  sing N N 87  
DA  OP2   HOP2   sing N N 88  
DA  "O5'" "C5'"  sing N N 89  
DA  "C5'" "C4'"  sing N N 90  
DA  "C5'" "H5'"  sing N N 91  
DA  "C5'" "H5''" sing N N 92  
DA  "C4'" "O4'"  sing N N 93  
DA  "C4'" "C3'"  sing N N 94  
DA  "C4'" "H4'"  sing N N 95  
DA  "O4'" "C1'"  sing N N 96  
DA  "C3'" "O3'"  sing N N 97  
DA  "C3'" "C2'"  sing N N 98  
DA  "C3'" "H3'"  sing N N 99  
DA  "O3'" "HO3'" sing N N 100 
DA  "C2'" "C1'"  sing N N 101 
DA  "C2'" "H2'"  sing N N 102 
DA  "C2'" "H2''" sing N N 103 
DA  "C1'" N9     sing N N 104 
DA  "C1'" "H1'"  sing N N 105 
DA  N9    C8     sing Y N 106 
DA  N9    C4     sing Y N 107 
DA  C8    N7     doub Y N 108 
DA  C8    H8     sing N N 109 
DA  N7    C5     sing Y N 110 
DA  C5    C6     sing Y N 111 
DA  C5    C4     doub Y N 112 
DA  C6    N6     sing N N 113 
DA  C6    N1     doub Y N 114 
DA  N6    H61    sing N N 115 
DA  N6    H62    sing N N 116 
DA  N1    C2     sing Y N 117 
DA  C2    N3     doub Y N 118 
DA  C2    H2     sing N N 119 
DA  N3    C4     sing Y N 120 
DC  OP3   P      sing N N 121 
DC  OP3   HOP3   sing N N 122 
DC  P     OP1    doub N N 123 
DC  P     OP2    sing N N 124 
DC  P     "O5'"  sing N N 125 
DC  OP2   HOP2   sing N N 126 
DC  "O5'" "C5'"  sing N N 127 
DC  "C5'" "C4'"  sing N N 128 
DC  "C5'" "H5'"  sing N N 129 
DC  "C5'" "H5''" sing N N 130 
DC  "C4'" "O4'"  sing N N 131 
DC  "C4'" "C3'"  sing N N 132 
DC  "C4'" "H4'"  sing N N 133 
DC  "O4'" "C1'"  sing N N 134 
DC  "C3'" "O3'"  sing N N 135 
DC  "C3'" "C2'"  sing N N 136 
DC  "C3'" "H3'"  sing N N 137 
DC  "O3'" "HO3'" sing N N 138 
DC  "C2'" "C1'"  sing N N 139 
DC  "C2'" "H2'"  sing N N 140 
DC  "C2'" "H2''" sing N N 141 
DC  "C1'" N1     sing N N 142 
DC  "C1'" "H1'"  sing N N 143 
DC  N1    C2     sing N N 144 
DC  N1    C6     sing N N 145 
DC  C2    O2     doub N N 146 
DC  C2    N3     sing N N 147 
DC  N3    C4     doub N N 148 
DC  C4    N4     sing N N 149 
DC  C4    C5     sing N N 150 
DC  N4    H41    sing N N 151 
DC  N4    H42    sing N N 152 
DC  C5    C6     doub N N 153 
DC  C5    H5     sing N N 154 
DC  C6    H6     sing N N 155 
DG  OP3   P      sing N N 156 
DG  OP3   HOP3   sing N N 157 
DG  P     OP1    doub N N 158 
DG  P     OP2    sing N N 159 
DG  P     "O5'"  sing N N 160 
DG  OP2   HOP2   sing N N 161 
DG  "O5'" "C5'"  sing N N 162 
DG  "C5'" "C4'"  sing N N 163 
DG  "C5'" "H5'"  sing N N 164 
DG  "C5'" "H5''" sing N N 165 
DG  "C4'" "O4'"  sing N N 166 
DG  "C4'" "C3'"  sing N N 167 
DG  "C4'" "H4'"  sing N N 168 
DG  "O4'" "C1'"  sing N N 169 
DG  "C3'" "O3'"  sing N N 170 
DG  "C3'" "C2'"  sing N N 171 
DG  "C3'" "H3'"  sing N N 172 
DG  "O3'" "HO3'" sing N N 173 
DG  "C2'" "C1'"  sing N N 174 
DG  "C2'" "H2'"  sing N N 175 
DG  "C2'" "H2''" sing N N 176 
DG  "C1'" N9     sing N N 177 
DG  "C1'" "H1'"  sing N N 178 
DG  N9    C8     sing Y N 179 
DG  N9    C4     sing Y N 180 
DG  C8    N7     doub Y N 181 
DG  C8    H8     sing N N 182 
DG  N7    C5     sing Y N 183 
DG  C5    C6     sing N N 184 
DG  C5    C4     doub Y N 185 
DG  C6    O6     doub N N 186 
DG  C6    N1     sing N N 187 
DG  N1    C2     sing N N 188 
DG  N1    H1     sing N N 189 
DG  C2    N2     sing N N 190 
DG  C2    N3     doub N N 191 
DG  N2    H21    sing N N 192 
DG  N2    H22    sing N N 193 
DG  N3    C4     sing N N 194 
DT  OP3   P      sing N N 195 
DT  OP3   HOP3   sing N N 196 
DT  P     OP1    doub N N 197 
DT  P     OP2    sing N N 198 
DT  P     "O5'"  sing N N 199 
DT  OP2   HOP2   sing N N 200 
DT  "O5'" "C5'"  sing N N 201 
DT  "C5'" "C4'"  sing N N 202 
DT  "C5'" "H5'"  sing N N 203 
DT  "C5'" "H5''" sing N N 204 
DT  "C4'" "O4'"  sing N N 205 
DT  "C4'" "C3'"  sing N N 206 
DT  "C4'" "H4'"  sing N N 207 
DT  "O4'" "C1'"  sing N N 208 
DT  "C3'" "O3'"  sing N N 209 
DT  "C3'" "C2'"  sing N N 210 
DT  "C3'" "H3'"  sing N N 211 
DT  "O3'" "HO3'" sing N N 212 
DT  "C2'" "C1'"  sing N N 213 
DT  "C2'" "H2'"  sing N N 214 
DT  "C2'" "H2''" sing N N 215 
DT  "C1'" N1     sing N N 216 
DT  "C1'" "H1'"  sing N N 217 
DT  N1    C2     sing N N 218 
DT  N1    C6     sing N N 219 
DT  C2    O2     doub N N 220 
DT  C2    N3     sing N N 221 
DT  N3    C4     sing N N 222 
DT  N3    H3     sing N N 223 
DT  C4    O4     doub N N 224 
DT  C4    C5     sing N N 225 
DT  C5    C7     sing N N 226 
DT  C5    C6     doub N N 227 
DT  C7    H71    sing N N 228 
DT  C7    H72    sing N N 229 
DT  C7    H73    sing N N 230 
DT  C6    H6     sing N N 231 
GLN N     CA     sing N N 232 
GLN N     H      sing N N 233 
GLN N     H2     sing N N 234 
GLN CA    C      sing N N 235 
GLN CA    CB     sing N N 236 
GLN CA    HA     sing N N 237 
GLN C     O      doub N N 238 
GLN C     OXT    sing N N 239 
GLN CB    CG     sing N N 240 
GLN CB    HB2    sing N N 241 
GLN CB    HB3    sing N N 242 
GLN CG    CD     sing N N 243 
GLN CG    HG2    sing N N 244 
GLN CG    HG3    sing N N 245 
GLN CD    OE1    doub N N 246 
GLN CD    NE2    sing N N 247 
GLN NE2   HE21   sing N N 248 
GLN NE2   HE22   sing N N 249 
GLN OXT   HXT    sing N N 250 
GLU N     CA     sing N N 251 
GLU N     H      sing N N 252 
GLU N     H2     sing N N 253 
GLU CA    C      sing N N 254 
GLU CA    CB     sing N N 255 
GLU CA    HA     sing N N 256 
GLU C     O      doub N N 257 
GLU C     OXT    sing N N 258 
GLU CB    CG     sing N N 259 
GLU CB    HB2    sing N N 260 
GLU CB    HB3    sing N N 261 
GLU CG    CD     sing N N 262 
GLU CG    HG2    sing N N 263 
GLU CG    HG3    sing N N 264 
GLU CD    OE1    doub N N 265 
GLU CD    OE2    sing N N 266 
GLU OE2   HE2    sing N N 267 
GLU OXT   HXT    sing N N 268 
GLY N     CA     sing N N 269 
GLY N     H      sing N N 270 
GLY N     H2     sing N N 271 
GLY CA    C      sing N N 272 
GLY CA    HA2    sing N N 273 
GLY CA    HA3    sing N N 274 
GLY C     O      doub N N 275 
GLY C     OXT    sing N N 276 
GLY OXT   HXT    sing N N 277 
GOA C     CA     sing N N 278 
GOA C     O      doub N N 279 
GOA C     OXT    sing N N 280 
GOA CA    O2     sing N N 281 
GOA CA    H22    sing N N 282 
GOA CA    H21    sing N N 283 
GOA OXT   HXT    sing N N 284 
GOA O2    H20    sing N N 285 
HIS N     CA     sing N N 286 
HIS N     H      sing N N 287 
HIS N     H2     sing N N 288 
HIS CA    C      sing N N 289 
HIS CA    CB     sing N N 290 
HIS CA    HA     sing N N 291 
HIS C     O      doub N N 292 
HIS C     OXT    sing N N 293 
HIS CB    CG     sing N N 294 
HIS CB    HB2    sing N N 295 
HIS CB    HB3    sing N N 296 
HIS CG    ND1    sing Y N 297 
HIS CG    CD2    doub Y N 298 
HIS ND1   CE1    doub Y N 299 
HIS ND1   HD1    sing N N 300 
HIS CD2   NE2    sing Y N 301 
HIS CD2   HD2    sing N N 302 
HIS CE1   NE2    sing Y N 303 
HIS CE1   HE1    sing N N 304 
HIS NE2   HE2    sing N N 305 
HIS OXT   HXT    sing N N 306 
HOH O     H1     sing N N 307 
HOH O     H2     sing N N 308 
ILE N     CA     sing N N 309 
ILE N     H      sing N N 310 
ILE N     H2     sing N N 311 
ILE CA    C      sing N N 312 
ILE CA    CB     sing N N 313 
ILE CA    HA     sing N N 314 
ILE C     O      doub N N 315 
ILE C     OXT    sing N N 316 
ILE CB    CG1    sing N N 317 
ILE CB    CG2    sing N N 318 
ILE CB    HB     sing N N 319 
ILE CG1   CD1    sing N N 320 
ILE CG1   HG12   sing N N 321 
ILE CG1   HG13   sing N N 322 
ILE CG2   HG21   sing N N 323 
ILE CG2   HG22   sing N N 324 
ILE CG2   HG23   sing N N 325 
ILE CD1   HD11   sing N N 326 
ILE CD1   HD12   sing N N 327 
ILE CD1   HD13   sing N N 328 
ILE OXT   HXT    sing N N 329 
LEU N     CA     sing N N 330 
LEU N     H      sing N N 331 
LEU N     H2     sing N N 332 
LEU CA    C      sing N N 333 
LEU CA    CB     sing N N 334 
LEU CA    HA     sing N N 335 
LEU C     O      doub N N 336 
LEU C     OXT    sing N N 337 
LEU CB    CG     sing N N 338 
LEU CB    HB2    sing N N 339 
LEU CB    HB3    sing N N 340 
LEU CG    CD1    sing N N 341 
LEU CG    CD2    sing N N 342 
LEU CG    HG     sing N N 343 
LEU CD1   HD11   sing N N 344 
LEU CD1   HD12   sing N N 345 
LEU CD1   HD13   sing N N 346 
LEU CD2   HD21   sing N N 347 
LEU CD2   HD22   sing N N 348 
LEU CD2   HD23   sing N N 349 
LEU OXT   HXT    sing N N 350 
LYS N     CA     sing N N 351 
LYS N     H      sing N N 352 
LYS N     H2     sing N N 353 
LYS CA    C      sing N N 354 
LYS CA    CB     sing N N 355 
LYS CA    HA     sing N N 356 
LYS C     O      doub N N 357 
LYS C     OXT    sing N N 358 
LYS CB    CG     sing N N 359 
LYS CB    HB2    sing N N 360 
LYS CB    HB3    sing N N 361 
LYS CG    CD     sing N N 362 
LYS CG    HG2    sing N N 363 
LYS CG    HG3    sing N N 364 
LYS CD    CE     sing N N 365 
LYS CD    HD2    sing N N 366 
LYS CD    HD3    sing N N 367 
LYS CE    NZ     sing N N 368 
LYS CE    HE2    sing N N 369 
LYS CE    HE3    sing N N 370 
LYS NZ    HZ1    sing N N 371 
LYS NZ    HZ2    sing N N 372 
LYS NZ    HZ3    sing N N 373 
LYS OXT   HXT    sing N N 374 
MET N     CA     sing N N 375 
MET N     H      sing N N 376 
MET N     H2     sing N N 377 
MET CA    C      sing N N 378 
MET CA    CB     sing N N 379 
MET CA    HA     sing N N 380 
MET C     O      doub N N 381 
MET C     OXT    sing N N 382 
MET CB    CG     sing N N 383 
MET CB    HB2    sing N N 384 
MET CB    HB3    sing N N 385 
MET CG    SD     sing N N 386 
MET CG    HG2    sing N N 387 
MET CG    HG3    sing N N 388 
MET SD    CE     sing N N 389 
MET CE    HE1    sing N N 390 
MET CE    HE2    sing N N 391 
MET CE    HE3    sing N N 392 
MET OXT   HXT    sing N N 393 
PHE N     CA     sing N N 394 
PHE N     H      sing N N 395 
PHE N     H2     sing N N 396 
PHE CA    C      sing N N 397 
PHE CA    CB     sing N N 398 
PHE CA    HA     sing N N 399 
PHE C     O      doub N N 400 
PHE C     OXT    sing N N 401 
PHE CB    CG     sing N N 402 
PHE CB    HB2    sing N N 403 
PHE CB    HB3    sing N N 404 
PHE CG    CD1    doub Y N 405 
PHE CG    CD2    sing Y N 406 
PHE CD1   CE1    sing Y N 407 
PHE CD1   HD1    sing N N 408 
PHE CD2   CE2    doub Y N 409 
PHE CD2   HD2    sing N N 410 
PHE CE1   CZ     doub Y N 411 
PHE CE1   HE1    sing N N 412 
PHE CE2   CZ     sing Y N 413 
PHE CE2   HE2    sing N N 414 
PHE CZ    HZ     sing N N 415 
PHE OXT   HXT    sing N N 416 
PRO N     CA     sing N N 417 
PRO N     CD     sing N N 418 
PRO N     H      sing N N 419 
PRO CA    C      sing N N 420 
PRO CA    CB     sing N N 421 
PRO CA    HA     sing N N 422 
PRO C     O      doub N N 423 
PRO C     OXT    sing N N 424 
PRO CB    CG     sing N N 425 
PRO CB    HB2    sing N N 426 
PRO CB    HB3    sing N N 427 
PRO CG    CD     sing N N 428 
PRO CG    HG2    sing N N 429 
PRO CG    HG3    sing N N 430 
PRO CD    HD2    sing N N 431 
PRO CD    HD3    sing N N 432 
PRO OXT   HXT    sing N N 433 
SER N     CA     sing N N 434 
SER N     H      sing N N 435 
SER N     H2     sing N N 436 
SER CA    C      sing N N 437 
SER CA    CB     sing N N 438 
SER CA    HA     sing N N 439 
SER C     O      doub N N 440 
SER C     OXT    sing N N 441 
SER CB    OG     sing N N 442 
SER CB    HB2    sing N N 443 
SER CB    HB3    sing N N 444 
SER OG    HG     sing N N 445 
SER OXT   HXT    sing N N 446 
THR N     CA     sing N N 447 
THR N     H      sing N N 448 
THR N     H2     sing N N 449 
THR CA    C      sing N N 450 
THR CA    CB     sing N N 451 
THR CA    HA     sing N N 452 
THR C     O      doub N N 453 
THR C     OXT    sing N N 454 
THR CB    OG1    sing N N 455 
THR CB    CG2    sing N N 456 
THR CB    HB     sing N N 457 
THR OG1   HG1    sing N N 458 
THR CG2   HG21   sing N N 459 
THR CG2   HG22   sing N N 460 
THR CG2   HG23   sing N N 461 
THR OXT   HXT    sing N N 462 
TRP N     CA     sing N N 463 
TRP N     H      sing N N 464 
TRP N     H2     sing N N 465 
TRP CA    C      sing N N 466 
TRP CA    CB     sing N N 467 
TRP CA    HA     sing N N 468 
TRP C     O      doub N N 469 
TRP C     OXT    sing N N 470 
TRP CB    CG     sing N N 471 
TRP CB    HB2    sing N N 472 
TRP CB    HB3    sing N N 473 
TRP CG    CD1    doub Y N 474 
TRP CG    CD2    sing Y N 475 
TRP CD1   NE1    sing Y N 476 
TRP CD1   HD1    sing N N 477 
TRP CD2   CE2    doub Y N 478 
TRP CD2   CE3    sing Y N 479 
TRP NE1   CE2    sing Y N 480 
TRP NE1   HE1    sing N N 481 
TRP CE2   CZ2    sing Y N 482 
TRP CE3   CZ3    doub Y N 483 
TRP CE3   HE3    sing N N 484 
TRP CZ2   CH2    doub Y N 485 
TRP CZ2   HZ2    sing N N 486 
TRP CZ3   CH2    sing Y N 487 
TRP CZ3   HZ3    sing N N 488 
TRP CH2   HH2    sing N N 489 
TRP OXT   HXT    sing N N 490 
TYR N     CA     sing N N 491 
TYR N     H      sing N N 492 
TYR N     H2     sing N N 493 
TYR CA    C      sing N N 494 
TYR CA    CB     sing N N 495 
TYR CA    HA     sing N N 496 
TYR C     O      doub N N 497 
TYR C     OXT    sing N N 498 
TYR CB    CG     sing N N 499 
TYR CB    HB2    sing N N 500 
TYR CB    HB3    sing N N 501 
TYR CG    CD1    doub Y N 502 
TYR CG    CD2    sing Y N 503 
TYR CD1   CE1    sing Y N 504 
TYR CD1   HD1    sing N N 505 
TYR CD2   CE2    doub Y N 506 
TYR CD2   HD2    sing N N 507 
TYR CE1   CZ     doub Y N 508 
TYR CE1   HE1    sing N N 509 
TYR CE2   CZ     sing Y N 510 
TYR CE2   HE2    sing N N 511 
TYR CZ    OH     sing N N 512 
TYR OH    HH     sing N N 513 
TYR OXT   HXT    sing N N 514 
VAL N     CA     sing N N 515 
VAL N     H      sing N N 516 
VAL N     H2     sing N N 517 
VAL CA    C      sing N N 518 
VAL CA    CB     sing N N 519 
VAL CA    HA     sing N N 520 
VAL C     O      doub N N 521 
VAL C     OXT    sing N N 522 
VAL CB    CG1    sing N N 523 
VAL CB    CG2    sing N N 524 
VAL CB    HB     sing N N 525 
VAL CG1   HG11   sing N N 526 
VAL CG1   HG12   sing N N 527 
VAL CG1   HG13   sing N N 528 
VAL CG2   HG21   sing N N 529 
VAL CG2   HG22   sing N N 530 
VAL CG2   HG23   sing N N 531 
VAL OXT   HXT    sing N N 532 
# 
loop_
_ndb_struct_conf_na.entry_id 
_ndb_struct_conf_na.feature 
7YUL 'double helix'        
7YUL 'b-form double helix' 
# 
loop_
_ndb_struct_na_base_pair.model_number 
_ndb_struct_na_base_pair.i_label_asym_id 
_ndb_struct_na_base_pair.i_label_comp_id 
_ndb_struct_na_base_pair.i_label_seq_id 
_ndb_struct_na_base_pair.i_symmetry 
_ndb_struct_na_base_pair.j_label_asym_id 
_ndb_struct_na_base_pair.j_label_comp_id 
_ndb_struct_na_base_pair.j_label_seq_id 
_ndb_struct_na_base_pair.j_symmetry 
_ndb_struct_na_base_pair.shear 
_ndb_struct_na_base_pair.stretch 
_ndb_struct_na_base_pair.stagger 
_ndb_struct_na_base_pair.buckle 
_ndb_struct_na_base_pair.propeller 
_ndb_struct_na_base_pair.opening 
_ndb_struct_na_base_pair.pair_number 
_ndb_struct_na_base_pair.pair_name 
_ndb_struct_na_base_pair.i_auth_asym_id 
_ndb_struct_na_base_pair.i_auth_seq_id 
_ndb_struct_na_base_pair.i_PDB_ins_code 
_ndb_struct_na_base_pair.j_auth_asym_id 
_ndb_struct_na_base_pair.j_auth_seq_id 
_ndb_struct_na_base_pair.j_PDB_ins_code 
_ndb_struct_na_base_pair.hbond_type_28 
_ndb_struct_na_base_pair.hbond_type_12 
1 B DC 1  1_555 B DG 12 2_565 0.228  -0.121 0.124  -3.358  -11.001 0.150  1  C_DC1:DG12_C C 1  ? C 12 ? 19 1 
1 B DT 2  1_555 B DA 11 2_565 -0.114 -0.223 0.105  -7.337  -13.401 0.528  2  C_DT2:DA11_C C 2  ? C 11 ? 20 1 
1 B DC 3  1_555 B DG 10 2_565 0.057  -0.101 0.134  -11.130 -7.322  0.016  3  C_DC3:DG10_C C 3  ? C 10 ? 19 1 
1 B DT 4  1_555 B DA 9  2_565 -0.117 -0.066 -0.009 -10.377 -9.320  -2.004 4  C_DT4:DA9_C  C 4  ? C 9  ? 20 1 
1 B DC 5  1_555 B DG 8  2_565 0.273  -0.101 -0.371 2.343   -5.895  2.644  5  C_DC5:DG8_C  C 5  ? C 8  ? 19 1 
1 B DG 6  1_555 B DC 7  2_565 -0.265 -0.140 -0.195 4.456   -4.863  0.912  6  C_DG6:DC7_C  C 6  ? C 7  ? 19 1 
1 B DC 7  1_555 B DG 6  2_565 0.265  -0.140 -0.195 -4.456  -4.863  0.912  7  C_DC7:DG6_C  C 7  ? C 6  ? 19 1 
1 B DG 8  1_555 B DC 5  2_565 -0.273 -0.101 -0.371 -2.343  -5.895  2.644  8  C_DG8:DC5_C  C 8  ? C 5  ? 19 1 
1 B DA 9  1_555 B DT 4  2_565 0.117  -0.066 -0.009 10.377  -9.320  -2.004 9  C_DA9:DT4_C  C 9  ? C 4  ? 20 1 
1 B DG 10 1_555 B DC 3  2_565 -0.057 -0.101 0.134  11.130  -7.322  0.016  10 C_DG10:DC3_C C 10 ? C 3  ? 19 1 
1 B DA 11 1_555 B DT 2  2_565 0.114  -0.223 0.105  7.337   -13.401 0.528  11 C_DA11:DT2_C C 11 ? C 2  ? 20 1 
1 B DG 12 1_555 B DC 1  2_565 -0.228 -0.121 0.124  3.358   -11.001 0.150  12 C_DG12:DC1_C C 12 ? C 1  ? 19 1 
# 
loop_
_ndb_struct_na_base_pair_step.model_number 
_ndb_struct_na_base_pair_step.i_label_asym_id_1 
_ndb_struct_na_base_pair_step.i_label_comp_id_1 
_ndb_struct_na_base_pair_step.i_label_seq_id_1 
_ndb_struct_na_base_pair_step.i_symmetry_1 
_ndb_struct_na_base_pair_step.j_label_asym_id_1 
_ndb_struct_na_base_pair_step.j_label_comp_id_1 
_ndb_struct_na_base_pair_step.j_label_seq_id_1 
_ndb_struct_na_base_pair_step.j_symmetry_1 
_ndb_struct_na_base_pair_step.i_label_asym_id_2 
_ndb_struct_na_base_pair_step.i_label_comp_id_2 
_ndb_struct_na_base_pair_step.i_label_seq_id_2 
_ndb_struct_na_base_pair_step.i_symmetry_2 
_ndb_struct_na_base_pair_step.j_label_asym_id_2 
_ndb_struct_na_base_pair_step.j_label_comp_id_2 
_ndb_struct_na_base_pair_step.j_label_seq_id_2 
_ndb_struct_na_base_pair_step.j_symmetry_2 
_ndb_struct_na_base_pair_step.shift 
_ndb_struct_na_base_pair_step.slide 
_ndb_struct_na_base_pair_step.rise 
_ndb_struct_na_base_pair_step.tilt 
_ndb_struct_na_base_pair_step.roll 
_ndb_struct_na_base_pair_step.twist 
_ndb_struct_na_base_pair_step.x_displacement 
_ndb_struct_na_base_pair_step.y_displacement 
_ndb_struct_na_base_pair_step.helical_rise 
_ndb_struct_na_base_pair_step.inclination 
_ndb_struct_na_base_pair_step.tip 
_ndb_struct_na_base_pair_step.helical_twist 
_ndb_struct_na_base_pair_step.step_number 
_ndb_struct_na_base_pair_step.step_name 
_ndb_struct_na_base_pair_step.i_auth_asym_id_1 
_ndb_struct_na_base_pair_step.i_auth_seq_id_1 
_ndb_struct_na_base_pair_step.i_PDB_ins_code_1 
_ndb_struct_na_base_pair_step.j_auth_asym_id_1 
_ndb_struct_na_base_pair_step.j_auth_seq_id_1 
_ndb_struct_na_base_pair_step.j_PDB_ins_code_1 
_ndb_struct_na_base_pair_step.i_auth_asym_id_2 
_ndb_struct_na_base_pair_step.i_auth_seq_id_2 
_ndb_struct_na_base_pair_step.i_PDB_ins_code_2 
_ndb_struct_na_base_pair_step.j_auth_asym_id_2 
_ndb_struct_na_base_pair_step.j_auth_seq_id_2 
_ndb_struct_na_base_pair_step.j_PDB_ins_code_2 
1 B DC 1  1_555 B DG 12 2_565 B DT 2  1_555 B DA 11 2_565 -0.559 -1.684 3.335 -0.119 3.592  30.765 -3.841 1.024  3.125 6.742  
0.222   30.969 1  CC_DC1DT2:DA11DG12_CC C 1  ? C 12 ? C 2  ? C 11 ? 
1 B DT 2  1_555 B DA 11 2_565 B DC 3  1_555 B DG 10 2_565 -0.167 -0.056 3.376 0.184  3.389  35.672 -0.594 0.299  3.356 5.517  
-0.300  35.828 2  CC_DT2DC3:DG10DA11_CC C 2  ? C 11 ? C 3  ? C 10 ? 
1 B DC 3  1_555 B DG 10 2_565 B DT 4  1_555 B DA 9  2_565 -0.344 -0.267 3.336 1.949  5.559  28.782 -1.734 1.101  3.199 11.037 
-3.870  29.366 3  CC_DC3DT4:DA9DG10_CC  C 3  ? C 10 ? C 4  ? C 9  ? 
1 B DT 4  1_555 B DA 9  2_565 B DC 5  1_555 B DG 8  2_565 1.664  0.860  3.070 4.673  5.670  33.813 0.577  -2.082 3.359 9.608  
-7.918  34.579 4  CC_DT4DC5:DG8DA9_CC   C 4  ? C 9  ? C 5  ? C 8  ? 
1 B DC 5  1_555 B DG 8  2_565 B DG 6  1_555 B DC 7  2_565 -1.348 0.677  3.400 -6.452 15.313 30.865 -1.493 1.140  3.545 26.502 
11.167  34.958 5  CC_DC5DG6:DC7DG8_CC   C 5  ? C 8  ? C 6  ? C 7  ? 
1 B DG 6  1_555 B DC 7  2_565 B DC 7  1_555 B DG 6  2_565 0.000  -1.013 3.594 0.000  -3.259 31.906 -1.180 0.000  3.676 -5.910 
0.000   32.067 6  CC_DG6DC7:DG6DC7_CC   C 6  ? C 7  ? C 7  ? C 6  ? 
1 B DC 7  1_555 B DG 6  2_565 B DG 8  1_555 B DC 5  2_565 1.348  0.677  3.400 6.452  15.313 30.865 -1.493 -1.140 3.545 26.502 
-11.167 34.958 7  CC_DC7DG8:DC5DG6_CC   C 7  ? C 6  ? C 8  ? C 5  ? 
1 B DG 8  1_555 B DC 5  2_565 B DA 9  1_555 B DT 4  2_565 -1.664 0.860  3.070 -4.673 5.670  33.813 0.577  2.082  3.359 9.608  
7.918   34.579 8  CC_DG8DA9:DT4DC5_CC   C 8  ? C 5  ? C 9  ? C 4  ? 
1 B DA 9  1_555 B DT 4  2_565 B DG 10 1_555 B DC 3  2_565 0.344  -0.267 3.336 -1.949 5.559  28.782 -1.734 -1.101 3.199 11.037 
3.870   29.366 9  CC_DA9DG10:DC3DT4_CC  C 9  ? C 4  ? C 10 ? C 3  ? 
1 B DG 10 1_555 B DC 3  2_565 B DA 11 1_555 B DT 2  2_565 0.167  -0.056 3.376 -0.184 3.389  35.672 -0.594 -0.299 3.356 5.517  
0.300   35.828 10 CC_DG10DA11:DT2DC3_CC C 10 ? C 3  ? C 11 ? C 2  ? 
1 B DA 11 1_555 B DT 2  2_565 B DG 12 1_555 B DC 1  2_565 0.559  -1.684 3.335 0.119  3.592  30.765 -3.841 -1.024 3.125 6.742  
-0.222  30.969 11 CC_DA11DG12:DC1DT2_CC C 11 ? C 2  ? C 12 ? C 1  ? 
# 
_pdbx_audit_support.funding_organization   'National Natural Science Foundation of China (NSFC)' 
_pdbx_audit_support.country                China 
_pdbx_audit_support.grant_number           31770834 
_pdbx_audit_support.ordinal                1 
# 
loop_
_pdbx_entity_nonpoly.entity_id 
_pdbx_entity_nonpoly.name 
_pdbx_entity_nonpoly.comp_id 
3 'GLYCOLIC ACID' GOA 
4 water           HOH 
# 
_pdbx_initial_refinement_model.id               1 
_pdbx_initial_refinement_model.entity_id_list   ? 
_pdbx_initial_refinement_model.type             'experimental model' 
_pdbx_initial_refinement_model.source_name      PDB 
_pdbx_initial_refinement_model.accession_code   7YUG 
_pdbx_initial_refinement_model.details          ? 
# 
_pdbx_struct_assembly_auth_evidence.id                     1 
_pdbx_struct_assembly_auth_evidence.assembly_id            1 
_pdbx_struct_assembly_auth_evidence.experimental_support   none 
_pdbx_struct_assembly_auth_evidence.details                ? 
# 
